data_5ZF2
# 
_entry.id   5ZF2 
# 
_audit_conform.dict_name       mmcif_pdbx.dic 
_audit_conform.dict_version    5.380 
_audit_conform.dict_location   http://mmcif.pdb.org/dictionaries/ascii/mmcif_pdbx.dic 
# 
loop_
_database_2.database_id 
_database_2.database_code 
_database_2.pdbx_database_accession 
_database_2.pdbx_DOI 
PDB   5ZF2         pdb_00005zf2 10.2210/pdb5zf2/pdb 
WWPDB D_1300006951 ?            ?                   
# 
_pdbx_database_status.status_code                     REL 
_pdbx_database_status.status_code_sf                  REL 
_pdbx_database_status.status_code_mr                  ? 
_pdbx_database_status.entry_id                        5ZF2 
_pdbx_database_status.recvd_initial_deposition_date   2018-03-02 
_pdbx_database_status.SG_entry                        N 
_pdbx_database_status.deposit_site                    PDBJ 
_pdbx_database_status.process_site                    PDBJ 
_pdbx_database_status.status_code_cs                  ? 
_pdbx_database_status.methods_development_category    ? 
_pdbx_database_status.pdb_format_compatible           Y 
_pdbx_database_status.status_code_nmr_data            ? 
# 
loop_
_audit_author.name 
_audit_author.pdbx_ordinal 
_audit_author.identifier_ORCID 
'Yang, C.' 1 ? 
'Quan, S.' 2 ? 
# 
_citation.abstract                  ? 
_citation.abstract_id_CAS           ? 
_citation.book_id_ISBN              ? 
_citation.book_publisher            ? 
_citation.book_publisher_city       ? 
_citation.book_title                ? 
_citation.coordinate_linkage        ? 
_citation.country                   US 
_citation.database_id_Medline       ? 
_citation.details                   ? 
_citation.id                        primary 
_citation.journal_abbrev            'Plos Pathog.' 
_citation.journal_id_ASTM           ? 
_citation.journal_id_CSD            ? 
_citation.journal_id_ISSN           1553-7374 
_citation.journal_full              ? 
_citation.journal_issue             ? 
_citation.journal_volume            15 
_citation.language                  ? 
_citation.page_first                e1007917 
_citation.page_last                 e1007917 
_citation.title                     
;The Edwardsiella piscicida thioredoxin-like protein inhibits ASK1-MAPKs signaling cascades to promote pathogenesis during infection.
;
_citation.year                      2019 
_citation.database_id_CSD           ? 
_citation.pdbx_database_id_DOI      10.1371/journal.ppat.1007917 
_citation.pdbx_database_id_PubMed   31314784 
_citation.unpublished_flag          ? 
# 
loop_
_citation_author.citation_id 
_citation_author.name 
_citation_author.ordinal 
_citation_author.identifier_ORCID 
primary 'Yang, D.'  1  ?                   
primary 'Liu, X.'   2  ?                   
primary 'Xu, W.'    3  ?                   
primary 'Gu, Z.'    4  ?                   
primary 'Yang, C.'  5  ?                   
primary 'Zhang, L.' 6  ?                   
primary 'Tan, J.'   7  ?                   
primary 'Zheng, X.' 8  ?                   
primary 'Wang, Z.'  9  ?                   
primary 'Quan, S.'  10 0000-0002-6672-4947 
primary 'Zhang, Y.' 11 ?                   
primary 'Liu, Q.'   12 0000-0002-5465-1189 
# 
_cell.angle_alpha                  90.000 
_cell.angle_alpha_esd              ? 
_cell.angle_beta                   90.000 
_cell.angle_beta_esd               ? 
_cell.angle_gamma                  120.000 
_cell.angle_gamma_esd              ? 
_cell.entry_id                     5ZF2 
_cell.details                      ? 
_cell.formula_units_Z              ? 
_cell.length_a                     34.273 
_cell.length_a_esd                 ? 
_cell.length_b                     34.273 
_cell.length_b_esd                 ? 
_cell.length_c                     264.702 
_cell.length_c_esd                 ? 
_cell.volume                       ? 
_cell.volume_esd                   ? 
_cell.Z_PDB                        12 
_cell.reciprocal_angle_alpha       ? 
_cell.reciprocal_angle_beta        ? 
_cell.reciprocal_angle_gamma       ? 
_cell.reciprocal_angle_alpha_esd   ? 
_cell.reciprocal_angle_beta_esd    ? 
_cell.reciprocal_angle_gamma_esd   ? 
_cell.reciprocal_length_a          ? 
_cell.reciprocal_length_b          ? 
_cell.reciprocal_length_c          ? 
_cell.reciprocal_length_a_esd      ? 
_cell.reciprocal_length_b_esd      ? 
_cell.reciprocal_length_c_esd      ? 
_cell.pdbx_unique_axis             ? 
# 
_symmetry.entry_id                         5ZF2 
_symmetry.cell_setting                     ? 
_symmetry.Int_Tables_number                178 
_symmetry.space_group_name_Hall            ? 
_symmetry.space_group_name_H-M             'P 61 2 2' 
_symmetry.pdbx_full_space_group_name_H-M   ? 
# 
loop_
_entity.id 
_entity.type 
_entity.src_method 
_entity.pdbx_description 
_entity.formula_weight 
_entity.pdbx_number_of_molecules 
_entity.pdbx_ec 
_entity.pdbx_mutation 
_entity.pdbx_fragment 
_entity.details 
1 polymer     man 'Thioredoxin (H-type,TRX-H)' 11622.009 1  ? ? ? ? 
2 non-polymer syn 'SULFATE ION'                96.063    1  ? ? ? ? 
3 water       nat water                        18.015    99 ? ? ? ? 
# 
_entity_name_com.entity_id   1 
_entity_name_com.name        Trxlp 
# 
_entity_poly.entity_id                      1 
_entity_poly.type                           'polypeptide(L)' 
_entity_poly.nstd_linkage                   no 
_entity_poly.nstd_monomer                   no 
_entity_poly.pdbx_seq_one_letter_code       
;SVEPYSDAAFTQAQASGAPVLVDVYADWCPVCKRQERELTPLFAQPAQRDLRVFKVNFDTQKAALQQFRVSQQSTLILYR
NGQEVRRSIGETSPSALSDFLTR
;
_entity_poly.pdbx_seq_one_letter_code_can   
;SVEPYSDAAFTQAQASGAPVLVDVYADWCPVCKRQERELTPLFAQPAQRDLRVFKVNFDTQKAALQQFRVSQQSTLILYR
NGQEVRRSIGETSPSALSDFLTR
;
_entity_poly.pdbx_strand_id                 A 
_entity_poly.pdbx_target_identifier         ? 
# 
loop_
_entity_poly_seq.entity_id 
_entity_poly_seq.num 
_entity_poly_seq.mon_id 
_entity_poly_seq.hetero 
1 1   SER n 
1 2   VAL n 
1 3   GLU n 
1 4   PRO n 
1 5   TYR n 
1 6   SER n 
1 7   ASP n 
1 8   ALA n 
1 9   ALA n 
1 10  PHE n 
1 11  THR n 
1 12  GLN n 
1 13  ALA n 
1 14  GLN n 
1 15  ALA n 
1 16  SER n 
1 17  GLY n 
1 18  ALA n 
1 19  PRO n 
1 20  VAL n 
1 21  LEU n 
1 22  VAL n 
1 23  ASP n 
1 24  VAL n 
1 25  TYR n 
1 26  ALA n 
1 27  ASP n 
1 28  TRP n 
1 29  CYS n 
1 30  PRO n 
1 31  VAL n 
1 32  CYS n 
1 33  LYS n 
1 34  ARG n 
1 35  GLN n 
1 36  GLU n 
1 37  ARG n 
1 38  GLU n 
1 39  LEU n 
1 40  THR n 
1 41  PRO n 
1 42  LEU n 
1 43  PHE n 
1 44  ALA n 
1 45  GLN n 
1 46  PRO n 
1 47  ALA n 
1 48  GLN n 
1 49  ARG n 
1 50  ASP n 
1 51  LEU n 
1 52  ARG n 
1 53  VAL n 
1 54  PHE n 
1 55  LYS n 
1 56  VAL n 
1 57  ASN n 
1 58  PHE n 
1 59  ASP n 
1 60  THR n 
1 61  GLN n 
1 62  LYS n 
1 63  ALA n 
1 64  ALA n 
1 65  LEU n 
1 66  GLN n 
1 67  GLN n 
1 68  PHE n 
1 69  ARG n 
1 70  VAL n 
1 71  SER n 
1 72  GLN n 
1 73  GLN n 
1 74  SER n 
1 75  THR n 
1 76  LEU n 
1 77  ILE n 
1 78  LEU n 
1 79  TYR n 
1 80  ARG n 
1 81  ASN n 
1 82  GLY n 
1 83  GLN n 
1 84  GLU n 
1 85  VAL n 
1 86  ARG n 
1 87  ARG n 
1 88  SER n 
1 89  ILE n 
1 90  GLY n 
1 91  GLU n 
1 92  THR n 
1 93  SER n 
1 94  PRO n 
1 95  SER n 
1 96  ALA n 
1 97  LEU n 
1 98  SER n 
1 99  ASP n 
1 100 PHE n 
1 101 LEU n 
1 102 THR n 
1 103 ARG n 
# 
_entity_src_gen.entity_id                          1 
_entity_src_gen.pdbx_src_id                        1 
_entity_src_gen.pdbx_alt_source_flag               sample 
_entity_src_gen.pdbx_seq_type                      'Biological sequence' 
_entity_src_gen.pdbx_beg_seq_num                   1 
_entity_src_gen.pdbx_end_seq_num                   103 
_entity_src_gen.gene_src_common_name               ? 
_entity_src_gen.gene_src_genus                     ? 
_entity_src_gen.pdbx_gene_src_gene                 ETAE_2186 
_entity_src_gen.gene_src_species                   ? 
_entity_src_gen.gene_src_strain                    EIB202 
_entity_src_gen.gene_src_tissue                    ? 
_entity_src_gen.gene_src_tissue_fraction           ? 
_entity_src_gen.gene_src_details                   'CCTCC M208068' 
_entity_src_gen.pdbx_gene_src_fragment             ? 
_entity_src_gen.pdbx_gene_src_scientific_name      'Edwardsiella tarda (strain EIB202)' 
_entity_src_gen.pdbx_gene_src_ncbi_taxonomy_id     498217 
_entity_src_gen.pdbx_gene_src_variant              ? 
_entity_src_gen.pdbx_gene_src_cell_line            ? 
_entity_src_gen.pdbx_gene_src_atcc                 ? 
_entity_src_gen.pdbx_gene_src_organ                ? 
_entity_src_gen.pdbx_gene_src_organelle            ? 
_entity_src_gen.pdbx_gene_src_cell                 ? 
_entity_src_gen.pdbx_gene_src_cellular_location    ? 
_entity_src_gen.host_org_common_name               ? 
_entity_src_gen.pdbx_host_org_scientific_name      'Escherichia coli' 
_entity_src_gen.pdbx_host_org_ncbi_taxonomy_id     562 
_entity_src_gen.host_org_genus                     ? 
_entity_src_gen.pdbx_host_org_gene                 ? 
_entity_src_gen.pdbx_host_org_organ                ? 
_entity_src_gen.host_org_species                   ? 
_entity_src_gen.pdbx_host_org_tissue               ? 
_entity_src_gen.pdbx_host_org_tissue_fraction      ? 
_entity_src_gen.pdbx_host_org_strain               ? 
_entity_src_gen.pdbx_host_org_variant              Rosetta 
_entity_src_gen.pdbx_host_org_cell_line            ? 
_entity_src_gen.pdbx_host_org_atcc                 ? 
_entity_src_gen.pdbx_host_org_culture_collection   ? 
_entity_src_gen.pdbx_host_org_cell                 ? 
_entity_src_gen.pdbx_host_org_organelle            ? 
_entity_src_gen.pdbx_host_org_cellular_location    ? 
_entity_src_gen.pdbx_host_org_vector_type          ? 
_entity_src_gen.pdbx_host_org_vector               ? 
_entity_src_gen.host_org_details                   ? 
_entity_src_gen.expression_system_id               ? 
_entity_src_gen.plasmid_name                       ? 
_entity_src_gen.plasmid_details                    ? 
_entity_src_gen.pdbx_description                   ? 
# 
_struct_ref.id                         1 
_struct_ref.db_name                    UNP 
_struct_ref.db_code                    D0Z9P5_EDWTE 
_struct_ref.pdbx_db_accession          D0Z9P5 
_struct_ref.pdbx_db_isoform            ? 
_struct_ref.entity_id                  1 
_struct_ref.pdbx_seq_one_letter_code   
;SVEPYSDAAFTQAQASGAPVLVDVYADWCPVCKRQERELTPLFAQPAQRDLRVFKVNFDTQKAALQQFRVSQQSTLILYR
NGQEVRRSIGETSPSALSDFLTR
;
_struct_ref.pdbx_align_begin           23 
# 
_struct_ref_seq.align_id                      1 
_struct_ref_seq.ref_id                        1 
_struct_ref_seq.pdbx_PDB_id_code              5ZF2 
_struct_ref_seq.pdbx_strand_id                A 
_struct_ref_seq.seq_align_beg                 1 
_struct_ref_seq.pdbx_seq_align_beg_ins_code   ? 
_struct_ref_seq.seq_align_end                 103 
_struct_ref_seq.pdbx_seq_align_end_ins_code   ? 
_struct_ref_seq.pdbx_db_accession             D0Z9P5 
_struct_ref_seq.db_align_beg                  23 
_struct_ref_seq.pdbx_db_align_beg_ins_code    ? 
_struct_ref_seq.db_align_end                  125 
_struct_ref_seq.pdbx_db_align_end_ins_code    ? 
_struct_ref_seq.pdbx_auth_seq_align_beg       0 
_struct_ref_seq.pdbx_auth_seq_align_end       102 
# 
loop_
_chem_comp.id 
_chem_comp.type 
_chem_comp.mon_nstd_flag 
_chem_comp.name 
_chem_comp.pdbx_synonyms 
_chem_comp.formula 
_chem_comp.formula_weight 
ALA 'L-peptide linking' y ALANINE         ? 'C3 H7 N O2'     89.093  
ARG 'L-peptide linking' y ARGININE        ? 'C6 H15 N4 O2 1' 175.209 
ASN 'L-peptide linking' y ASPARAGINE      ? 'C4 H8 N2 O3'    132.118 
ASP 'L-peptide linking' y 'ASPARTIC ACID' ? 'C4 H7 N O4'     133.103 
CYS 'L-peptide linking' y CYSTEINE        ? 'C3 H7 N O2 S'   121.158 
GLN 'L-peptide linking' y GLUTAMINE       ? 'C5 H10 N2 O3'   146.144 
GLU 'L-peptide linking' y 'GLUTAMIC ACID' ? 'C5 H9 N O4'     147.129 
GLY 'peptide linking'   y GLYCINE         ? 'C2 H5 N O2'     75.067  
HOH non-polymer         . WATER           ? 'H2 O'           18.015  
ILE 'L-peptide linking' y ISOLEUCINE      ? 'C6 H13 N O2'    131.173 
LEU 'L-peptide linking' y LEUCINE         ? 'C6 H13 N O2'    131.173 
LYS 'L-peptide linking' y LYSINE          ? 'C6 H15 N2 O2 1' 147.195 
PHE 'L-peptide linking' y PHENYLALANINE   ? 'C9 H11 N O2'    165.189 
PRO 'L-peptide linking' y PROLINE         ? 'C5 H9 N O2'     115.130 
SER 'L-peptide linking' y SERINE          ? 'C3 H7 N O3'     105.093 
SO4 non-polymer         . 'SULFATE ION'   ? 'O4 S -2'        96.063  
THR 'L-peptide linking' y THREONINE       ? 'C4 H9 N O3'     119.119 
TRP 'L-peptide linking' y TRYPTOPHAN      ? 'C11 H12 N2 O2'  204.225 
TYR 'L-peptide linking' y TYROSINE        ? 'C9 H11 N O3'    181.189 
VAL 'L-peptide linking' y VALINE          ? 'C5 H11 N O2'    117.146 
# 
_exptl.absorpt_coefficient_mu     ? 
_exptl.absorpt_correction_T_max   ? 
_exptl.absorpt_correction_T_min   ? 
_exptl.absorpt_correction_type    ? 
_exptl.absorpt_process_details    ? 
_exptl.entry_id                   5ZF2 
_exptl.crystals_number            1 
_exptl.details                    ? 
_exptl.method                     'X-RAY DIFFRACTION' 
_exptl.method_details             ? 
# 
_exptl_crystal.colour                      ? 
_exptl_crystal.density_diffrn              ? 
_exptl_crystal.density_Matthews            1.93 
_exptl_crystal.density_method              ? 
_exptl_crystal.density_percent_sol         36.29 
_exptl_crystal.description                 ? 
_exptl_crystal.F_000                       ? 
_exptl_crystal.id                          1 
_exptl_crystal.preparation                 ? 
_exptl_crystal.size_max                    ? 
_exptl_crystal.size_mid                    ? 
_exptl_crystal.size_min                    ? 
_exptl_crystal.size_rad                    ? 
_exptl_crystal.colour_lustre               ? 
_exptl_crystal.colour_modifier             ? 
_exptl_crystal.colour_primary              ? 
_exptl_crystal.density_meas                ? 
_exptl_crystal.density_meas_esd            ? 
_exptl_crystal.density_meas_gt             ? 
_exptl_crystal.density_meas_lt             ? 
_exptl_crystal.density_meas_temp           ? 
_exptl_crystal.density_meas_temp_esd       ? 
_exptl_crystal.density_meas_temp_gt        ? 
_exptl_crystal.density_meas_temp_lt        ? 
_exptl_crystal.pdbx_crystal_image_url      ? 
_exptl_crystal.pdbx_crystal_image_format   ? 
_exptl_crystal.pdbx_mosaicity              ? 
_exptl_crystal.pdbx_mosaicity_esd          ? 
# 
_exptl_crystal_grow.apparatus       ? 
_exptl_crystal_grow.atmosphere      ? 
_exptl_crystal_grow.crystal_id      1 
_exptl_crystal_grow.details         ? 
_exptl_crystal_grow.method          'VAPOR DIFFUSION, SITTING DROP' 
_exptl_crystal_grow.method_ref      ? 
_exptl_crystal_grow.pH              6.5 
_exptl_crystal_grow.pressure        ? 
_exptl_crystal_grow.pressure_esd    ? 
_exptl_crystal_grow.seeding         ? 
_exptl_crystal_grow.seeding_ref     ? 
_exptl_crystal_grow.temp            293 
_exptl_crystal_grow.temp_details    ? 
_exptl_crystal_grow.temp_esd        ? 
_exptl_crystal_grow.time            ? 
_exptl_crystal_grow.pdbx_details    '30% PEG 8000, 100mM sodium acetate, pH6.5, 200mM lithium sulfate' 
_exptl_crystal_grow.pdbx_pH_range   ? 
# 
_diffrn.ambient_environment    ? 
_diffrn.ambient_temp           100 
_diffrn.ambient_temp_details   ? 
_diffrn.ambient_temp_esd       ? 
_diffrn.crystal_id             1 
_diffrn.crystal_support        ? 
_diffrn.crystal_treatment      ? 
_diffrn.details                ? 
_diffrn.id                     1 
_diffrn.ambient_pressure       ? 
_diffrn.ambient_pressure_esd   ? 
_diffrn.ambient_pressure_gt    ? 
_diffrn.ambient_pressure_lt    ? 
_diffrn.ambient_temp_gt        ? 
_diffrn.ambient_temp_lt        ? 
# 
_diffrn_detector.details                      ? 
_diffrn_detector.detector                     PIXEL 
_diffrn_detector.diffrn_id                    1 
_diffrn_detector.type                         'DECTRIS PILATUS3 6M' 
_diffrn_detector.area_resol_mean              ? 
_diffrn_detector.dtime                        ? 
_diffrn_detector.pdbx_frames_total            ? 
_diffrn_detector.pdbx_collection_time_total   ? 
_diffrn_detector.pdbx_collection_date         2016-11-21 
# 
_diffrn_radiation.collimation                      ? 
_diffrn_radiation.diffrn_id                        1 
_diffrn_radiation.filter_edge                      ? 
_diffrn_radiation.inhomogeneity                    ? 
_diffrn_radiation.monochromator                    ? 
_diffrn_radiation.polarisn_norm                    ? 
_diffrn_radiation.polarisn_ratio                   ? 
_diffrn_radiation.probe                            ? 
_diffrn_radiation.type                             ? 
_diffrn_radiation.xray_symbol                      ? 
_diffrn_radiation.wavelength_id                    1 
_diffrn_radiation.pdbx_monochromatic_or_laue_m_l   M 
_diffrn_radiation.pdbx_wavelength_list             ? 
_diffrn_radiation.pdbx_wavelength                  ? 
_diffrn_radiation.pdbx_diffrn_protocol             'SINGLE WAVELENGTH' 
_diffrn_radiation.pdbx_analyzer                    ? 
_diffrn_radiation.pdbx_scattering_type             x-ray 
# 
_diffrn_radiation_wavelength.id           1 
_diffrn_radiation_wavelength.wavelength   0.97852 
_diffrn_radiation_wavelength.wt           1.0 
# 
_diffrn_source.current                     ? 
_diffrn_source.details                     ? 
_diffrn_source.diffrn_id                   1 
_diffrn_source.power                       ? 
_diffrn_source.size                        ? 
_diffrn_source.source                      SYNCHROTRON 
_diffrn_source.target                      ? 
_diffrn_source.type                        'SSRF BEAMLINE BL19U1' 
_diffrn_source.voltage                     ? 
_diffrn_source.take-off_angle              ? 
_diffrn_source.pdbx_wavelength_list        0.97852 
_diffrn_source.pdbx_wavelength             ? 
_diffrn_source.pdbx_synchrotron_beamline   BL19U1 
_diffrn_source.pdbx_synchrotron_site       SSRF 
# 
_reflns.B_iso_Wilson_estimate            ? 
_reflns.entry_id                         5ZF2 
_reflns.data_reduction_details           ? 
_reflns.data_reduction_method            ? 
_reflns.d_resolution_high                1.970 
_reflns.d_resolution_low                 50.000 
_reflns.details                          ? 
_reflns.limit_h_max                      ? 
_reflns.limit_h_min                      ? 
_reflns.limit_k_max                      ? 
_reflns.limit_k_min                      ? 
_reflns.limit_l_max                      ? 
_reflns.limit_l_min                      ? 
_reflns.number_all                       ? 
_reflns.number_obs                       7481 
_reflns.observed_criterion               ? 
_reflns.observed_criterion_F_max         ? 
_reflns.observed_criterion_F_min         ? 
_reflns.observed_criterion_I_max         ? 
_reflns.observed_criterion_I_min         ? 
_reflns.observed_criterion_sigma_F       ? 
_reflns.observed_criterion_sigma_I       ? 
_reflns.percent_possible_obs             99.900 
_reflns.R_free_details                   ? 
_reflns.Rmerge_F_all                     ? 
_reflns.Rmerge_F_obs                     ? 
_reflns.Friedel_coverage                 ? 
_reflns.number_gt                        ? 
_reflns.threshold_expression             ? 
_reflns.pdbx_redundancy                  30.400 
_reflns.pdbx_Rmerge_I_obs                0.076 
_reflns.pdbx_Rmerge_I_all                ? 
_reflns.pdbx_Rsym_value                  ? 
_reflns.pdbx_netI_over_av_sigmaI         ? 
_reflns.pdbx_netI_over_sigmaI            8.100 
_reflns.pdbx_res_netI_over_av_sigmaI_2   ? 
_reflns.pdbx_res_netI_over_sigmaI_2      ? 
_reflns.pdbx_chi_squared                 1.203 
_reflns.pdbx_scaling_rejects             ? 
_reflns.pdbx_d_res_high_opt              ? 
_reflns.pdbx_d_res_low_opt               ? 
_reflns.pdbx_d_res_opt_method            ? 
_reflns.phase_calculation_details        ? 
_reflns.pdbx_Rrim_I_all                  0.078 
_reflns.pdbx_Rpim_I_all                  0.014 
_reflns.pdbx_d_opt                       ? 
_reflns.pdbx_number_measured_all         ? 
_reflns.pdbx_diffrn_id                   1 
_reflns.pdbx_ordinal                     1 
_reflns.pdbx_CC_half                     ? 
_reflns.pdbx_R_split                     ? 
# 
loop_
_reflns_shell.d_res_high 
_reflns_shell.d_res_low 
_reflns_shell.meanI_over_sigI_all 
_reflns_shell.meanI_over_sigI_obs 
_reflns_shell.number_measured_all 
_reflns_shell.number_measured_obs 
_reflns_shell.number_possible 
_reflns_shell.number_unique_all 
_reflns_shell.number_unique_obs 
_reflns_shell.percent_possible_all 
_reflns_shell.percent_possible_obs 
_reflns_shell.Rmerge_F_all 
_reflns_shell.Rmerge_F_obs 
_reflns_shell.Rmerge_I_all 
_reflns_shell.Rmerge_I_obs 
_reflns_shell.meanI_over_sigI_gt 
_reflns_shell.meanI_over_uI_all 
_reflns_shell.meanI_over_uI_gt 
_reflns_shell.number_measured_gt 
_reflns_shell.number_unique_gt 
_reflns_shell.percent_possible_gt 
_reflns_shell.Rmerge_F_gt 
_reflns_shell.Rmerge_I_gt 
_reflns_shell.pdbx_redundancy 
_reflns_shell.pdbx_Rsym_value 
_reflns_shell.pdbx_chi_squared 
_reflns_shell.pdbx_netI_over_sigmaI_all 
_reflns_shell.pdbx_netI_over_sigmaI_obs 
_reflns_shell.pdbx_Rrim_I_all 
_reflns_shell.pdbx_Rpim_I_all 
_reflns_shell.pdbx_rejects 
_reflns_shell.pdbx_ordinal 
_reflns_shell.pdbx_diffrn_id 
_reflns_shell.pdbx_CC_half 
_reflns_shell.pdbx_R_split 
1.970 2.000  ? ? ? ? ? ? 351 99.700  ? ? ? ? 0.200 ? ? ? ? ? ? ? ? 29.300 ? 1.026 ? ? 0.203 0.037 ? 1  1 0.993 ? 
2.000 2.040  ? ? ? ? ? ? 350 100.000 ? ? ? ? 0.181 ? ? ? ? ? ? ? ? 32.700 ? 1.032 ? ? 0.184 0.032 ? 2  1 0.997 ? 
2.040 2.080  ? ? ? ? ? ? 336 100.000 ? ? ? ? 0.168 ? ? ? ? ? ? ? ? 33.100 ? 1.154 ? ? 0.170 0.029 ? 3  1 0.997 ? 
2.080 2.120  ? ? ? ? ? ? 389 100.000 ? ? ? ? 0.170 ? ? ? ? ? ? ? ? 30.600 ? 1.147 ? ? 0.173 0.031 ? 4  1 0.997 ? 
2.120 2.170  ? ? ? ? ? ? 348 100.000 ? ? ? ? 0.151 ? ? ? ? ? ? ? ? 32.000 ? 1.206 ? ? 0.153 0.026 ? 5  1 0.995 ? 
2.170 2.220  ? ? ? ? ? ? 340 100.000 ? ? ? ? 0.136 ? ? ? ? ? ? ? ? 32.500 ? 1.208 ? ? 0.138 0.024 ? 6  1 0.998 ? 
2.220 2.270  ? ? ? ? ? ? 373 99.500  ? ? ? ? 0.134 ? ? ? ? ? ? ? ? 29.200 ? 1.221 ? ? 0.136 0.025 ? 7  1 0.997 ? 
2.270 2.340  ? ? ? ? ? ? 345 100.000 ? ? ? ? 0.122 ? ? ? ? ? ? ? ? 30.100 ? 1.195 ? ? 0.124 0.022 ? 8  1 0.998 ? 
2.340 2.400  ? ? ? ? ? ? 356 100.000 ? ? ? ? 0.115 ? ? ? ? ? ? ? ? 32.400 ? 1.201 ? ? 0.117 0.020 ? 9  1 0.999 ? 
2.400 2.480  ? ? ? ? ? ? 379 100.000 ? ? ? ? 0.111 ? ? ? ? ? ? ? ? 30.500 ? 1.278 ? ? 0.112 0.020 ? 10 1 0.998 ? 
2.480 2.570  ? ? ? ? ? ? 354 100.000 ? ? ? ? 0.105 ? ? ? ? ? ? ? ? 32.000 ? 1.205 ? ? 0.106 0.018 ? 11 1 0.998 ? 
2.570 2.670  ? ? ? ? ? ? 368 100.000 ? ? ? ? 0.101 ? ? ? ? ? ? ? ? 29.800 ? 1.266 ? ? 0.103 0.019 ? 12 1 0.998 ? 
2.670 2.800  ? ? ? ? ? ? 359 100.000 ? ? ? ? 0.090 ? ? ? ? ? ? ? ? 29.200 ? 1.235 ? ? 0.091 0.016 ? 13 1 0.999 ? 
2.800 2.940  ? ? ? ? ? ? 380 100.000 ? ? ? ? 0.086 ? ? ? ? ? ? ? ? 29.700 ? 1.166 ? ? 0.087 0.016 ? 14 1 0.999 ? 
2.940 3.130  ? ? ? ? ? ? 384 100.000 ? ? ? ? 0.079 ? ? ? ? ? ? ? ? 31.100 ? 1.290 ? ? 0.081 0.014 ? 15 1 0.998 ? 
3.130 3.370  ? ? ? ? ? ? 372 100.000 ? ? ? ? 0.071 ? ? ? ? ? ? ? ? 30.700 ? 1.241 ? ? 0.072 0.013 ? 16 1 0.999 ? 
3.370 3.710  ? ? ? ? ? ? 389 99.700  ? ? ? ? 0.065 ? ? ? ? ? ? ? ? 28.800 ? 1.333 ? ? 0.066 0.012 ? 17 1 0.999 ? 
3.710 4.240  ? ? ? ? ? ? 408 100.000 ? ? ? ? 0.060 ? ? ? ? ? ? ? ? 31.100 ? 1.374 ? ? 0.061 0.011 ? 18 1 0.999 ? 
4.240 5.350  ? ? ? ? ? ? 401 99.800  ? ? ? ? 0.056 ? ? ? ? ? ? ? ? 30.000 ? 1.224 ? ? 0.057 0.010 ? 19 1 0.999 ? 
5.350 50.000 ? ? ? ? ? ? 499 99.800  ? ? ? ? 0.048 ? ? ? ? ? ? ? ? 25.300 ? 1.033 ? ? 0.049 0.010 ? 20 1 0.999 ? 
# 
_refine.aniso_B[1][1]                            ? 
_refine.aniso_B[1][2]                            ? 
_refine.aniso_B[1][3]                            ? 
_refine.aniso_B[2][2]                            ? 
_refine.aniso_B[2][3]                            ? 
_refine.aniso_B[3][3]                            ? 
_refine.B_iso_max                                75.790 
_refine.B_iso_mean                               25.3487 
_refine.B_iso_min                                8.900 
_refine.correlation_coeff_Fo_to_Fc               ? 
_refine.correlation_coeff_Fo_to_Fc_free          ? 
_refine.details                                  ? 
_refine.diff_density_max                         ? 
_refine.diff_density_max_esd                     ? 
_refine.diff_density_min                         ? 
_refine.diff_density_min_esd                     ? 
_refine.diff_density_rms                         ? 
_refine.diff_density_rms_esd                     ? 
_refine.entry_id                                 5ZF2 
_refine.pdbx_refine_id                           'X-RAY DIFFRACTION' 
_refine.ls_abs_structure_details                 ? 
_refine.ls_abs_structure_Flack                   ? 
_refine.ls_abs_structure_Flack_esd               ? 
_refine.ls_abs_structure_Rogers                  ? 
_refine.ls_abs_structure_Rogers_esd              ? 
_refine.ls_d_res_high                            1.9800 
_refine.ls_d_res_low                             22.0590 
_refine.ls_extinction_coef                       ? 
_refine.ls_extinction_coef_esd                   ? 
_refine.ls_extinction_expression                 ? 
_refine.ls_extinction_method                     ? 
_refine.ls_goodness_of_fit_all                   ? 
_refine.ls_goodness_of_fit_all_esd               ? 
_refine.ls_goodness_of_fit_obs                   ? 
_refine.ls_goodness_of_fit_obs_esd               ? 
_refine.ls_hydrogen_treatment                    ? 
_refine.ls_matrix_type                           ? 
_refine.ls_number_constraints                    ? 
_refine.ls_number_parameters                     ? 
_refine.ls_number_reflns_all                     ? 
_refine.ls_number_reflns_obs                     7263 
_refine.ls_number_reflns_R_free                  727 
_refine.ls_number_reflns_R_work                  ? 
_refine.ls_number_restraints                     ? 
_refine.ls_percent_reflns_obs                    99.9300 
_refine.ls_percent_reflns_R_free                 10.0100 
_refine.ls_R_factor_all                          ? 
_refine.ls_R_factor_obs                          0.1810 
_refine.ls_R_factor_R_free                       0.2154 
_refine.ls_R_factor_R_free_error                 ? 
_refine.ls_R_factor_R_free_error_details         ? 
_refine.ls_R_factor_R_work                       0.1770 
_refine.ls_R_Fsqd_factor_obs                     ? 
_refine.ls_R_I_factor_obs                        ? 
_refine.ls_redundancy_reflns_all                 ? 
_refine.ls_redundancy_reflns_obs                 ? 
_refine.ls_restrained_S_all                      ? 
_refine.ls_restrained_S_obs                      ? 
_refine.ls_shift_over_esd_max                    ? 
_refine.ls_shift_over_esd_mean                   ? 
_refine.ls_structure_factor_coef                 ? 
_refine.ls_weighting_details                     ? 
_refine.ls_weighting_scheme                      ? 
_refine.ls_wR_factor_all                         ? 
_refine.ls_wR_factor_obs                         ? 
_refine.ls_wR_factor_R_free                      ? 
_refine.ls_wR_factor_R_work                      ? 
_refine.occupancy_max                            ? 
_refine.occupancy_min                            ? 
_refine.solvent_model_details                    ? 
_refine.solvent_model_param_bsol                 ? 
_refine.solvent_model_param_ksol                 ? 
_refine.ls_R_factor_gt                           ? 
_refine.ls_goodness_of_fit_gt                    ? 
_refine.ls_goodness_of_fit_ref                   ? 
_refine.ls_shift_over_su_max                     ? 
_refine.ls_shift_over_su_max_lt                  ? 
_refine.ls_shift_over_su_mean                    ? 
_refine.ls_shift_over_su_mean_lt                 ? 
_refine.pdbx_ls_sigma_I                          ? 
_refine.pdbx_ls_sigma_F                          1.370 
_refine.pdbx_ls_sigma_Fsqd                       ? 
_refine.pdbx_data_cutoff_high_absF               ? 
_refine.pdbx_data_cutoff_high_rms_absF           ? 
_refine.pdbx_data_cutoff_low_absF                ? 
_refine.pdbx_isotropic_thermal_model             ? 
_refine.pdbx_ls_cross_valid_method               THROUGHOUT 
_refine.pdbx_method_to_determine_struct          'MOLECULAR REPLACEMENT' 
_refine.pdbx_starting_model                      2YZU 
_refine.pdbx_stereochemistry_target_values       ? 
_refine.pdbx_R_Free_selection_details            ? 
_refine.pdbx_stereochem_target_val_spec_case     ? 
_refine.pdbx_overall_ESU_R                       ? 
_refine.pdbx_overall_ESU_R_Free                  ? 
_refine.pdbx_solvent_vdw_probe_radii             1.1100 
_refine.pdbx_solvent_ion_probe_radii             ? 
_refine.pdbx_solvent_shrinkage_radii             0.9000 
_refine.pdbx_real_space_R                        ? 
_refine.pdbx_density_correlation                 ? 
_refine.pdbx_pd_number_of_powder_patterns        ? 
_refine.pdbx_pd_number_of_points                 ? 
_refine.pdbx_pd_meas_number_of_points            ? 
_refine.pdbx_pd_proc_ls_prof_R_factor            ? 
_refine.pdbx_pd_proc_ls_prof_wR_factor           ? 
_refine.pdbx_pd_Marquardt_correlation_coeff      ? 
_refine.pdbx_pd_Fsqrd_R_factor                   ? 
_refine.pdbx_pd_ls_matrix_band_width             ? 
_refine.pdbx_overall_phase_error                 19.6700 
_refine.pdbx_overall_SU_R_free_Cruickshank_DPI   ? 
_refine.pdbx_overall_SU_R_free_Blow_DPI          ? 
_refine.pdbx_overall_SU_R_Blow_DPI               ? 
_refine.pdbx_TLS_residual_ADP_flag               ? 
_refine.pdbx_diffrn_id                           1 
_refine.overall_SU_B                             ? 
_refine.overall_SU_ML                            0.1600 
_refine.overall_SU_R_Cruickshank_DPI             ? 
_refine.overall_SU_R_free                        ? 
_refine.overall_FOM_free_R_set                   ? 
_refine.overall_FOM_work_R_set                   ? 
_refine.pdbx_average_fsc_overall                 ? 
_refine.pdbx_average_fsc_work                    ? 
_refine.pdbx_average_fsc_free                    ? 
# 
_refine_hist.cycle_id                         final 
_refine_hist.pdbx_refine_id                   'X-RAY DIFFRACTION' 
_refine_hist.d_res_high                       1.9800 
_refine_hist.d_res_low                        22.0590 
_refine_hist.pdbx_number_atoms_ligand         5 
_refine_hist.number_atoms_solvent             99 
_refine_hist.number_atoms_total               922 
_refine_hist.pdbx_number_residues_total       103 
_refine_hist.pdbx_B_iso_mean_ligand           27.30 
_refine_hist.pdbx_B_iso_mean_solvent          33.68 
_refine_hist.pdbx_number_atoms_protein        818 
_refine_hist.pdbx_number_atoms_nucleic_acid   0 
# 
loop_
_refine_ls_restr.pdbx_refine_id 
_refine_ls_restr.criterion 
_refine_ls_restr.dev_ideal 
_refine_ls_restr.dev_ideal_target 
_refine_ls_restr.number 
_refine_ls_restr.rejects 
_refine_ls_restr.type 
_refine_ls_restr.weight 
_refine_ls_restr.pdbx_restraint_function 
'X-RAY DIFFRACTION' ? 0.009  ? 838  ? f_bond_d           ? ? 
'X-RAY DIFFRACTION' ? 0.923  ? 1138 ? f_angle_d          ? ? 
'X-RAY DIFFRACTION' ? 0.060  ? 126  ? f_chiral_restr     ? ? 
'X-RAY DIFFRACTION' ? 0.006  ? 151  ? f_plane_restr      ? ? 
'X-RAY DIFFRACTION' ? 13.982 ? 512  ? f_dihedral_angle_d ? ? 
# 
loop_
_refine_ls_shell.pdbx_refine_id 
_refine_ls_shell.d_res_high 
_refine_ls_shell.d_res_low 
_refine_ls_shell.number_reflns_all 
_refine_ls_shell.number_reflns_obs 
_refine_ls_shell.number_reflns_R_free 
_refine_ls_shell.number_reflns_R_work 
_refine_ls_shell.percent_reflns_obs 
_refine_ls_shell.percent_reflns_R_free 
_refine_ls_shell.R_factor_all 
_refine_ls_shell.R_factor_obs 
_refine_ls_shell.R_factor_R_free 
_refine_ls_shell.R_factor_R_free_error 
_refine_ls_shell.R_factor_R_work 
_refine_ls_shell.redundancy_reflns_all 
_refine_ls_shell.redundancy_reflns_obs 
_refine_ls_shell.wR_factor_all 
_refine_ls_shell.wR_factor_obs 
_refine_ls_shell.wR_factor_R_free 
_refine_ls_shell.wR_factor_R_work 
_refine_ls_shell.pdbx_total_number_of_bins_used 
_refine_ls_shell.pdbx_phase_error 
_refine_ls_shell.pdbx_fsc_work 
_refine_ls_shell.pdbx_fsc_free 
'X-RAY DIFFRACTION' 1.9801 2.1328  1393 . 139 1254 100.0000 . . . 0.2399 0.0000 0.1668 . . . . . . 5 . . . 
'X-RAY DIFFRACTION' 2.1328 2.3472  1370 . 137 1233 100.0000 . . . 0.2359 0.0000 0.1726 . . . . . . 5 . . . 
'X-RAY DIFFRACTION' 2.3472 2.6864  1431 . 143 1288 100.0000 . . . 0.2357 0.0000 0.1836 . . . . . . 5 . . . 
'X-RAY DIFFRACTION' 2.6864 3.3826  1461 . 146 1315 100.0000 . . . 0.2228 0.0000 0.1925 . . . . . . 5 . . . 
'X-RAY DIFFRACTION' 3.3826 22.0599 1608 . 162 1446 100.0000 . . . 0.1934 0.0000 0.1696 . . . . . . 5 . . . 
# 
_struct.entry_id                     5ZF2 
_struct.title                        'Crystal structure of Trxlp from Edwardsiella tarda EIB202' 
_struct.pdbx_model_details           ? 
_struct.pdbx_formula_weight          ? 
_struct.pdbx_formula_weight_method   ? 
_struct.pdbx_model_type_details      ? 
_struct.pdbx_CASP_flag               N 
# 
_struct_keywords.entry_id        5ZF2 
_struct_keywords.text            'Thioredoxin-like protein, T4SS effector, ASK1-MAPK signaling cascades., OXIDOREDUCTASE' 
_struct_keywords.pdbx_keywords   OXIDOREDUCTASE 
# 
loop_
_struct_asym.id 
_struct_asym.pdbx_blank_PDB_chainid_flag 
_struct_asym.pdbx_modified 
_struct_asym.entity_id 
_struct_asym.details 
A N N 1 ? 
B N N 2 ? 
C N N 3 ? 
# 
loop_
_struct_conf.conf_type_id 
_struct_conf.id 
_struct_conf.pdbx_PDB_helix_id 
_struct_conf.beg_label_comp_id 
_struct_conf.beg_label_asym_id 
_struct_conf.beg_label_seq_id 
_struct_conf.pdbx_beg_PDB_ins_code 
_struct_conf.end_label_comp_id 
_struct_conf.end_label_asym_id 
_struct_conf.end_label_seq_id 
_struct_conf.pdbx_end_PDB_ins_code 
_struct_conf.beg_auth_comp_id 
_struct_conf.beg_auth_asym_id 
_struct_conf.beg_auth_seq_id 
_struct_conf.end_auth_comp_id 
_struct_conf.end_auth_asym_id 
_struct_conf.end_auth_seq_id 
_struct_conf.pdbx_PDB_helix_class 
_struct_conf.details 
_struct_conf.pdbx_PDB_helix_length 
HELX_P HELX_P1 AA1 SER A 6  ? SER A 16  ? SER A 5  SER A 15  1 ? 11 
HELX_P HELX_P2 AA2 CYS A 29 ? ALA A 44  ? CYS A 28 ALA A 43  1 ? 16 
HELX_P HELX_P3 AA3 GLN A 45 ? ARG A 49  ? GLN A 44 ARG A 48  5 ? 5  
HELX_P HELX_P4 AA4 GLN A 61 ? ARG A 69  ? GLN A 60 ARG A 68  1 ? 9  
HELX_P HELX_P5 AA5 SER A 93 ? ARG A 103 ? SER A 92 ARG A 102 1 ? 11 
# 
_struct_conf_type.id          HELX_P 
_struct_conf_type.criteria    ? 
_struct_conf_type.reference   ? 
# 
_struct_sheet.id               AA1 
_struct_sheet.type             ? 
_struct_sheet.number_strands   5 
_struct_sheet.details          ? 
# 
loop_
_struct_sheet_order.sheet_id 
_struct_sheet_order.range_id_1 
_struct_sheet_order.range_id_2 
_struct_sheet_order.offset 
_struct_sheet_order.sense 
AA1 1 2 ? parallel      
AA1 2 3 ? parallel      
AA1 3 4 ? anti-parallel 
AA1 4 5 ? anti-parallel 
# 
loop_
_struct_sheet_range.sheet_id 
_struct_sheet_range.id 
_struct_sheet_range.beg_label_comp_id 
_struct_sheet_range.beg_label_asym_id 
_struct_sheet_range.beg_label_seq_id 
_struct_sheet_range.pdbx_beg_PDB_ins_code 
_struct_sheet_range.end_label_comp_id 
_struct_sheet_range.end_label_asym_id 
_struct_sheet_range.end_label_seq_id 
_struct_sheet_range.pdbx_end_PDB_ins_code 
_struct_sheet_range.beg_auth_comp_id 
_struct_sheet_range.beg_auth_asym_id 
_struct_sheet_range.beg_auth_seq_id 
_struct_sheet_range.end_auth_comp_id 
_struct_sheet_range.end_auth_asym_id 
_struct_sheet_range.end_auth_seq_id 
AA1 1 VAL A 2  ? PRO A 4  ? VAL A 1  PRO A 3  
AA1 2 ARG A 52 ? ASN A 57 ? ARG A 51 ASN A 56 
AA1 3 VAL A 20 ? TYR A 25 ? VAL A 19 TYR A 24 
AA1 4 THR A 75 ? ARG A 80 ? THR A 74 ARG A 79 
AA1 5 GLN A 83 ? ILE A 89 ? GLN A 82 ILE A 88 
# 
loop_
_pdbx_struct_sheet_hbond.sheet_id 
_pdbx_struct_sheet_hbond.range_id_1 
_pdbx_struct_sheet_hbond.range_id_2 
_pdbx_struct_sheet_hbond.range_1_label_atom_id 
_pdbx_struct_sheet_hbond.range_1_label_comp_id 
_pdbx_struct_sheet_hbond.range_1_label_asym_id 
_pdbx_struct_sheet_hbond.range_1_label_seq_id 
_pdbx_struct_sheet_hbond.range_1_PDB_ins_code 
_pdbx_struct_sheet_hbond.range_1_auth_atom_id 
_pdbx_struct_sheet_hbond.range_1_auth_comp_id 
_pdbx_struct_sheet_hbond.range_1_auth_asym_id 
_pdbx_struct_sheet_hbond.range_1_auth_seq_id 
_pdbx_struct_sheet_hbond.range_2_label_atom_id 
_pdbx_struct_sheet_hbond.range_2_label_comp_id 
_pdbx_struct_sheet_hbond.range_2_label_asym_id 
_pdbx_struct_sheet_hbond.range_2_label_seq_id 
_pdbx_struct_sheet_hbond.range_2_PDB_ins_code 
_pdbx_struct_sheet_hbond.range_2_auth_atom_id 
_pdbx_struct_sheet_hbond.range_2_auth_comp_id 
_pdbx_struct_sheet_hbond.range_2_auth_asym_id 
_pdbx_struct_sheet_hbond.range_2_auth_seq_id 
AA1 1 2 N GLU A 3  ? N GLU A 2  O LYS A 55 ? O LYS A 54 
AA1 2 3 O PHE A 54 ? O PHE A 53 N LEU A 21 ? N LEU A 20 
AA1 3 4 N VAL A 20 ? N VAL A 19 O TYR A 79 ? O TYR A 78 
AA1 4 5 N LEU A 78 ? N LEU A 77 O VAL A 85 ? O VAL A 84 
# 
_struct_site.id                   AC1 
_struct_site.pdbx_evidence_code   Software 
_struct_site.pdbx_auth_asym_id    A 
_struct_site.pdbx_auth_comp_id    SO4 
_struct_site.pdbx_auth_seq_id     201 
_struct_site.pdbx_auth_ins_code   ? 
_struct_site.pdbx_num_residues    8 
_struct_site.details              'binding site for residue SO4 A 201' 
# 
loop_
_struct_site_gen.id 
_struct_site_gen.site_id 
_struct_site_gen.pdbx_num_res 
_struct_site_gen.label_comp_id 
_struct_site_gen.label_asym_id 
_struct_site_gen.label_seq_id 
_struct_site_gen.pdbx_auth_ins_code 
_struct_site_gen.auth_comp_id 
_struct_site_gen.auth_asym_id 
_struct_site_gen.auth_seq_id 
_struct_site_gen.label_atom_id 
_struct_site_gen.label_alt_id 
_struct_site_gen.symmetry 
_struct_site_gen.details 
1 AC1 8 ARG A 69 ? ARG A 68  . ? 8_676 ? 
2 AC1 8 GLN A 83 ? GLN A 82  . ? 1_565 ? 
3 AC1 8 ARG A 87 ? ARG A 86  . ? 8_676 ? 
4 AC1 8 SER A 93 ? SER A 92  . ? 1_555 ? 
5 AC1 8 PRO A 94 ? PRO A 93  . ? 1_555 ? 
6 AC1 8 SER A 95 ? SER A 94  . ? 1_555 ? 
7 AC1 8 HOH C .  ? HOH A 357 . ? 1_565 ? 
8 AC1 8 HOH C .  ? HOH A 371 . ? 1_555 ? 
# 
_atom_sites.entry_id                    5ZF2 
_atom_sites.fract_transf_matrix[1][1]   -0.00065928 
_atom_sites.fract_transf_matrix[1][2]   -0.03367538 
_atom_sites.fract_transf_matrix[1][3]   0.00078701 
_atom_sites.fract_transf_matrix[2][1]   -0.02876211 
_atom_sites.fract_transf_matrix[2][2]   -0.01612937 
_atom_sites.fract_transf_matrix[2][3]   0.00690418 
_atom_sites.fract_transf_matrix[3][1]   -0.00084479 
_atom_sites.fract_transf_matrix[3][2]   -0.00006950 
_atom_sites.fract_transf_matrix[3][3]   -0.00368168 
_atom_sites.fract_transf_vector[1]      0.842788 
_atom_sites.fract_transf_vector[2]      0.740953 
_atom_sites.fract_transf_vector[3]      0.459627 
# 
loop_
_atom_type.symbol 
C 
N 
O 
S 
# 
loop_
_atom_site.group_PDB 
_atom_site.id 
_atom_site.type_symbol 
_atom_site.label_atom_id 
_atom_site.label_alt_id 
_atom_site.label_comp_id 
_atom_site.label_asym_id 
_atom_site.label_entity_id 
_atom_site.label_seq_id 
_atom_site.pdbx_PDB_ins_code 
_atom_site.Cartn_x 
_atom_site.Cartn_y 
_atom_site.Cartn_z 
_atom_site.occupancy 
_atom_site.B_iso_or_equiv 
_atom_site.pdbx_formal_charge 
_atom_site.auth_seq_id 
_atom_site.auth_comp_id 
_atom_site.auth_asym_id 
_atom_site.auth_atom_id 
_atom_site.pdbx_PDB_model_num 
ATOM   1   N N   . SER A 1 1   ? 2.654   -4.811  9.630   1.00 18.49 ? 0   SER A N   1 
ATOM   2   C CA  . SER A 1 1   ? 2.712   -3.479  10.230  1.00 16.97 ? 0   SER A CA  1 
ATOM   3   C C   . SER A 1 1   ? 2.166   -2.421  9.267   1.00 15.62 ? 0   SER A C   1 
ATOM   4   O O   . SER A 1 1   ? 2.139   -2.636  8.068   1.00 13.56 ? 0   SER A O   1 
ATOM   5   C CB  . SER A 1 1   ? 4.150   -3.115  10.619  1.00 23.79 ? 0   SER A CB  1 
ATOM   6   O OG  . SER A 1 1   ? 4.988   -3.050  9.475   1.00 20.58 ? 0   SER A OG  1 
ATOM   7   N N   . VAL A 1 2   ? 1.757   -1.278  9.812   1.00 14.53 ? 1   VAL A N   1 
ATOM   8   C CA  . VAL A 1 2   ? 1.227   -0.151  9.042   1.00 17.98 ? 1   VAL A CA  1 
ATOM   9   C C   . VAL A 1 2   ? 1.861   1.116   9.565   1.00 16.50 ? 1   VAL A C   1 
ATOM   10  O O   . VAL A 1 2   ? 1.765   1.405   10.762  1.00 14.49 ? 1   VAL A O   1 
ATOM   11  C CB  . VAL A 1 2   ? -0.300  -0.026  9.165   1.00 10.92 ? 1   VAL A CB  1 
ATOM   12  C CG1 . VAL A 1 2   ? -0.779  1.126   8.262   1.00 12.47 ? 1   VAL A CG1 1 
ATOM   13  C CG2 . VAL A 1 2   ? -0.980  -1.354  8.830   1.00 18.54 ? 1   VAL A CG2 1 
ATOM   14  N N   . GLU A 1 3   ? 2.467   1.903   8.692   1.00 12.56 ? 2   GLU A N   1 
ATOM   15  C CA  . GLU A 1 3   ? 3.126   3.101   9.180   1.00 12.60 ? 2   GLU A CA  1 
ATOM   16  C C   . GLU A 1 3   ? 3.079   4.162   8.095   1.00 15.48 ? 2   GLU A C   1 
ATOM   17  O O   . GLU A 1 3   ? 2.849   3.841   6.920   1.00 11.81 ? 2   GLU A O   1 
ATOM   18  C CB  . GLU A 1 3   ? 4.569   2.795   9.610   1.00 22.36 ? 2   GLU A CB  1 
ATOM   19  C CG  . GLU A 1 3   ? 5.526   2.438   8.490   1.00 20.72 ? 2   GLU A CG  1 
ATOM   20  C CD  . GLU A 1 3   ? 6.715   1.609   9.028   1.00 32.96 ? 2   GLU A CD  1 
ATOM   21  O OE1 . GLU A 1 3   ? 6.657   0.354   9.007   1.00 28.72 ? 2   GLU A OE1 1 
ATOM   22  O OE2 . GLU A 1 3   ? 7.692   2.219   9.512   1.00 32.91 ? 2   GLU A OE2 1 
ATOM   23  N N   . PRO A 1 4   ? 3.230   5.438   8.451   1.00 17.07 ? 3   PRO A N   1 
ATOM   24  C CA  . PRO A 1 4   ? 3.307   6.483   7.435   1.00 17.00 ? 3   PRO A CA  1 
ATOM   25  C C   . PRO A 1 4   ? 4.552   6.290   6.593   1.00 12.71 ? 3   PRO A C   1 
ATOM   26  O O   . PRO A 1 4   ? 5.601   5.862   7.088   1.00 14.00 ? 3   PRO A O   1 
ATOM   27  C CB  . PRO A 1 4   ? 3.400   7.788   8.248   1.00 18.79 ? 3   PRO A CB  1 
ATOM   28  C CG  . PRO A 1 4   ? 3.164   7.420   9.649   1.00 20.55 ? 3   PRO A CG  1 
ATOM   29  C CD  . PRO A 1 4   ? 3.454   5.963   9.812   1.00 20.14 ? 3   PRO A CD  1 
ATOM   30  N N   . TYR A 1 5   ? 4.436   6.630   5.318   1.00 13.86 ? 4   TYR A N   1 
ATOM   31  C CA  . TYR A 1 5   ? 5.604   6.604   4.457   1.00 14.68 ? 4   TYR A CA  1 
ATOM   32  C C   . TYR A 1 5   ? 6.673   7.568   4.967   1.00 20.45 ? 4   TYR A C   1 
ATOM   33  O O   . TYR A 1 5   ? 6.393   8.732   5.292   1.00 15.10 ? 4   TYR A O   1 
ATOM   34  C CB  . TYR A 1 5   ? 5.250   6.970   3.011   1.00 12.30 ? 4   TYR A CB  1 
ATOM   35  C CG  . TYR A 1 5   ? 6.489   6.991   2.157   1.00 19.09 ? 4   TYR A CG  1 
ATOM   36  C CD1 . TYR A 1 5   ? 6.976   5.821   1.569   1.00 16.86 ? 4   TYR A CD1 1 
ATOM   37  C CD2 . TYR A 1 5   ? 7.227   8.164   2.015   1.00 20.00 ? 4   TYR A CD2 1 
ATOM   38  C CE1 . TYR A 1 5   ? 8.138   5.841   0.815   1.00 18.22 ? 4   TYR A CE1 1 
ATOM   39  C CE2 . TYR A 1 5   ? 8.375   8.190   1.295   1.00 25.67 ? 4   TYR A CE2 1 
ATOM   40  C CZ  . TYR A 1 5   ? 8.824   7.038   0.686   1.00 26.53 ? 4   TYR A CZ  1 
ATOM   41  O OH  . TYR A 1 5   ? 9.982   7.126   -0.043  1.00 34.42 ? 4   TYR A OH  1 
ATOM   42  N N   . SER A 1 6   ? 7.901   7.060   5.024   1.00 19.07 ? 5   SER A N   1 
ATOM   43  C CA  . SER A 1 6   ? 9.109   7.861   5.117   1.00 16.71 ? 5   SER A CA  1 
ATOM   44  C C   . SER A 1 6   ? 10.163  7.154   4.293   1.00 22.00 ? 5   SER A C   1 
ATOM   45  O O   . SER A 1 6   ? 10.094  5.935   4.098   1.00 16.09 ? 5   SER A O   1 
ATOM   46  C CB  . SER A 1 6   ? 9.591   8.043   6.563   1.00 23.35 ? 5   SER A CB  1 
ATOM   47  O OG  . SER A 1 6   ? 10.161  6.850   7.075   1.00 18.68 ? 5   SER A OG  1 
ATOM   48  N N   . ASP A 1 7   ? 11.091  7.947   3.747   1.00 27.17 ? 6   ASP A N   1 
ATOM   49  C CA  . ASP A 1 7   ? 12.198  7.403   2.966   1.00 28.85 ? 6   ASP A CA  1 
ATOM   50  C C   . ASP A 1 7   ? 12.919  6.302   3.729   1.00 20.82 ? 6   ASP A C   1 
ATOM   51  O O   . ASP A 1 7   ? 13.107  5.198   3.210   1.00 19.92 ? 6   ASP A O   1 
ATOM   52  C CB  . ASP A 1 7   ? 13.191  8.511   2.600   1.00 33.59 ? 6   ASP A CB  1 
ATOM   53  C CG  . ASP A 1 7   ? 12.587  9.574   1.691   1.00 45.67 ? 6   ASP A CG  1 
ATOM   54  O OD1 . ASP A 1 7   ? 11.570  9.271   1.033   1.00 34.05 ? 6   ASP A OD1 1 
ATOM   55  O OD2 . ASP A 1 7   ? 13.143  10.706  1.635   1.00 49.87 ? 6   ASP A OD2 1 
ATOM   56  N N   . ALA A 1 8   ? 13.304  6.575   4.983   1.00 18.44 ? 7   ALA A N   1 
ATOM   57  C CA  . ALA A 1 8   ? 14.159  5.635   5.699   1.00 18.79 ? 7   ALA A CA  1 
ATOM   58  C C   . ALA A 1 8   ? 13.418  4.345   6.040   1.00 19.41 ? 7   ALA A C   1 
ATOM   59  O O   . ALA A 1 8   ? 13.980  3.251   5.921   1.00 17.64 ? 7   ALA A O   1 
ATOM   60  C CB  . ALA A 1 8   ? 14.717  6.281   6.966   1.00 20.40 ? 7   ALA A CB  1 
ATOM   61  N N   . ALA A 1 9   ? 12.164  4.439   6.488   1.00 16.62 ? 8   ALA A N   1 
ATOM   62  C CA  . ALA A 1 9   ? 11.469  3.200   6.815   1.00 15.73 ? 8   ALA A CA  1 
ATOM   63  C C   . ALA A 1 9   ? 11.165  2.381   5.559   1.00 14.60 ? 8   ALA A C   1 
ATOM   64  O O   . ALA A 1 9   ? 11.204  1.147   5.597   1.00 17.09 ? 8   ALA A O   1 
ATOM   65  C CB  . ALA A 1 9   ? 10.193  3.499   7.604   1.00 16.58 ? 8   ALA A CB  1 
ATOM   66  N N   . PHE A 1 10  ? 10.848  3.036   4.446   1.00 14.06 ? 9   PHE A N   1 
ATOM   67  C CA  . PHE A 1 10  ? 10.562  2.297   3.213   1.00 13.18 ? 9   PHE A CA  1 
ATOM   68  C C   . PHE A 1 10  ? 11.804  1.576   2.703   1.00 18.29 ? 9   PHE A C   1 
ATOM   69  O O   . PHE A 1 10  ? 11.747  0.387   2.348   1.00 17.55 ? 9   PHE A O   1 
ATOM   70  C CB  . PHE A 1 10  ? 10.015  3.239   2.138   1.00 17.86 ? 9   PHE A CB  1 
ATOM   71  C CG  . PHE A 1 10  ? 9.753   2.570   0.818   1.00 19.08 ? 9   PHE A CG  1 
ATOM   72  C CD1 . PHE A 1 10  ? 8.614   1.799   0.623   1.00 17.47 ? 9   PHE A CD1 1 
ATOM   73  C CD2 . PHE A 1 10  ? 10.644  2.713   -0.231  1.00 24.16 ? 9   PHE A CD2 1 
ATOM   74  C CE1 . PHE A 1 10  ? 8.376   1.187   -0.623  1.00 15.33 ? 9   PHE A CE1 1 
ATOM   75  C CE2 . PHE A 1 10  ? 10.421  2.094   -1.468  1.00 24.62 ? 9   PHE A CE2 1 
ATOM   76  C CZ  . PHE A 1 10  ? 9.285   1.341   -1.659  1.00 16.19 ? 9   PHE A CZ  1 
ATOM   77  N N   . THR A 1 11  ? 12.943  2.276   2.651   1.00 16.50 ? 10  THR A N   1 
ATOM   78  C CA  . THR A 1 11  ? 14.147  1.646   2.127   1.00 22.66 ? 10  THR A CA  1 
ATOM   79  C C   . THR A 1 11  ? 14.570  0.478   3.011   1.00 23.92 ? 10  THR A C   1 
ATOM   80  O O   . THR A 1 11  ? 15.004  -0.569  2.507   1.00 20.94 ? 10  THR A O   1 
ATOM   81  C CB  . THR A 1 11  ? 15.294  2.663   1.991   1.00 34.59 ? 10  THR A CB  1 
ATOM   82  O OG1 . THR A 1 11  ? 15.745  3.064   3.277   1.00 46.39 ? 10  THR A OG1 1 
ATOM   83  C CG2 . THR A 1 11  ? 14.864  3.905   1.217   1.00 31.71 ? 10  THR A CG2 1 
ATOM   84  N N   . GLN A 1 12  ? 14.404  0.615   4.330   1.00 18.53 ? 11  GLN A N   1 
ATOM   85  C CA  . GLN A 1 12  ? 14.762  -0.489  5.212   1.00 19.51 ? 11  GLN A CA  1 
ATOM   86  C C   . GLN A 1 12  ? 13.812  -1.667  5.018   1.00 20.62 ? 11  GLN A C   1 
ATOM   87  O O   . GLN A 1 12  ? 14.249  -2.824  5.000   1.00 20.04 ? 11  GLN A O   1 
ATOM   88  C CB  . GLN A 1 12  ? 14.780  -0.018  6.663   1.00 25.04 ? 11  GLN A CB  1 
ATOM   89  C CG  . GLN A 1 12  ? 15.051  -1.115  7.663   1.00 32.43 ? 11  GLN A CG  1 
ATOM   90  C CD  . GLN A 1 12  ? 14.056  -1.101  8.806   1.00 50.54 ? 11  GLN A CD  1 
ATOM   91  O OE1 . GLN A 1 12  ? 14.212  -0.331  9.750   1.00 52.13 ? 11  GLN A OE1 1 
ATOM   92  N NE2 . GLN A 1 12  ? 13.004  -1.920  8.709   1.00 57.63 ? 11  GLN A NE2 1 
ATOM   93  N N   . ALA A 1 13  ? 12.513  -1.397  4.837   1.00 16.89 ? 12  ALA A N   1 
ATOM   94  C CA  . ALA A 1 13  ? 11.582  -2.482  4.526   1.00 21.71 ? 12  ALA A CA  1 
ATOM   95  C C   . ALA A 1 13  ? 11.952  -3.186  3.217   1.00 16.51 ? 12  ALA A C   1 
ATOM   96  O O   . ALA A 1 13  ? 11.957  -4.424  3.149   1.00 18.71 ? 12  ALA A O   1 
ATOM   97  C CB  . ALA A 1 13  ? 10.144  -1.948  4.467   1.00 14.24 ? 12  ALA A CB  1 
ATOM   98  N N   . GLN A 1 14  ? 12.291  -2.427  2.174   1.00 17.97 ? 13  GLN A N   1 
ATOM   99  C CA  . GLN A 1 14  ? 12.629  -3.055  0.893   1.00 14.78 ? 13  GLN A CA  1 
ATOM   100 C C   . GLN A 1 14  ? 13.877  -3.921  0.983   1.00 19.67 ? 13  GLN A C   1 
ATOM   101 O O   . GLN A 1 14  ? 13.984  -4.929  0.274   1.00 21.40 ? 13  GLN A O   1 
ATOM   102 C CB  . GLN A 1 14  ? 12.827  -1.998  -0.189  1.00 19.19 ? 13  GLN A CB  1 
ATOM   103 C CG  . GLN A 1 14  ? 11.555  -1.255  -0.529  1.00 21.06 ? 13  GLN A CG  1 
ATOM   104 C CD  . GLN A 1 14  ? 10.632  -2.073  -1.411  1.00 25.39 ? 13  GLN A CD  1 
ATOM   105 O OE1 . GLN A 1 14  ? 10.053  -3.072  -0.974  1.00 21.75 ? 13  GLN A OE1 1 
ATOM   106 N NE2 . GLN A 1 14  ? 10.490  -1.648  -2.660  1.00 20.26 ? 13  GLN A NE2 1 
ATOM   107 N N   . ALA A 1 15  ? 14.841  -3.540  1.809   1.00 19.81 ? 14  ALA A N   1 
ATOM   108 C CA  . ALA A 1 15  ? 16.054  -4.334  1.951   1.00 24.01 ? 14  ALA A CA  1 
ATOM   109 C C   . ALA A 1 15  ? 15.867  -5.554  2.858   1.00 26.51 ? 14  ALA A C   1 
ATOM   110 O O   . ALA A 1 15  ? 16.723  -6.445  2.855   1.00 19.36 ? 14  ALA A O   1 
ATOM   111 C CB  . ALA A 1 15  ? 17.182  -3.451  2.486   1.00 20.78 ? 14  ALA A CB  1 
ATOM   112 N N   . SER A 1 16  ? 14.755  -5.637  3.593   1.00 23.30 ? 15  SER A N   1 
ATOM   113 C CA  . SER A 1 16  ? 14.539  -6.675  4.592   1.00 24.12 ? 15  SER A CA  1 
ATOM   114 C C   . SER A 1 16  ? 14.150  -8.025  4.002   1.00 20.63 ? 15  SER A C   1 
ATOM   115 O O   . SER A 1 16  ? 14.213  -9.030  4.714   1.00 22.71 ? 15  SER A O   1 
ATOM   116 C CB  . SER A 1 16  ? 13.425  -6.254  5.555   1.00 21.89 ? 15  SER A CB  1 
ATOM   117 O OG  . SER A 1 16  ? 12.157  -6.337  4.897   1.00 17.82 ? 15  SER A OG  1 
ATOM   118 N N   . GLY A 1 17  ? 13.709  -8.080  2.752   1.00 16.40 ? 16  GLY A N   1 
ATOM   119 C CA  . GLY A 1 17  ? 13.145  -9.306  2.225   1.00 20.61 ? 16  GLY A CA  1 
ATOM   120 C C   . GLY A 1 17  ? 11.646  -9.448  2.394   1.00 19.77 ? 16  GLY A C   1 
ATOM   121 O O   . GLY A 1 17  ? 11.043  -10.288 1.711   1.00 22.54 ? 16  GLY A O   1 
ATOM   122 N N   . ALA A 1 18  ? 11.008  -8.623  3.262   1.00 19.92 ? 17  ALA A N   1 
ATOM   123 C CA  . ALA A 1 18  ? 9.570   -8.745  3.470   1.00 17.05 ? 17  ALA A CA  1 
ATOM   124 C C   . ALA A 1 18  ? 8.788   -8.145  2.295   1.00 16.97 ? 17  ALA A C   1 
ATOM   125 O O   . ALA A 1 18  ? 9.273   -7.236  1.615   1.00 19.58 ? 17  ALA A O   1 
ATOM   126 C CB  . ALA A 1 18  ? 9.158   -8.050  4.772   1.00 18.67 ? 17  ALA A CB  1 
ATOM   127 N N   . PRO A 1 19  ? 7.563   -8.619  2.065   1.00 15.72 ? 18  PRO A N   1 
ATOM   128 C CA  . PRO A 1 19  ? 6.658   -7.920  1.143   1.00 17.08 ? 18  PRO A CA  1 
ATOM   129 C C   . PRO A 1 19  ? 6.298   -6.540  1.661   1.00 20.67 ? 18  PRO A C   1 
ATOM   130 O O   . PRO A 1 19  ? 6.161   -6.323  2.870   1.00 14.27 ? 18  PRO A O   1 
ATOM   131 C CB  . PRO A 1 19  ? 5.407   -8.813  1.100   1.00 16.88 ? 18  PRO A CB  1 
ATOM   132 C CG  . PRO A 1 19  ? 5.633   -9.919  2.067   1.00 21.09 ? 18  PRO A CG  1 
ATOM   133 C CD  . PRO A 1 19  ? 6.893   -9.691  2.823   1.00 18.38 ? 18  PRO A CD  1 
ATOM   134 N N   . VAL A 1 20  ? 6.110   -5.607  0.729   1.00 13.65 ? 19  VAL A N   1 
ATOM   135 C CA  . VAL A 1 20  ? 5.821   -4.216  1.067   1.00 13.00 ? 19  VAL A CA  1 
ATOM   136 C C   . VAL A 1 20  ? 4.625   -3.736  0.265   1.00 12.50 ? 19  VAL A C   1 
ATOM   137 O O   . VAL A 1 20  ? 4.576   -3.930  -0.955  1.00 12.75 ? 19  VAL A O   1 
ATOM   138 C CB  . VAL A 1 20  ? 7.024   -3.299  0.794   1.00 13.27 ? 19  VAL A CB  1 
ATOM   139 C CG1 . VAL A 1 20  ? 6.623   -1.873  1.037   1.00 11.99 ? 19  VAL A CG1 1 
ATOM   140 C CG2 . VAL A 1 20  ? 8.198   -3.711  1.701   1.00 11.07 ? 19  VAL A CG2 1 
ATOM   141 N N   . LEU A 1 21  ? 3.682   -3.085  0.938   1.00 11.37 ? 20  LEU A N   1 
ATOM   142 C CA  . LEU A 1 21  ? 2.526   -2.506  0.274   1.00 11.52 ? 20  LEU A CA  1 
ATOM   143 C C   . LEU A 1 21  ? 2.628   -0.995  0.383   1.00 16.84 ? 20  LEU A C   1 
ATOM   144 O O   . LEU A 1 21  ? 2.688   -0.447  1.494   1.00 14.99 ? 20  LEU A O   1 
ATOM   145 C CB  . LEU A 1 21  ? 1.216   -2.989  0.899   1.00 12.56 ? 20  LEU A CB  1 
ATOM   146 C CG  . LEU A 1 21  ? 0.009   -2.314  0.270   1.00 13.44 ? 20  LEU A CG  1 
ATOM   147 C CD1 . LEU A 1 21  ? -0.210  -2.854  -1.160  1.00 12.96 ? 20  LEU A CD1 1 
ATOM   148 C CD2 . LEU A 1 21  ? -1.255  -2.511  1.146   1.00 14.35 ? 20  LEU A CD2 1 
ATOM   149 N N   . VAL A 1 22  ? 2.620   -0.327  -0.752  1.00 11.13 ? 21  VAL A N   1 
ATOM   150 C CA  . VAL A 1 22  ? 2.521   1.126   -0.806  1.00 12.18 ? 21  VAL A CA  1 
ATOM   151 C C   . VAL A 1 22  ? 1.054   1.461   -1.037  1.00 18.81 ? 21  VAL A C   1 
ATOM   152 O O   . VAL A 1 22  ? 0.474   1.066   -2.059  1.00 15.18 ? 21  VAL A O   1 
ATOM   153 C CB  . VAL A 1 22  ? 3.418   1.697   -1.920  1.00 16.84 ? 21  VAL A CB  1 
ATOM   154 C CG1 . VAL A 1 22  ? 3.109   3.169   -2.174  1.00 16.98 ? 21  VAL A CG1 1 
ATOM   155 C CG2 . VAL A 1 22  ? 4.885   1.502   -1.543  1.00 13.73 ? 21  VAL A CG2 1 
ATOM   156 N N   . ASP A 1 23  ? 0.464   2.199   -0.106  1.00 13.64 ? 22  ASP A N   1 
ATOM   157 C CA  . ASP A 1 23  ? -0.966  2.493   -0.096  1.00 15.01 ? 22  ASP A CA  1 
ATOM   158 C C   . ASP A 1 23  ? -1.116  4.005   -0.174  1.00 14.45 ? 22  ASP A C   1 
ATOM   159 O O   . ASP A 1 23  ? -0.942  4.702   0.831   1.00 16.52 ? 22  ASP A O   1 
ATOM   160 C CB  . ASP A 1 23  ? -1.628  1.923   1.157   1.00 18.38 ? 22  ASP A CB  1 
ATOM   161 C CG  . ASP A 1 23  ? -3.100  2.288   1.273   1.00 23.56 ? 22  ASP A CG  1 
ATOM   162 O OD1 . ASP A 1 23  ? -3.643  3.000   0.409   1.00 24.78 ? 22  ASP A OD1 1 
ATOM   163 O OD2 . ASP A 1 23  ? -3.720  1.854   2.259   1.00 32.55 ? 22  ASP A OD2 1 
ATOM   164 N N   . VAL A 1 24  ? -1.460  4.506   -1.355  1.00 14.32 ? 23  VAL A N   1 
ATOM   165 C CA  . VAL A 1 24  ? -1.560  5.946   -1.582  1.00 17.12 ? 23  VAL A CA  1 
ATOM   166 C C   . VAL A 1 24  ? -2.983  6.405   -1.309  1.00 23.27 ? 23  VAL A C   1 
ATOM   167 O O   . VAL A 1 24  ? -3.913  6.065   -2.055  1.00 24.13 ? 23  VAL A O   1 
ATOM   168 C CB  . VAL A 1 24  ? -1.145  6.319   -3.007  1.00 18.72 ? 23  VAL A CB  1 
ATOM   169 C CG1 . VAL A 1 24  ? -1.302  7.832   -3.203  1.00 18.49 ? 23  VAL A CG1 1 
ATOM   170 C CG2 . VAL A 1 24  ? 0.291   5.868   -3.277  1.00 17.75 ? 23  VAL A CG2 1 
ATOM   171 N N   . TYR A 1 25  ? -3.141  7.254   -0.308  1.00 16.97 ? 24  TYR A N   1 
ATOM   172 C CA  . TYR A 1 25  ? -4.458  7.648   0.146   1.00 18.37 ? 24  TYR A CA  1 
ATOM   173 C C   . TYR A 1 25  ? -4.585  9.158   0.066   1.00 20.65 ? 24  TYR A C   1 
ATOM   174 O O   . TYR A 1 25  ? -3.607  9.885   -0.144  1.00 27.15 ? 24  TYR A O   1 
ATOM   175 C CB  . TYR A 1 25  ? -4.706  7.149   1.587   1.00 20.85 ? 24  TYR A CB  1 
ATOM   176 C CG  . TYR A 1 25  ? -3.954  7.946   2.644   1.00 27.05 ? 24  TYR A CG  1 
ATOM   177 C CD1 . TYR A 1 25  ? -2.618  7.683   2.945   1.00 18.43 ? 24  TYR A CD1 1 
ATOM   178 C CD2 . TYR A 1 25  ? -4.583  8.981   3.329   1.00 27.36 ? 24  TYR A CD2 1 
ATOM   179 C CE1 . TYR A 1 25  ? -1.931  8.449   3.900   1.00 18.85 ? 24  TYR A CE1 1 
ATOM   180 C CE2 . TYR A 1 25  ? -3.907  9.735   4.272   1.00 28.32 ? 24  TYR A CE2 1 
ATOM   181 C CZ  . TYR A 1 25  ? -2.589  9.459   4.557   1.00 20.52 ? 24  TYR A CZ  1 
ATOM   182 O OH  . TYR A 1 25  ? -1.946  10.230  5.515   1.00 24.10 ? 24  TYR A OH  1 
ATOM   183 N N   . ALA A 1 26  ? -5.823  9.629   0.246   1.00 24.10 ? 25  ALA A N   1 
ATOM   184 C CA  . ALA A 1 26  ? -6.104  11.048  0.396   1.00 28.89 ? 25  ALA A CA  1 
ATOM   185 C C   . ALA A 1 26  ? -7.161  11.203  1.478   1.00 28.62 ? 25  ALA A C   1 
ATOM   186 O O   . ALA A 1 26  ? -8.085  10.390  1.569   1.00 29.35 ? 25  ALA A O   1 
ATOM   187 C CB  . ALA A 1 26  ? -6.581  11.671  -0.920  1.00 33.49 ? 25  ALA A CB  1 
ATOM   188 N N   . ASP A 1 27  ? -7.019  12.255  2.288   1.00 34.97 ? 26  ASP A N   1 
ATOM   189 C CA  . ASP A 1 27  ? -7.913  12.497  3.413   1.00 45.87 ? 26  ASP A CA  1 
ATOM   190 C C   . ASP A 1 27  ? -9.340  12.837  3.003   1.00 48.63 ? 26  ASP A C   1 
ATOM   191 O O   . ASP A 1 27  ? -10.230 12.764  3.856   1.00 54.08 ? 26  ASP A O   1 
ATOM   192 C CB  . ASP A 1 27  ? -7.354  13.611  4.297   1.00 47.88 ? 26  ASP A CB  1 
ATOM   193 C CG  . ASP A 1 27  ? -6.297  13.106  5.268   1.00 58.28 ? 26  ASP A CG  1 
ATOM   194 O OD1 . ASP A 1 27  ? -6.320  11.903  5.610   1.00 58.68 ? 26  ASP A OD1 1 
ATOM   195 O OD2 . ASP A 1 27  ? -5.442  13.912  5.693   1.00 70.51 ? 26  ASP A OD2 1 
ATOM   196 N N   . TRP A 1 28  ? -9.593  13.185  1.743   1.00 41.48 ? 27  TRP A N   1 
ATOM   197 C CA  . TRP A 1 28  ? -10.940 13.521  1.298   1.00 48.60 ? 27  TRP A CA  1 
ATOM   198 C C   . TRP A 1 28  ? -11.398 12.645  0.140   1.00 54.28 ? 27  TRP A C   1 
ATOM   199 O O   . TRP A 1 28  ? -12.066 13.110  -0.788  1.00 64.58 ? 27  TRP A O   1 
ATOM   200 C CB  . TRP A 1 28  ? -11.026 14.994  0.914   1.00 51.68 ? 27  TRP A CB  1 
ATOM   201 C CG  . TRP A 1 28  ? -11.196 15.842  2.108   1.00 54.47 ? 27  TRP A CG  1 
ATOM   202 C CD1 . TRP A 1 28  ? -10.223 16.516  2.785   1.00 53.95 ? 27  TRP A CD1 1 
ATOM   203 C CD2 . TRP A 1 28  ? -12.420 16.085  2.805   1.00 54.87 ? 27  TRP A CD2 1 
ATOM   204 N NE1 . TRP A 1 28  ? -10.769 17.175  3.857   1.00 61.01 ? 27  TRP A NE1 1 
ATOM   205 C CE2 . TRP A 1 28  ? -12.118 16.930  3.891   1.00 62.60 ? 27  TRP A CE2 1 
ATOM   206 C CE3 . TRP A 1 28  ? -13.744 15.672  2.615   1.00 55.76 ? 27  TRP A CE3 1 
ATOM   207 C CZ2 . TRP A 1 28  ? -13.097 17.379  4.785   1.00 61.65 ? 27  TRP A CZ2 1 
ATOM   208 C CZ3 . TRP A 1 28  ? -14.718 16.119  3.503   1.00 60.51 ? 27  TRP A CZ3 1 
ATOM   209 C CH2 . TRP A 1 28  ? -14.387 16.962  4.575   1.00 58.83 ? 27  TRP A CH2 1 
ATOM   210 N N   . CYS A 1 29  ? -11.068 11.360  0.187   1.00 46.17 ? 28  CYS A N   1 
ATOM   211 C CA  . CYS A 1 29  ? -11.415 10.440  -0.888  1.00 36.15 ? 28  CYS A CA  1 
ATOM   212 C C   . CYS A 1 29  ? -12.346 9.351   -0.369  1.00 44.11 ? 28  CYS A C   1 
ATOM   213 O O   . CYS A 1 29  ? -11.936 8.549   0.492   1.00 36.92 ? 28  CYS A O   1 
ATOM   214 C CB  . CYS A 1 29  ? -10.168 9.820   -1.498  1.00 39.41 ? 28  CYS A CB  1 
ATOM   215 S SG  . CYS A 1 29  ? -10.572 8.534   -2.694  1.00 49.82 ? 28  CYS A SG  1 
ATOM   216 N N   . PRO A 1 30  ? -13.588 9.274   -0.862  1.00 47.34 ? 29  PRO A N   1 
ATOM   217 C CA  . PRO A 1 30  ? -14.492 8.211   -0.399  1.00 42.11 ? 29  PRO A CA  1 
ATOM   218 C C   . PRO A 1 30  ? -14.035 6.831   -0.819  1.00 40.48 ? 29  PRO A C   1 
ATOM   219 O O   . PRO A 1 30  ? -14.236 5.861   -0.077  1.00 40.95 ? 29  PRO A O   1 
ATOM   220 C CB  . PRO A 1 30  ? -15.839 8.578   -1.044  1.00 45.11 ? 29  PRO A CB  1 
ATOM   221 C CG  . PRO A 1 30  ? -15.653 9.945   -1.649  1.00 47.69 ? 29  PRO A CG  1 
ATOM   222 C CD  . PRO A 1 30  ? -14.194 10.092  -1.923  1.00 49.80 ? 29  PRO A CD  1 
ATOM   223 N N   . VAL A 1 31  ? -13.386 6.727   -1.959  1.00 34.09 ? 30  VAL A N   1 
ATOM   224 C CA  . VAL A 1 31  ? -12.828 5.456   -2.329  1.00 33.99 ? 30  VAL A CA  1 
ATOM   225 C C   . VAL A 1 31  ? -11.734 5.038   -1.368  1.00 27.50 ? 30  VAL A C   1 
ATOM   226 O O   . VAL A 1 31  ? -11.750 3.935   -0.898  1.00 26.08 ? 30  VAL A O   1 
ATOM   227 C CB  . VAL A 1 31  ? -12.392 5.390   -3.809  1.00 29.42 ? 30  VAL A CB  1 
ATOM   228 C CG1 . VAL A 1 31  ? -11.672 4.083   -4.096  1.00 27.68 ? 30  VAL A CG1 1 
ATOM   229 C CG2 . VAL A 1 31  ? -13.603 5.499   -4.717  1.00 29.53 ? 30  VAL A CG2 1 
ATOM   230 N N   . CYS A 1 32  ? -10.846 5.960   -1.030  1.00 28.57 ? 31  CYS A N   1 
ATOM   231 C CA  . CYS A 1 32  ? -9.766  5.670   -0.108  1.00 29.25 ? 31  CYS A CA  1 
ATOM   232 C C   . CYS A 1 32  ? -10.267 5.201   1.222   1.00 28.74 ? 31  CYS A C   1 
ATOM   233 O O   . CYS A 1 32  ? -9.752  4.288   1.767   1.00 27.33 ? 31  CYS A O   1 
ATOM   234 C CB  . CYS A 1 32  ? -8.844  6.836   0.093   1.00 36.99 ? 31  CYS A CB  1 
ATOM   235 S SG  . CYS A 1 32  ? -7.866  7.267   -1.319  1.00 39.84 ? 31  CYS A SG  1 
ATOM   236 N N   . LYS A 1 33  ? -11.271 5.891   1.724   1.00 31.18 ? 32  LYS A N   1 
ATOM   237 C CA  . LYS A 1 33  ? -11.937 5.533   2.961   1.00 32.34 ? 32  LYS A CA  1 
ATOM   238 C C   . LYS A 1 33  ? -12.442 4.112   2.915   1.00 30.56 ? 32  LYS A C   1 
ATOM   239 O O   . LYS A 1 33  ? -12.059 3.308   3.690   1.00 35.23 ? 32  LYS A O   1 
ATOM   240 C CB  . LYS A 1 33  ? -13.084 6.507   3.199   1.00 35.51 ? 32  LYS A CB  1 
ATOM   241 C CG  . LYS A 1 33  ? -13.336 6.843   4.631   1.00 48.83 ? 32  LYS A CG  1 
ATOM   242 C CD  . LYS A 1 33  ? -12.066 6.884   5.414   1.00 58.16 ? 32  LYS A CD  1 
ATOM   243 C CE  . LYS A 1 33  ? -12.014 5.765   6.408   1.00 65.43 ? 32  LYS A CE  1 
ATOM   244 N NZ  . LYS A 1 33  ? -11.265 6.220   7.607   1.00 65.13 ? 32  LYS A NZ  1 
ATOM   245 N N   . ARG A 1 34  ? -13.262 3.833   1.941   1.00 29.69 ? 33  ARG A N   1 
ATOM   246 C CA  . ARG A 1 34  ? -13.735 2.522   1.608   1.00 28.05 ? 33  ARG A CA  1 
ATOM   247 C C   . ARG A 1 34  ? -12.673 1.413   1.496   1.00 30.33 ? 33  ARG A C   1 
ATOM   248 O O   . ARG A 1 34  ? -12.801 0.394   2.080   1.00 27.15 ? 33  ARG A O   1 
ATOM   249 C CB  . ARG A 1 34  ? -14.464 2.632   0.301   1.00 37.17 ? 33  ARG A CB  1 
ATOM   250 C CG  . ARG A 1 34  ? -15.587 1.661   0.085   1.00 50.16 ? 33  ARG A CG  1 
ATOM   251 C CD  . ARG A 1 34  ? -16.820 2.320   -0.578  1.00 62.51 ? 33  ARG A CD  1 
ATOM   252 N NE  . ARG A 1 34  ? -16.579 3.250   -1.700  1.00 67.71 ? 33  ARG A NE  1 
ATOM   253 C CZ  . ARG A 1 34  ? -17.203 4.418   -1.869  1.00 65.75 ? 33  ARG A CZ  1 
ATOM   254 N NH1 . ARG A 1 34  ? -18.079 4.876   -0.983  1.00 61.65 ? 33  ARG A NH1 1 
ATOM   255 N NH2 . ARG A 1 34  ? -16.931 5.167   -2.912  1.00 65.97 ? 33  ARG A NH2 1 
ATOM   256 N N   . GLN A 1 35  ? -11.622 1.649   0.747   1.00 24.20 ? 34  GLN A N   1 
ATOM   257 C CA  . GLN A 1 35  ? -10.469 0.777   0.761   1.00 22.06 ? 34  GLN A CA  1 
ATOM   258 C C   . GLN A 1 35  ? -9.938  0.512   2.161   1.00 29.03 ? 34  GLN A C   1 
ATOM   259 O O   . GLN A 1 35  ? -9.799  -0.612  2.540   1.00 25.21 ? 34  GLN A O   1 
ATOM   260 C CB  . GLN A 1 35  ? -9.353  1.320   -0.128  1.00 24.74 ? 34  GLN A CB  1 
ATOM   261 C CG  . GLN A 1 35  ? -9.532  1.055   -1.601  1.00 19.89 ? 34  GLN A CG  1 
ATOM   262 C CD  . GLN A 1 35  ? -8.384  1.557   -2.418  1.00 23.31 ? 34  GLN A CD  1 
ATOM   263 O OE1 . GLN A 1 35  ? -7.715  2.492   -2.055  1.00 23.06 ? 34  GLN A OE1 1 
ATOM   264 N NE2 . GLN A 1 35  ? -8.166  0.941   -3.528  1.00 17.71 ? 34  GLN A NE2 1 
ATOM   265 N N   . GLU A 1 36  ? -9.650  1.575   2.900   1.00 24.58 ? 35  GLU A N   1 
ATOM   266 C CA  . GLU A 1 36  ? -9.035  1.461   4.211   1.00 25.20 ? 35  GLU A CA  1 
ATOM   267 C C   . GLU A 1 36  ? -9.832  0.551   5.120   1.00 25.51 ? 35  GLU A C   1 
ATOM   268 O O   . GLU A 1 36  ? -9.314  -0.328  5.694   1.00 29.83 ? 35  GLU A O   1 
ATOM   269 C CB  . GLU A 1 36  ? -8.772  2.821   4.859   1.00 37.18 ? 35  GLU A CB  1 
ATOM   270 C CG  . GLU A 1 36  ? -8.402  2.756   6.336   1.00 49.69 ? 35  GLU A CG  1 
ATOM   271 C CD  . GLU A 1 36  ? -8.076  4.108   6.940   1.00 64.38 ? 35  GLU A CD  1 
ATOM   272 O OE1 . GLU A 1 36  ? -6.905  4.365   7.275   1.00 68.98 ? 35  GLU A OE1 1 
ATOM   273 O OE2 . GLU A 1 36  ? -8.987  4.937   7.076   1.00 68.29 ? 35  GLU A OE2 1 
ATOM   274 N N   . ARG A 1 37  ? -11.122 0.747   5.176   1.00 26.86 ? 36  ARG A N   1 
ATOM   275 C CA  . ARG A 1 37  ? -12.046 -0.173  5.802   1.00 31.05 ? 36  ARG A CA  1 
ATOM   276 C C   . ARG A 1 37  ? -11.826 -1.639  5.566   1.00 25.09 ? 36  ARG A C   1 
ATOM   277 O O   . ARG A 1 37  ? -11.878 -2.429  6.429   1.00 25.21 ? 36  ARG A O   1 
ATOM   278 C CB  . ARG A 1 37  ? -13.454 0.107   5.309   1.00 37.02 ? 36  ARG A CB  1 
ATOM   279 C CG  . ARG A 1 37  ? -14.209 0.986   6.187   1.00 47.54 ? 36  ARG A CG  1 
ATOM   280 C CD  . ARG A 1 37  ? -13.575 2.320   6.329   1.00 63.32 ? 36  ARG A CD  1 
ATOM   281 N NE  . ARG A 1 37  ? -14.589 3.335   6.201   1.00 68.49 ? 36  ARG A NE  1 
ATOM   282 C CZ  . ARG A 1 37  ? -14.953 4.080   7.210   1.00 72.18 ? 36  ARG A CZ  1 
ATOM   283 N NH1 . ARG A 1 37  ? -14.364 3.885   8.378   1.00 75.79 ? 36  ARG A NH1 1 
ATOM   284 N NH2 . ARG A 1 37  ? -15.889 4.995   7.066   1.00 72.46 ? 36  ARG A NH2 1 
ATOM   285 N N   . GLU A 1 38  ? -11.682 -1.984  4.331   1.00 23.21 ? 37  GLU A N   1 
ATOM   286 C CA  . GLU A 1 38  ? -11.611 -3.380  3.924   1.00 23.50 ? 37  GLU A CA  1 
ATOM   287 C C   . GLU A 1 38  ? -10.210 -3.943  4.037   1.00 20.71 ? 37  GLU A C   1 
ATOM   288 O O   . GLU A 1 38  ? -10.053 -5.142  4.289   1.00 23.94 ? 37  GLU A O   1 
ATOM   289 C CB  . GLU A 1 38  ? -12.127 -3.515  2.488   1.00 20.11 ? 37  GLU A CB  1 
ATOM   290 C CG  . GLU A 1 38  ? -13.587 -3.024  2.404   1.00 30.97 ? 37  GLU A CG  1 
ATOM   291 C CD  . GLU A 1 38  ? -14.094 -2.907  0.979   1.00 42.99 ? 37  GLU A CD  1 
ATOM   292 O OE1 . GLU A 1 38  ? -13.250 -2.929  0.066   1.00 41.39 ? 37  GLU A OE1 1 
ATOM   293 O OE2 . GLU A 1 38  ? -15.322 -2.750  0.807   1.00 38.10 ? 37  GLU A OE2 1 
ATOM   294 N N   . LEU A 1 39  ? -9.200  -3.093  3.858   1.00 19.60 ? 38  LEU A N   1 
ATOM   295 C CA  . LEU A 1 39  ? -7.810  -3.499  3.987   1.00 24.65 ? 38  LEU A CA  1 
ATOM   296 C C   . LEU A 1 39  ? -7.399  -3.707  5.448   1.00 25.38 ? 38  LEU A C   1 
ATOM   297 O O   . LEU A 1 39  ? -6.585  -4.595  5.742   1.00 24.18 ? 38  LEU A O   1 
ATOM   298 C CB  . LEU A 1 39  ? -6.918  -2.451  3.325   1.00 22.40 ? 38  LEU A CB  1 
ATOM   299 C CG  . LEU A 1 39  ? -6.895  -2.480  1.795   1.00 21.10 ? 38  LEU A CG  1 
ATOM   300 C CD1 . LEU A 1 39  ? -6.131  -1.287  1.294   1.00 17.35 ? 38  LEU A CD1 1 
ATOM   301 C CD2 . LEU A 1 39  ? -6.292  -3.783  1.289   1.00 14.86 ? 38  LEU A CD2 1 
ATOM   302 N N   . THR A 1 40  ? -7.909  -2.889  6.370   1.00 21.51 ? 39  THR A N   1 
ATOM   303 C CA  . THR A 1 40  ? -7.458  -3.002  7.763   1.00 25.90 ? 39  THR A CA  1 
ATOM   304 C C   . THR A 1 40  ? -7.586  -4.412  8.325   1.00 22.06 ? 39  THR A C   1 
ATOM   305 O O   . THR A 1 40  ? -6.576  -4.936  8.818   1.00 22.88 ? 39  THR A O   1 
ATOM   306 C CB  . THR A 1 40  ? -8.174  -1.963  8.634   1.00 25.24 ? 39  THR A CB  1 
ATOM   307 O OG1 . THR A 1 40  ? -7.819  -0.654  8.159   1.00 28.50 ? 39  THR A OG1 1 
ATOM   308 C CG2 . THR A 1 40  ? -7.786  -2.104  10.109  1.00 31.60 ? 39  THR A CG2 1 
ATOM   309 N N   . PRO A 1 41  ? -8.722  -5.109  8.224   1.00 31.43 ? 40  PRO A N   1 
ATOM   310 C CA  . PRO A 1 41  ? -8.740  -6.500  8.702   1.00 26.68 ? 40  PRO A CA  1 
ATOM   311 C C   . PRO A 1 41  ? -7.849  -7.420  7.890   1.00 23.69 ? 40  PRO A C   1 
ATOM   312 O O   . PRO A 1 41  ? -7.290  -8.375  8.440   1.00 19.12 ? 40  PRO A O   1 
ATOM   313 C CB  . PRO A 1 41  ? -10.217 -6.898  8.587   1.00 27.67 ? 40  PRO A CB  1 
ATOM   314 C CG  . PRO A 1 41  ? -10.763 -5.989  7.556   1.00 27.93 ? 40  PRO A CG  1 
ATOM   315 C CD  . PRO A 1 41  ? -10.047 -4.700  7.713   1.00 27.88 ? 40  PRO A CD  1 
ATOM   316 N N   . LEU A 1 42  ? -7.686  -7.168  6.598   1.00 18.03 ? 41  LEU A N   1 
ATOM   317 C CA  . LEU A 1 42  ? -6.799  -8.029  5.829   1.00 20.17 ? 41  LEU A CA  1 
ATOM   318 C C   . LEU A 1 42  ? -5.362  -7.923  6.333   1.00 22.80 ? 41  LEU A C   1 
ATOM   319 O O   . LEU A 1 42  ? -4.642  -8.925  6.354   1.00 18.70 ? 41  LEU A O   1 
ATOM   320 C CB  . LEU A 1 42  ? -6.886  -7.681  4.341   1.00 18.06 ? 41  LEU A CB  1 
ATOM   321 C CG  . LEU A 1 42  ? -8.253  -7.904  3.679   1.00 19.04 ? 41  LEU A CG  1 
ATOM   322 C CD1 . LEU A 1 42  ? -8.274  -7.416  2.228   1.00 18.67 ? 41  LEU A CD1 1 
ATOM   323 C CD2 . LEU A 1 42  ? -8.628  -9.385  3.758   1.00 25.13 ? 41  LEU A CD2 1 
ATOM   324 N N   . PHE A 1 43  ? -4.937  -6.733  6.764   1.00 16.90 ? 42  PHE A N   1 
ATOM   325 C CA  . PHE A 1 43  ? -3.574  -6.561  7.250   1.00 20.96 ? 42  PHE A CA  1 
ATOM   326 C C   . PHE A 1 43  ? -3.290  -7.373  8.507   1.00 20.42 ? 42  PHE A C   1 
ATOM   327 O O   . PHE A 1 43  ? -2.123  -7.631  8.811   1.00 26.20 ? 42  PHE A O   1 
ATOM   328 C CB  . PHE A 1 43  ? -3.295  -5.081  7.534   1.00 24.13 ? 42  PHE A CB  1 
ATOM   329 C CG  . PHE A 1 43  ? -3.329  -4.204  6.307   1.00 20.71 ? 42  PHE A CG  1 
ATOM   330 C CD1 . PHE A 1 43  ? -3.094  -4.749  5.044   1.00 15.89 ? 42  PHE A CD1 1 
ATOM   331 C CD2 . PHE A 1 43  ? -3.578  -2.843  6.425   1.00 23.09 ? 42  PHE A CD2 1 
ATOM   332 C CE1 . PHE A 1 43  ? -3.104  -3.948  3.898   1.00 20.71 ? 42  PHE A CE1 1 
ATOM   333 C CE2 . PHE A 1 43  ? -3.608  -2.024  5.289   1.00 18.89 ? 42  PHE A CE2 1 
ATOM   334 C CZ  . PHE A 1 43  ? -3.346  -2.579  4.030   1.00 17.07 ? 42  PHE A CZ  1 
ATOM   335 N N   . ALA A 1 44  ? -4.316  -7.763  9.255   1.00 19.02 ? 43  ALA A N   1 
ATOM   336 C CA  . ALA A 1 44  ? -4.125  -8.472  10.517  1.00 19.64 ? 43  ALA A CA  1 
ATOM   337 C C   . ALA A 1 44  ? -4.192  -9.985  10.348  1.00 31.95 ? 43  ALA A C   1 
ATOM   338 O O   . ALA A 1 44  ? -3.963  -10.720 11.315  1.00 23.38 ? 43  ALA A O   1 
ATOM   339 C CB  . ALA A 1 44  ? -5.180  -8.020  11.530  1.00 22.00 ? 43  ALA A CB  1 
ATOM   340 N N   . GLN A 1 45  ? -4.521  -10.458 9.156   1.00 17.52 ? 44  GLN A N   1 
ATOM   341 C CA  . GLN A 1 45  ? -4.676  -11.882 8.925   1.00 21.91 ? 44  GLN A CA  1 
ATOM   342 C C   . GLN A 1 45  ? -3.310  -12.556 8.858   1.00 17.06 ? 44  GLN A C   1 
ATOM   343 O O   . GLN A 1 45  ? -2.339  -11.938 8.421   1.00 19.45 ? 44  GLN A O   1 
ATOM   344 C CB  . GLN A 1 45  ? -5.439  -12.123 7.623   1.00 22.36 ? 44  GLN A CB  1 
ATOM   345 C CG  . GLN A 1 45  ? -6.899  -11.808 7.744   1.00 31.30 ? 44  GLN A CG  1 
ATOM   346 C CD  . GLN A 1 45  ? -7.641  -11.992 6.441   1.00 48.34 ? 44  GLN A CD  1 
ATOM   347 O OE1 . GLN A 1 45  ? -7.073  -12.435 5.429   1.00 51.98 ? 44  GLN A OE1 1 
ATOM   348 N NE2 . GLN A 1 45  ? -8.927  -11.659 6.456   1.00 53.34 ? 44  GLN A NE2 1 
ATOM   349 N N   . PRO A 1 46  ? -3.227  -13.837 9.244   1.00 19.54 ? 45  PRO A N   1 
ATOM   350 C CA  . PRO A 1 46  ? -1.914  -14.503 9.331   1.00 20.66 ? 45  PRO A CA  1 
ATOM   351 C C   . PRO A 1 46  ? -1.150  -14.524 8.029   1.00 23.42 ? 45  PRO A C   1 
ATOM   352 O O   . PRO A 1 46  ? 0.087   -14.467 8.047   1.00 21.40 ? 45  PRO A O   1 
ATOM   353 C CB  . PRO A 1 46  ? -2.273  -15.931 9.775   1.00 29.29 ? 45  PRO A CB  1 
ATOM   354 C CG  . PRO A 1 46  ? -3.642  -15.837 10.340  1.00 28.08 ? 45  PRO A CG  1 
ATOM   355 C CD  . PRO A 1 46  ? -4.331  -14.734 9.637   1.00 25.59 ? 45  PRO A CD  1 
ATOM   356 N N   . ALA A 1 47  ? -1.847  -14.625 6.894   1.00 23.43 ? 46  ALA A N   1 
ATOM   357 C CA  . ALA A 1 47  ? -1.163  -14.629 5.609   1.00 23.18 ? 46  ALA A CA  1 
ATOM   358 C C   . ALA A 1 47  ? -0.423  -13.326 5.361   1.00 17.91 ? 46  ALA A C   1 
ATOM   359 O O   . ALA A 1 47  ? 0.527   -13.303 4.575   1.00 20.47 ? 46  ALA A O   1 
ATOM   360 C CB  . ALA A 1 47  ? -2.162  -14.864 4.476   1.00 26.84 ? 46  ALA A CB  1 
ATOM   361 N N   . GLN A 1 48  ? -0.879  -12.226 5.974   1.00 16.83 ? 47  GLN A N   1 
ATOM   362 C CA  . GLN A 1 48  ? -0.258  -10.907 5.853   1.00 16.16 ? 47  GLN A CA  1 
ATOM   363 C C   . GLN A 1 48  ? 0.784   -10.626 6.944   1.00 19.82 ? 47  GLN A C   1 
ATOM   364 O O   . GLN A 1 48  ? 1.212   -9.473  7.098   1.00 13.53 ? 47  GLN A O   1 
ATOM   365 C CB  . GLN A 1 48  ? -1.324  -9.810  5.888   1.00 19.46 ? 47  GLN A CB  1 
ATOM   366 C CG  . GLN A 1 48  ? -1.909  -9.442  4.512   1.00 29.53 ? 47  GLN A CG  1 
ATOM   367 C CD  . GLN A 1 48  ? -2.640  -10.619 3.882   1.00 37.18 ? 47  GLN A CD  1 
ATOM   368 O OE1 . GLN A 1 48  ? -3.735  -11.002 4.332   1.00 39.43 ? 47  GLN A OE1 1 
ATOM   369 N NE2 . GLN A 1 48  ? -2.026  -11.228 2.866   1.00 28.71 ? 47  GLN A NE2 1 
ATOM   370 N N   . ARG A 1 49  ? 1.219   -11.646 7.684   1.00 18.58 ? 48  ARG A N   1 
ATOM   371 C CA  . ARG A 1 49  ? 1.968   -11.391 8.920   1.00 17.26 ? 48  ARG A CA  1 
ATOM   372 C C   . ARG A 1 49  ? 3.300   -10.690 8.654   1.00 17.83 ? 48  ARG A C   1 
ATOM   373 O O   . ARG A 1 49  ? 3.809   -9.980  9.532   1.00 10.31 ? 48  ARG A O   1 
ATOM   374 C CB  . ARG A 1 49  ? 2.200   -12.702 9.684   1.00 17.99 ? 48  ARG A CB  1 
ATOM   375 C CG  . ARG A 1 49  ? 3.192   -13.630 8.999   1.00 16.43 ? 48  ARG A CG  1 
ATOM   376 C CD  . ARG A 1 49  ? 3.585   -14.827 9.856   1.00 25.40 ? 48  ARG A CD  1 
ATOM   377 N NE  . ARG A 1 49  ? 2.578   -15.865 9.846   1.00 32.14 ? 48  ARG A NE  1 
ATOM   378 C CZ  . ARG A 1 49  ? 2.619   -16.950 9.081   1.00 44.35 ? 48  ARG A CZ  1 
ATOM   379 N NH1 . ARG A 1 49  ? 3.631   -17.140 8.250   1.00 52.76 ? 48  ARG A NH1 1 
ATOM   380 N NH2 . ARG A 1 49  ? 1.645   -17.848 9.151   1.00 50.26 ? 48  ARG A NH2 1 
ATOM   381 N N   . ASP A 1 50  ? 3.887   -10.869 7.464   1.00 12.22 ? 49  ASP A N   1 
ATOM   382 C CA  . ASP A 1 50  ? 5.161   -10.232 7.148   1.00 16.19 ? 49  ASP A CA  1 
ATOM   383 C C   . ASP A 1 50  ? 5.005   -8.941  6.354   1.00 12.07 ? 49  ASP A C   1 
ATOM   384 O O   . ASP A 1 50  ? 6.008   -8.294  6.043   1.00 13.77 ? 49  ASP A O   1 
ATOM   385 C CB  . ASP A 1 50  ? 6.055   -11.189 6.364   1.00 21.49 ? 49  ASP A CB  1 
ATOM   386 C CG  . ASP A 1 50  ? 6.442   -12.417 7.181   1.00 31.85 ? 49  ASP A CG  1 
ATOM   387 O OD1 . ASP A 1 50  ? 6.666   -12.289 8.407   1.00 35.20 ? 49  ASP A OD1 1 
ATOM   388 O OD2 . ASP A 1 50  ? 6.497   -13.510 6.597   1.00 31.88 ? 49  ASP A OD2 1 
ATOM   389 N N   . LEU A 1 51  ? 3.785   -8.550  6.024   1.00 13.39 ? 50  LEU A N   1 
ATOM   390 C CA  . LEU A 1 51  ? 3.591   -7.433  5.113   1.00 14.31 ? 50  LEU A CA  1 
ATOM   391 C C   . LEU A 1 51  ? 3.895   -6.123  5.831   1.00 16.03 ? 50  LEU A C   1 
ATOM   392 O O   . LEU A 1 51  ? 3.486   -5.920  6.974   1.00 18.45 ? 50  LEU A O   1 
ATOM   393 C CB  . LEU A 1 51  ? 2.158   -7.436  4.583   1.00 13.66 ? 50  LEU A CB  1 
ATOM   394 C CG  . LEU A 1 51  ? 1.795   -6.331  3.605   1.00 14.32 ? 50  LEU A CG  1 
ATOM   395 C CD1 . LEU A 1 51  ? 2.562   -6.523  2.355   1.00 14.72 ? 50  LEU A CD1 1 
ATOM   396 C CD2 . LEU A 1 51  ? 0.273   -6.388  3.302   1.00 17.97 ? 50  LEU A CD2 1 
ATOM   397 N N   . ARG A 1 52  ? 4.639   -5.249  5.176   1.00 12.95 ? 51  ARG A N   1 
ATOM   398 C CA  . ARG A 1 52  ? 4.964   -3.933  5.702   1.00 11.18 ? 51  ARG A CA  1 
ATOM   399 C C   . ARG A 1 52  ? 4.212   -2.915  4.841   1.00 12.65 ? 51  ARG A C   1 
ATOM   400 O O   . ARG A 1 52  ? 4.545   -2.730  3.667   1.00 11.55 ? 51  ARG A O   1 
ATOM   401 C CB  . ARG A 1 52  ? 6.468   -3.683  5.655   1.00 16.55 ? 51  ARG A CB  1 
ATOM   402 C CG  . ARG A 1 52  ? 7.312   -4.783  6.245   1.00 21.76 ? 51  ARG A CG  1 
ATOM   403 C CD  . ARG A 1 52  ? 7.234   -4.766  7.755   1.00 25.47 ? 51  ARG A CD  1 
ATOM   404 N NE  . ARG A 1 52  ? 7.625   -3.474  8.315   1.00 42.89 ? 51  ARG A NE  1 
ATOM   405 C CZ  . ARG A 1 52  ? 8.882   -3.039  8.435   1.00 44.32 ? 51  ARG A CZ  1 
ATOM   406 N NH1 . ARG A 1 52  ? 9.906   -3.792  8.026   1.00 43.68 ? 51  ARG A NH1 1 
ATOM   407 N NH2 . ARG A 1 52  ? 9.114   -1.839  8.961   1.00 44.90 ? 51  ARG A NH2 1 
ATOM   408 N N   . VAL A 1 53  ? 3.222   -2.254  5.426   1.00 10.63 ? 52  VAL A N   1 
ATOM   409 C CA  . VAL A 1 53  ? 2.350   -1.314  4.713   1.00 10.52 ? 52  VAL A CA  1 
ATOM   410 C C   . VAL A 1 53  ? 2.832   0.099   4.979   1.00 12.06 ? 52  VAL A C   1 
ATOM   411 O O   . VAL A 1 53  ? 3.079   0.463   6.137   1.00 11.48 ? 52  VAL A O   1 
ATOM   412 C CB  . VAL A 1 53  ? 0.890   -1.474  5.160   1.00 11.44 ? 52  VAL A CB  1 
ATOM   413 C CG1 . VAL A 1 53  ? -0.028  -0.469  4.407   1.00 15.02 ? 52  VAL A CG1 1 
ATOM   414 C CG2 . VAL A 1 53  ? 0.448   -2.919  4.993   1.00 10.05 ? 52  VAL A CG2 1 
ATOM   415 N N   . PHE A 1 54  ? 2.976   0.903   3.913   1.00 11.78 ? 53  PHE A N   1 
ATOM   416 C CA  . PHE A 1 54  ? 3.305   2.314   4.055   1.00 14.11 ? 53  PHE A CA  1 
ATOM   417 C C   . PHE A 1 54  ? 2.198   3.171   3.457   1.00 17.19 ? 53  PHE A C   1 
ATOM   418 O O   . PHE A 1 54  ? 1.847   3.008   2.284   1.00 13.43 ? 53  PHE A O   1 
ATOM   419 C CB  . PHE A 1 54  ? 4.644   2.644   3.396   1.00 12.70 ? 53  PHE A CB  1 
ATOM   420 C CG  . PHE A 1 54  ? 5.782   1.940   4.039   1.00 18.38 ? 53  PHE A CG  1 
ATOM   421 C CD1 . PHE A 1 54  ? 6.412   2.503   5.150   1.00 13.58 ? 53  PHE A CD1 1 
ATOM   422 C CD2 . PHE A 1 54  ? 6.205   0.715   3.563   1.00 13.07 ? 53  PHE A CD2 1 
ATOM   423 C CE1 . PHE A 1 54  ? 7.450   1.850   5.770   1.00 15.89 ? 53  PHE A CE1 1 
ATOM   424 C CE2 . PHE A 1 54  ? 7.242   0.036   4.198   1.00 16.09 ? 53  PHE A CE2 1 
ATOM   425 C CZ  . PHE A 1 54  ? 7.853   0.612   5.305   1.00 15.48 ? 53  PHE A CZ  1 
ATOM   426 N N   . LYS A 1 55  ? 1.659   4.080   4.265   1.00 14.15 ? 54  LYS A N   1 
ATOM   427 C CA  . LYS A 1 55  ? 0.612   4.987   3.820   1.00 15.03 ? 54  LYS A CA  1 
ATOM   428 C C   . LYS A 1 55  ? 1.260   6.253   3.276   1.00 19.31 ? 54  LYS A C   1 
ATOM   429 O O   . LYS A 1 55  ? 1.936   6.985   4.015   1.00 17.10 ? 54  LYS A O   1 
ATOM   430 C CB  . LYS A 1 55  ? -0.350  5.305   4.963   1.00 24.59 ? 54  LYS A CB  1 
ATOM   431 C CG  . LYS A 1 55  ? -1.077  4.073   5.549   1.00 23.49 ? 54  LYS A CG  1 
ATOM   432 C CD  . LYS A 1 55  ? -2.382  3.752   4.814   1.00 40.26 ? 54  LYS A CD  1 
ATOM   433 C CE  . LYS A 1 55  ? -3.166  2.631   5.521   1.00 43.29 ? 54  LYS A CE  1 
ATOM   434 N NZ  . LYS A 1 55  ? -3.717  3.030   6.860   1.00 39.39 ? 54  LYS A NZ  1 
ATOM   435 N N   . VAL A 1 56  ? 1.056   6.497   1.985   1.00 16.09 ? 55  VAL A N   1 
ATOM   436 C CA  . VAL A 1 56  ? 1.572   7.665   1.286   1.00 16.91 ? 55  VAL A CA  1 
ATOM   437 C C   . VAL A 1 56  ? 0.430   8.657   1.140   1.00 23.80 ? 55  VAL A C   1 
ATOM   438 O O   . VAL A 1 56  ? -0.601  8.342   0.530   1.00 18.68 ? 55  VAL A O   1 
ATOM   439 C CB  . VAL A 1 56  ? 2.145   7.284   -0.092  1.00 16.62 ? 55  VAL A CB  1 
ATOM   440 C CG1 . VAL A 1 56  ? 2.709   8.529   -0.808  1.00 17.56 ? 55  VAL A CG1 1 
ATOM   441 C CG2 . VAL A 1 56  ? 3.237   6.222   0.056   1.00 15.63 ? 55  VAL A CG2 1 
ATOM   442 N N   . ASN A 1 57  ? 0.597   9.843   1.722   1.00 18.87 ? 56  ASN A N   1 
ATOM   443 C CA  . ASN A 1 57  ? -0.428  10.870  1.631   1.00 20.00 ? 56  ASN A CA  1 
ATOM   444 C C   . ASN A 1 57  ? -0.280  11.569  0.281   1.00 22.45 ? 56  ASN A C   1 
ATOM   445 O O   . ASN A 1 57  ? 0.693   12.292  0.039   1.00 23.84 ? 56  ASN A O   1 
ATOM   446 C CB  . ASN A 1 57  ? -0.320  11.842  2.802   1.00 23.64 ? 56  ASN A CB  1 
ATOM   447 C CG  . ASN A 1 57  ? -1.443  12.876  2.814   1.00 32.31 ? 56  ASN A CG  1 
ATOM   448 O OD1 . ASN A 1 57  ? -1.908  13.331  1.767   1.00 24.79 ? 56  ASN A OD1 1 
ATOM   449 N ND2 . ASN A 1 57  ? -1.898  13.233  4.017   1.00 33.42 ? 56  ASN A ND2 1 
ATOM   450 N N   . PHE A 1 58  ? -1.253  11.348  -0.602  1.00 21.03 ? 57  PHE A N   1 
ATOM   451 C CA  . PHE A 1 58  ? -1.211  11.962  -1.929  1.00 21.41 ? 57  PHE A CA  1 
ATOM   452 C C   . PHE A 1 58  ? -1.007  13.481  -1.862  1.00 25.89 ? 57  PHE A C   1 
ATOM   453 O O   . PHE A 1 58  ? -0.323  14.065  -2.713  1.00 29.90 ? 57  PHE A O   1 
ATOM   454 C CB  . PHE A 1 58  ? -2.495  11.611  -2.678  1.00 21.64 ? 57  PHE A CB  1 
ATOM   455 C CG  . PHE A 1 58  ? -2.541  12.153  -4.076  1.00 33.57 ? 57  PHE A CG  1 
ATOM   456 C CD1 . PHE A 1 58  ? -3.040  13.429  -4.321  1.00 41.16 ? 57  PHE A CD1 1 
ATOM   457 C CD2 . PHE A 1 58  ? -2.094  11.386  -5.144  1.00 27.98 ? 57  PHE A CD2 1 
ATOM   458 C CE1 . PHE A 1 58  ? -3.085  13.948  -5.608  1.00 37.42 ? 57  PHE A CE1 1 
ATOM   459 C CE2 . PHE A 1 58  ? -2.138  11.898  -6.449  1.00 22.62 ? 57  PHE A CE2 1 
ATOM   460 C CZ  . PHE A 1 58  ? -2.637  13.175  -6.670  1.00 27.85 ? 57  PHE A CZ  1 
ATOM   461 N N   . ASP A 1 59  ? -1.579  14.138  -0.862  1.00 29.35 ? 58  ASP A N   1 
ATOM   462 C CA  . ASP A 1 59  ? -1.496  15.593  -0.824  1.00 27.93 ? 58  ASP A CA  1 
ATOM   463 C C   . ASP A 1 59  ? -0.133  16.113  -0.365  1.00 29.56 ? 58  ASP A C   1 
ATOM   464 O O   . ASP A 1 59  ? 0.285   17.182  -0.821  1.00 27.62 ? 58  ASP A O   1 
ATOM   465 C CB  . ASP A 1 59  ? -2.594  16.172  0.073   1.00 37.06 ? 58  ASP A CB  1 
ATOM   466 C CG  . ASP A 1 59  ? -3.987  15.992  -0.513  1.00 45.70 ? 58  ASP A CG  1 
ATOM   467 O OD1 . ASP A 1 59  ? -4.123  15.947  -1.753  1.00 40.83 ? 58  ASP A OD1 1 
ATOM   468 O OD2 . ASP A 1 59  ? -4.958  15.917  0.270   1.00 51.80 ? 58  ASP A OD2 1 
ATOM   469 N N   . THR A 1 60  ? 0.584   15.399  0.511   1.00 23.93 ? 59  THR A N   1 
ATOM   470 C CA  . THR A 1 60  ? 1.736   15.996  1.175   1.00 30.30 ? 59  THR A CA  1 
ATOM   471 C C   . THR A 1 60  ? 3.087   15.363  0.856   1.00 34.16 ? 59  THR A C   1 
ATOM   472 O O   . THR A 1 60  ? 4.112   15.915  1.270   1.00 36.12 ? 59  THR A O   1 
ATOM   473 C CB  . THR A 1 60  ? 1.537   15.968  2.697   1.00 30.67 ? 59  THR A CB  1 
ATOM   474 O OG1 . THR A 1 60  ? 1.505   14.607  3.141   1.00 31.03 ? 59  THR A OG1 1 
ATOM   475 C CG2 . THR A 1 60  ? 0.222   16.637  3.088   1.00 30.41 ? 59  THR A CG2 1 
ATOM   476 N N   . GLN A 1 61  ? 3.137   14.242  0.145   1.00 22.37 ? 60  GLN A N   1 
ATOM   477 C CA  . GLN A 1 61  ? 4.394   13.541  -0.106  1.00 21.58 ? 60  GLN A CA  1 
ATOM   478 C C   . GLN A 1 61  ? 4.603   13.403  -1.614  1.00 27.84 ? 60  GLN A C   1 
ATOM   479 O O   . GLN A 1 61  ? 4.580   12.300  -2.162  1.00 20.59 ? 60  GLN A O   1 
ATOM   480 C CB  . GLN A 1 61  ? 4.390   12.174  0.637   1.00 27.09 ? 60  GLN A CB  1 
ATOM   481 C CG  . GLN A 1 61  ? 4.066   12.358  2.142   1.00 20.52 ? 60  GLN A CG  1 
ATOM   482 C CD  . GLN A 1 61  ? 4.152   11.055  2.948   1.00 30.45 ? 60  GLN A CD  1 
ATOM   483 O OE1 . GLN A 1 61  ? 3.169   10.322  3.047   1.00 25.07 ? 60  GLN A OE1 1 
ATOM   484 N NE2 . GLN A 1 61  ? 5.318   10.793  3.567   1.00 23.87 ? 60  GLN A NE2 1 
ATOM   485 N N   . LYS A 1 62  ? 4.848   14.543  -2.281  1.00 22.60 ? 61  LYS A N   1 
ATOM   486 C CA  . LYS A 1 62  ? 4.901   14.540  -3.734  1.00 22.77 ? 61  LYS A CA  1 
ATOM   487 C C   . LYS A 1 62  ? 6.150   13.833  -4.261  1.00 27.90 ? 61  LYS A C   1 
ATOM   488 O O   . LYS A 1 62  ? 6.098   13.198  -5.323  1.00 26.79 ? 61  LYS A O   1 
ATOM   489 C CB  . LYS A 1 62  ? 4.799   15.984  -4.235  1.00 34.16 ? 61  LYS A CB  1 
ATOM   490 C CG  . LYS A 1 62  ? 3.469   16.649  -3.808  1.00 24.92 ? 61  LYS A CG  1 
ATOM   491 C CD  . LYS A 1 62  ? 2.307   15.909  -4.488  1.00 27.14 ? 61  LYS A CD  1 
ATOM   492 C CE  . LYS A 1 62  ? 1.012   16.694  -4.505  1.00 29.18 ? 61  LYS A CE  1 
ATOM   493 N NZ  . LYS A 1 62  ? -0.162  15.853  -4.914  1.00 25.05 ? 61  LYS A NZ  1 
ATOM   494 N N   . ALA A 1 63  ? 7.273   13.909  -3.544  1.00 26.12 ? 62  ALA A N   1 
ATOM   495 C CA  . ALA A 1 63  ? 8.464   13.183  -3.978  1.00 28.03 ? 62  ALA A CA  1 
ATOM   496 C C   . ALA A 1 63  ? 8.206   11.683  -3.995  1.00 26.76 ? 62  ALA A C   1 
ATOM   497 O O   . ALA A 1 63  ? 8.683   10.967  -4.892  1.00 19.77 ? 62  ALA A O   1 
ATOM   498 C CB  . ALA A 1 63  ? 9.653   13.519  -3.072  1.00 34.81 ? 62  ALA A CB  1 
ATOM   499 N N   . ALA A 1 64  ? 7.419   11.192  -3.032  1.00 22.19 ? 63  ALA A N   1 
ATOM   500 C CA  . ALA A 1 64  ? 7.073   9.774   -3.017  1.00 26.84 ? 63  ALA A CA  1 
ATOM   501 C C   . ALA A 1 64  ? 6.244   9.392   -4.240  1.00 19.33 ? 63  ALA A C   1 
ATOM   502 O O   . ALA A 1 64  ? 6.454   8.323   -4.828  1.00 20.83 ? 63  ALA A O   1 
ATOM   503 C CB  . ALA A 1 64  ? 6.325   9.433   -1.719  1.00 24.33 ? 63  ALA A CB  1 
ATOM   504 N N   . LEU A 1 65  ? 5.320   10.263  -4.666  1.00 21.81 ? 64  LEU A N   1 
ATOM   505 C CA  . LEU A 1 65  ? 4.487   9.927   -5.821  1.00 19.87 ? 64  LEU A CA  1 
ATOM   506 C C   . LEU A 1 65  ? 5.321   9.737   -7.083  1.00 22.67 ? 64  LEU A C   1 
ATOM   507 O O   . LEU A 1 65  ? 5.065   8.818   -7.872  1.00 22.50 ? 64  LEU A O   1 
ATOM   508 C CB  . LEU A 1 65  ? 3.438   11.007  -6.062  1.00 20.41 ? 64  LEU A CB  1 
ATOM   509 C CG  . LEU A 1 65  ? 2.430   11.270  -4.937  1.00 22.96 ? 64  LEU A CG  1 
ATOM   510 C CD1 . LEU A 1 65  ? 1.402   12.319  -5.399  1.00 21.68 ? 64  LEU A CD1 1 
ATOM   511 C CD2 . LEU A 1 65  ? 1.762   9.969   -4.535  1.00 24.66 ? 64  LEU A CD2 1 
ATOM   512 N N   . GLN A 1 66  ? 6.287   10.627  -7.321  1.00 20.17 ? 65  GLN A N   1 
ATOM   513 C CA  . GLN A 1 66  ? 7.124   10.486  -8.506  1.00 21.30 ? 65  GLN A CA  1 
ATOM   514 C C   . GLN A 1 66  ? 7.914   9.187   -8.458  1.00 19.41 ? 65  GLN A C   1 
ATOM   515 O O   . GLN A 1 66  ? 8.006   8.466   -9.455  1.00 22.23 ? 65  GLN A O   1 
ATOM   516 C CB  . GLN A 1 66  ? 8.071   11.678  -8.639  1.00 29.67 ? 65  GLN A CB  1 
ATOM   517 C CG  . GLN A 1 66  ? 7.413   12.916  -9.230  1.00 42.60 ? 65  GLN A CG  1 
ATOM   518 C CD  . GLN A 1 66  ? 6.931   12.710  -10.663 1.00 51.85 ? 65  GLN A CD  1 
ATOM   519 O OE1 . GLN A 1 66  ? 7.546   11.974  -11.439 1.00 51.71 ? 65  GLN A OE1 1 
ATOM   520 N NE2 . GLN A 1 66  ? 5.825   13.363  -11.018 1.00 47.08 ? 65  GLN A NE2 1 
ATOM   521 N N   . GLN A 1 67  ? 8.467   8.861   -7.296  1.00 18.78 ? 66  GLN A N   1 
ATOM   522 C CA  . GLN A 1 67  ? 9.208   7.616   -7.132  1.00 24.08 ? 66  GLN A CA  1 
ATOM   523 C C   . GLN A 1 67  ? 8.365   6.393   -7.511  1.00 28.83 ? 66  GLN A C   1 
ATOM   524 O O   . GLN A 1 67  ? 8.865   5.436   -8.119  1.00 24.86 ? 66  GLN A O   1 
ATOM   525 C CB  . GLN A 1 67  ? 9.666   7.531   -5.677  1.00 23.02 ? 66  GLN A CB  1 
ATOM   526 C CG  . GLN A 1 67  ? 10.237  6.207   -5.255  1.00 44.13 ? 66  GLN A CG  1 
ATOM   527 C CD  . GLN A 1 67  ? 10.714  6.241   -3.801  1.00 50.54 ? 66  GLN A CD  1 
ATOM   528 O OE1 . GLN A 1 67  ? 10.189  7.001   -2.986  1.00 46.83 ? 66  GLN A OE1 1 
ATOM   529 N NE2 . GLN A 1 67  ? 11.697  5.418   -3.472  1.00 54.09 ? 66  GLN A NE2 1 
ATOM   530 N N   . PHE A 1 68  ? 7.089   6.398   -7.137  1.00 17.03 ? 67  PHE A N   1 
ATOM   531 C CA  . PHE A 1 68  ? 6.186   5.279   -7.344  1.00 16.43 ? 67  PHE A CA  1 
ATOM   532 C C   . PHE A 1 68  ? 5.391   5.378   -8.640  1.00 17.08 ? 67  PHE A C   1 
ATOM   533 O O   . PHE A 1 68  ? 4.638   4.450   -8.947  1.00 20.67 ? 67  PHE A O   1 
ATOM   534 C CB  . PHE A 1 68  ? 5.225   5.186   -6.151  1.00 16.04 ? 67  PHE A CB  1 
ATOM   535 C CG  . PHE A 1 68  ? 5.918   4.867   -4.846  1.00 19.45 ? 67  PHE A CG  1 
ATOM   536 C CD1 . PHE A 1 68  ? 6.751   3.772   -4.749  1.00 21.36 ? 67  PHE A CD1 1 
ATOM   537 C CD2 . PHE A 1 68  ? 5.755   5.688   -3.726  1.00 20.27 ? 67  PHE A CD2 1 
ATOM   538 C CE1 . PHE A 1 68  ? 7.398   3.473   -3.564  1.00 24.73 ? 67  PHE A CE1 1 
ATOM   539 C CE2 . PHE A 1 68  ? 6.407   5.401   -2.543  1.00 20.79 ? 67  PHE A CE2 1 
ATOM   540 C CZ  . PHE A 1 68  ? 7.229   4.290   -2.459  1.00 20.51 ? 67  PHE A CZ  1 
ATOM   541 N N   . ARG A 1 69  ? 5.551   6.466   -9.400  1.00 18.07 ? 68  ARG A N   1 
ATOM   542 C CA  . ARG A 1 69  ? 4.844   6.671   -10.662 1.00 18.86 ? 68  ARG A CA  1 
ATOM   543 C C   . ARG A 1 69  ? 3.332   6.626   -10.407 1.00 22.31 ? 68  ARG A C   1 
ATOM   544 O O   . ARG A 1 69  ? 2.583   5.855   -11.013 1.00 19.50 ? 68  ARG A O   1 
ATOM   545 C CB  . ARG A 1 69  ? 5.311   5.639   -11.705 1.00 23.79 ? 68  ARG A CB  1 
ATOM   546 C CG  . ARG A 1 69  ? 4.588   5.633   -13.068 1.00 32.85 ? 68  ARG A CG  1 
ATOM   547 C CD  . ARG A 1 69  ? 5.138   4.559   -14.035 1.00 27.28 ? 68  ARG A CD  1 
ATOM   548 N NE  . ARG A 1 69  ? 4.544   3.242   -13.784 1.00 25.44 ? 68  ARG A NE  1 
ATOM   549 C CZ  . ARG A 1 69  ? 3.290   2.904   -14.084 1.00 29.11 ? 68  ARG A CZ  1 
ATOM   550 N NH1 . ARG A 1 69  ? 2.459   3.774   -14.645 1.00 30.71 ? 68  ARG A NH1 1 
ATOM   551 N NH2 . ARG A 1 69  ? 2.855   1.684   -13.827 1.00 31.33 ? 68  ARG A NH2 1 
ATOM   552 N N   . VAL A 1 70  ? 2.897   7.436   -9.445  1.00 19.12 ? 69  VAL A N   1 
ATOM   553 C CA  . VAL A 1 70  ? 1.518   7.453   -8.970  1.00 19.22 ? 69  VAL A CA  1 
ATOM   554 C C   . VAL A 1 70  ? 0.874   8.759   -9.388  1.00 26.33 ? 69  VAL A C   1 
ATOM   555 O O   . VAL A 1 70  ? 1.401   9.836   -9.086  1.00 20.94 ? 69  VAL A O   1 
ATOM   556 C CB  . VAL A 1 70  ? 1.443   7.289   -7.443  1.00 20.95 ? 69  VAL A CB  1 
ATOM   557 C CG1 . VAL A 1 70  ? 0.013   7.548   -6.938  1.00 18.90 ? 69  VAL A CG1 1 
ATOM   558 C CG2 . VAL A 1 70  ? 1.916   5.903   -7.057  1.00 22.12 ? 69  VAL A CG2 1 
ATOM   559 N N   . SER A 1 71  ? -0.271  8.667   -10.065 1.00 20.99 ? 70  SER A N   1 
ATOM   560 C CA  . SER A 1 71  ? -1.008  9.852   -10.462 1.00 23.33 ? 70  SER A CA  1 
ATOM   561 C C   . SER A 1 71  ? -2.394  9.941   -9.844  1.00 22.90 ? 70  SER A C   1 
ATOM   562 O O   . SER A 1 71  ? -3.058  10.964  -10.025 1.00 28.12 ? 70  SER A O   1 
ATOM   563 C CB  . SER A 1 71  ? -1.136  9.925   -11.997 1.00 27.09 ? 70  SER A CB  1 
ATOM   564 O OG  . SER A 1 71  ? -1.804  8.784   -12.523 1.00 32.77 ? 70  SER A OG  1 
ATOM   565 N N   . GLN A 1 72  ? -2.861  8.913   -9.134  1.00 23.21 ? 71  GLN A N   1 
ATOM   566 C CA  . GLN A 1 72  ? -4.182  8.982   -8.521  1.00 24.99 ? 71  GLN A CA  1 
ATOM   567 C C   . GLN A 1 72  ? -4.130  8.460   -7.093  1.00 21.05 ? 71  GLN A C   1 
ATOM   568 O O   . GLN A 1 72  ? -3.365  7.546   -6.773  1.00 20.00 ? 71  GLN A O   1 
ATOM   569 C CB  . GLN A 1 72  ? -5.235  8.168   -9.287  1.00 22.24 ? 71  GLN A CB  1 
ATOM   570 C CG  . GLN A 1 72  ? -5.061  8.219   -10.799 1.00 41.04 ? 71  GLN A CG  1 
ATOM   571 C CD  . GLN A 1 72  ? -6.234  7.625   -11.526 1.00 43.95 ? 71  GLN A CD  1 
ATOM   572 O OE1 . GLN A 1 72  ? -7.350  7.604   -11.009 1.00 52.17 ? 71  GLN A OE1 1 
ATOM   573 N NE2 . GLN A 1 72  ? -5.995  7.139   -12.738 1.00 45.70 ? 71  GLN A NE2 1 
ATOM   574 N N   . GLN A 1 73  ? -4.982  9.036   -6.253  1.00 21.54 ? 72  GLN A N   1 
ATOM   575 C CA  . GLN A 1 73  ? -5.248  8.455   -4.950  1.00 22.30 ? 72  GLN A CA  1 
ATOM   576 C C   . GLN A 1 73  ? -5.915  7.097   -5.151  1.00 22.93 ? 72  GLN A C   1 
ATOM   577 O O   . GLN A 1 73  ? -6.405  6.777   -6.238  1.00 31.38 ? 72  GLN A O   1 
ATOM   578 C CB  . GLN A 1 73  ? -6.141  9.389   -4.137  1.00 26.32 ? 72  GLN A CB  1 
ATOM   579 C CG  . GLN A 1 73  ? -7.444  9.719   -4.883  1.00 45.17 ? 72  GLN A CG  1 
ATOM   580 C CD  . GLN A 1 73  ? -8.080  11.042  -4.463  1.00 49.97 ? 72  GLN A CD  1 
ATOM   581 O OE1 . GLN A 1 73  ? -9.308  11.164  -4.412  1.00 47.90 ? 72  GLN A OE1 1 
ATOM   582 N NE2 . GLN A 1 73  ? -7.246  12.037  -4.172  1.00 49.52 ? 72  GLN A NE2 1 
ATOM   583 N N   . SER A 1 74  ? -5.924  6.294   -4.093  1.00 27.01 ? 73  SER A N   1 
ATOM   584 C CA  . SER A 1 74  ? -6.443  4.926   -4.104  1.00 28.05 ? 73  SER A CA  1 
ATOM   585 C C   . SER A 1 74  ? -5.589  3.976   -4.936  1.00 25.06 ? 73  SER A C   1 
ATOM   586 O O   . SER A 1 74  ? -6.071  2.910   -5.341  1.00 24.43 ? 73  SER A O   1 
ATOM   587 C CB  . SER A 1 74  ? -7.913  4.866   -4.559  1.00 19.72 ? 73  SER A CB  1 
ATOM   588 O OG  . SER A 1 74  ? -8.049  5.032   -5.977  1.00 21.49 ? 73  SER A OG  1 
ATOM   589 N N   . THR A 1 75  ? -4.317  4.317   -5.169  1.00 11.90 ? 74  THR A N   1 
ATOM   590 C CA  . THR A 1 75  ? -3.375  3.410   -5.826  1.00 17.09 ? 74  THR A CA  1 
ATOM   591 C C   . THR A 1 75  ? -2.732  2.523   -4.767  1.00 18.17 ? 74  THR A C   1 
ATOM   592 O O   . THR A 1 75  ? -2.317  3.016   -3.706  1.00 17.58 ? 74  THR A O   1 
ATOM   593 C CB  . THR A 1 75  ? -2.273  4.164   -6.585  1.00 16.13 ? 74  THR A CB  1 
ATOM   594 O OG1 . THR A 1 75  ? -2.846  5.041   -7.559  1.00 18.42 ? 74  THR A OG1 1 
ATOM   595 C CG2 . THR A 1 75  ? -1.350  3.178   -7.304  1.00 9.98  ? 74  THR A CG2 1 
ATOM   596 N N   . LEU A 1 76  ? -2.669  1.217   -5.046  1.00 10.29 ? 75  LEU A N   1 
ATOM   597 C CA  . LEU A 1 76  ? -1.972  0.242   -4.202  1.00 8.90  ? 75  LEU A CA  1 
ATOM   598 C C   . LEU A 1 76  ? -0.883  -0.400  -5.043  1.00 11.51 ? 75  LEU A C   1 
ATOM   599 O O   . LEU A 1 76  ? -1.132  -0.783  -6.201  1.00 13.44 ? 75  LEU A O   1 
ATOM   600 C CB  . LEU A 1 76  ? -2.915  -0.857  -3.686  1.00 14.12 ? 75  LEU A CB  1 
ATOM   601 C CG  . LEU A 1 76  ? -4.165  -0.429  -2.920  1.00 12.59 ? 75  LEU A CG  1 
ATOM   602 C CD1 . LEU A 1 76  ? -5.102  -1.639  -2.672  1.00 11.58 ? 75  LEU A CD1 1 
ATOM   603 C CD2 . LEU A 1 76  ? -3.735  0.196   -1.617  1.00 15.46 ? 75  LEU A CD2 1 
ATOM   604 N N   . ILE A 1 77  ? 0.315   -0.495  -4.486  1.00 9.78  ? 76  ILE A N   1 
ATOM   605 C CA  . ILE A 1 77  ? 1.442   -1.109  -5.179  1.00 14.35 ? 76  ILE A CA  1 
ATOM   606 C C   . ILE A 1 77  ? 2.052   -2.160  -4.274  1.00 17.01 ? 76  ILE A C   1 
ATOM   607 O O   . ILE A 1 77  ? 2.439   -1.858  -3.142  1.00 12.38 ? 76  ILE A O   1 
ATOM   608 C CB  . ILE A 1 77  ? 2.522   -0.091  -5.565  1.00 10.11 ? 76  ILE A CB  1 
ATOM   609 C CG1 . ILE A 1 77  ? 1.889   1.109   -6.285  1.00 14.19 ? 76  ILE A CG1 1 
ATOM   610 C CG2 . ILE A 1 77  ? 3.607   -0.828  -6.418  1.00 9.91  ? 76  ILE A CG2 1 
ATOM   611 C CD1 . ILE A 1 77  ? 2.863   2.291   -6.463  1.00 15.15 ? 76  ILE A CD1 1 
ATOM   612 N N   . LEU A 1 78  ? 2.179   -3.375  -4.776  1.00 9.75  ? 77  LEU A N   1 
ATOM   613 C CA  . LEU A 1 78  ? 2.689   -4.471  -3.959  1.00 13.63 ? 77  LEU A CA  1 
ATOM   614 C C   . LEU A 1 78  ? 4.111   -4.767  -4.408  1.00 16.04 ? 77  LEU A C   1 
ATOM   615 O O   . LEU A 1 78  ? 4.369   -4.923  -5.602  1.00 13.84 ? 77  LEU A O   1 
ATOM   616 C CB  . LEU A 1 78  ? 1.811   -5.721  -4.071  1.00 11.22 ? 77  LEU A CB  1 
ATOM   617 C CG  . LEU A 1 78  ? 2.295   -6.919  -3.232  1.00 14.20 ? 77  LEU A CG  1 
ATOM   618 C CD1 . LEU A 1 78  ? 2.258   -6.604  -1.702  1.00 12.40 ? 77  LEU A CD1 1 
ATOM   619 C CD2 . LEU A 1 78  ? 1.488   -8.183  -3.526  1.00 17.08 ? 77  LEU A CD2 1 
ATOM   620 N N   . TYR A 1 79  ? 5.030   -4.820  -3.455  1.00 11.62 ? 78  TYR A N   1 
ATOM   621 C CA  . TYR A 1 79  ? 6.406   -5.215  -3.715  1.00 10.74 ? 78  TYR A CA  1 
ATOM   622 C C   . TYR A 1 79  ? 6.703   -6.527  -3.019  1.00 14.78 ? 78  TYR A C   1 
ATOM   623 O O   . TYR A 1 79  ? 6.195   -6.792  -1.926  1.00 16.35 ? 78  TYR A O   1 
ATOM   624 C CB  . TYR A 1 79  ? 7.404   -4.159  -3.214  1.00 10.72 ? 78  TYR A CB  1 
ATOM   625 C CG  . TYR A 1 79  ? 7.312   -2.845  -3.911  1.00 11.90 ? 78  TYR A CG  1 
ATOM   626 C CD1 . TYR A 1 79  ? 6.321   -1.947  -3.580  1.00 13.48 ? 78  TYR A CD1 1 
ATOM   627 C CD2 . TYR A 1 79  ? 8.225   -2.492  -4.898  1.00 15.38 ? 78  TYR A CD2 1 
ATOM   628 C CE1 . TYR A 1 79  ? 6.224   -0.729  -4.203  1.00 17.76 ? 78  TYR A CE1 1 
ATOM   629 C CE2 . TYR A 1 79  ? 8.131   -1.267  -5.547  1.00 18.00 ? 78  TYR A CE2 1 
ATOM   630 C CZ  . TYR A 1 79  ? 7.127   -0.400  -5.193  1.00 19.00 ? 78  TYR A CZ  1 
ATOM   631 O OH  . TYR A 1 79  ? 7.025   0.814   -5.791  1.00 22.01 ? 78  TYR A OH  1 
ATOM   632 N N   . ARG A 1 80  ? 7.538   -7.350  -3.657  1.00 14.59 ? 79  ARG A N   1 
ATOM   633 C CA  . ARG A 1 80  ? 8.109   -8.526  -3.009  1.00 13.62 ? 79  ARG A CA  1 
ATOM   634 C C   . ARG A 1 80  ? 9.603   -8.514  -3.281  1.00 20.10 ? 79  ARG A C   1 
ATOM   635 O O   . ARG A 1 80  ? 10.028  -8.291  -4.423  1.00 16.62 ? 79  ARG A O   1 
ATOM   636 C CB  . ARG A 1 80  ? 7.449   -9.830  -3.495  1.00 19.94 ? 79  ARG A CB  1 
ATOM   637 C CG  . ARG A 1 80  ? 6.031   -9.997  -2.927  1.00 28.58 ? 79  ARG A CG  1 
ATOM   638 C CD  . ARG A 1 80  ? 5.309   -11.257 -3.390  1.00 29.18 ? 79  ARG A CD  1 
ATOM   639 N NE  . ARG A 1 80  ? 4.002   -11.381 -2.751  1.00 23.51 ? 79  ARG A NE  1 
ATOM   640 C CZ  . ARG A 1 80  ? 2.990   -12.053 -3.286  1.00 28.62 ? 79  ARG A CZ  1 
ATOM   641 N NH1 . ARG A 1 80  ? 3.164   -12.637 -4.447  1.00 29.47 ? 79  ARG A NH1 1 
ATOM   642 N NH2 . ARG A 1 80  ? 1.805   -12.145 -2.680  1.00 25.74 ? 79  ARG A NH2 1 
ATOM   643 N N   . ASN A 1 81  ? 10.387  -8.674  -2.217  1.00 19.98 ? 80  ASN A N   1 
ATOM   644 C CA  . ASN A 1 81  ? 11.841  -8.682  -2.294  1.00 21.70 ? 80  ASN A CA  1 
ATOM   645 C C   . ASN A 1 81  ? 12.363  -7.411  -2.957  1.00 23.96 ? 80  ASN A C   1 
ATOM   646 O O   . ASN A 1 81  ? 13.368  -7.436  -3.681  1.00 24.80 ? 80  ASN A O   1 
ATOM   647 C CB  . ASN A 1 81  ? 12.355  -9.930  -3.024  1.00 23.91 ? 80  ASN A CB  1 
ATOM   648 C CG  . ASN A 1 81  ? 13.811  -10.218 -2.717  1.00 36.16 ? 80  ASN A CG  1 
ATOM   649 O OD1 . ASN A 1 81  ? 14.279  -9.992  -1.593  1.00 42.24 ? 80  ASN A OD1 1 
ATOM   650 N ND2 . ASN A 1 81  ? 14.551  -10.682 -3.725  1.00 37.31 ? 80  ASN A ND2 1 
ATOM   651 N N   . GLY A 1 82  ? 11.670  -6.296  -2.727  1.00 16.97 ? 81  GLY A N   1 
ATOM   652 C CA  . GLY A 1 82  ? 12.140  -5.008  -3.202  1.00 20.17 ? 81  GLY A CA  1 
ATOM   653 C C   . GLY A 1 82  ? 11.766  -4.669  -4.625  1.00 24.19 ? 81  GLY A C   1 
ATOM   654 O O   . GLY A 1 82  ? 12.246  -3.661  -5.141  1.00 17.87 ? 81  GLY A O   1 
ATOM   655 N N   . GLN A 1 83  ? 10.912  -5.468  -5.279  1.00 17.81 ? 82  GLN A N   1 
ATOM   656 C CA  . GLN A 1 83  ? 10.557  -5.233  -6.668  1.00 17.98 ? 82  GLN A CA  1 
ATOM   657 C C   . GLN A 1 83  ? 9.046   -5.220  -6.821  1.00 13.71 ? 82  GLN A C   1 
ATOM   658 O O   . GLN A 1 83  ? 8.349   -6.020  -6.198  1.00 19.37 ? 82  GLN A O   1 
ATOM   659 C CB  . GLN A 1 83  ? 11.168  -6.322  -7.582  1.00 20.47 ? 82  GLN A CB  1 
ATOM   660 C CG  . GLN A 1 83  ? 12.650  -6.526  -7.371  1.00 20.08 ? 82  GLN A CG  1 
ATOM   661 C CD  . GLN A 1 83  ? 13.203  -7.654  -8.232  1.00 27.48 ? 82  GLN A CD  1 
ATOM   662 O OE1 . GLN A 1 83  ? 12.671  -7.946  -9.301  1.00 28.13 ? 82  GLN A OE1 1 
ATOM   663 N NE2 . GLN A 1 83  ? 14.257  -8.308  -7.752  1.00 25.24 ? 82  GLN A NE2 1 
ATOM   664 N N   . GLU A 1 84  ? 8.543   -4.335  -7.672  1.00 16.15 ? 83  GLU A N   1 
ATOM   665 C CA  . GLU A 1 84  ? 7.099   -4.221  -7.849  1.00 12.02 ? 83  GLU A CA  1 
ATOM   666 C C   . GLU A 1 84  ? 6.559   -5.482  -8.508  1.00 16.70 ? 83  GLU A C   1 
ATOM   667 O O   . GLU A 1 84  ? 7.096   -5.928  -9.529  1.00 16.83 ? 83  GLU A O   1 
ATOM   668 C CB  . GLU A 1 84  ? 6.757   -3.003  -8.704  1.00 16.30 ? 83  GLU A CB  1 
ATOM   669 C CG  . GLU A 1 84  ? 5.270   -2.932  -9.053  1.00 17.06 ? 83  GLU A CG  1 
ATOM   670 C CD  . GLU A 1 84  ? 4.855   -1.643  -9.772  1.00 22.09 ? 83  GLU A CD  1 
ATOM   671 O OE1 . GLU A 1 84  ? 5.566   -0.612  -9.685  1.00 18.55 ? 83  GLU A OE1 1 
ATOM   672 O OE2 . GLU A 1 84  ? 3.798   -1.664  -10.436 1.00 22.65 ? 83  GLU A OE2 1 
ATOM   673 N N   . VAL A 1 85  ? 5.515   -6.054  -7.916  1.00 12.72 ? 84  VAL A N   1 
ATOM   674 C CA  . VAL A 1 85  ? 4.852   -7.242  -8.441  1.00 15.46 ? 84  VAL A CA  1 
ATOM   675 C C   . VAL A 1 85  ? 3.572   -6.880  -9.180  1.00 14.54 ? 84  VAL A C   1 
ATOM   676 O O   . VAL A 1 85  ? 3.265   -7.470  -10.210 1.00 20.40 ? 84  VAL A O   1 
ATOM   677 C CB  . VAL A 1 85  ? 4.569   -8.238  -7.291  1.00 28.48 ? 84  VAL A CB  1 
ATOM   678 C CG1 . VAL A 1 85  ? 3.610   -9.335  -7.742  1.00 29.34 ? 84  VAL A CG1 1 
ATOM   679 C CG2 . VAL A 1 85  ? 5.869   -8.859  -6.808  1.00 39.10 ? 84  VAL A CG2 1 
ATOM   680 N N   . ARG A 1 86  ? 2.808   -5.910  -8.678  1.00 12.03 ? 85  ARG A N   1 
ATOM   681 C CA  . ARG A 1 86  ? 1.558   -5.509  -9.310  1.00 10.63 ? 85  ARG A CA  1 
ATOM   682 C C   . ARG A 1 86  ? 1.067   -4.245  -8.635  1.00 17.26 ? 85  ARG A C   1 
ATOM   683 O O   . ARG A 1 86  ? 1.479   -3.914  -7.513  1.00 14.63 ? 85  ARG A O   1 
ATOM   684 C CB  . ARG A 1 86  ? 0.474   -6.605  -9.206  1.00 13.10 ? 85  ARG A CB  1 
ATOM   685 C CG  . ARG A 1 86  ? 0.324   -7.161  -7.787  1.00 15.78 ? 85  ARG A CG  1 
ATOM   686 C CD  . ARG A 1 86  ? -0.619  -8.360  -7.772  1.00 22.25 ? 85  ARG A CD  1 
ATOM   687 N NE  . ARG A 1 86  ? -0.625  -9.022  -6.478  1.00 24.35 ? 85  ARG A NE  1 
ATOM   688 C CZ  . ARG A 1 86  ? -0.068  -10.206 -6.226  1.00 18.84 ? 85  ARG A CZ  1 
ATOM   689 N NH1 . ARG A 1 86  ? 0.538   -10.898 -7.187  1.00 23.52 ? 85  ARG A NH1 1 
ATOM   690 N NH2 . ARG A 1 86  ? -0.137  -10.703 -4.997  1.00 17.70 ? 85  ARG A NH2 1 
ATOM   691 N N   . ARG A 1 87  ? 0.168   -3.550  -9.325  1.00 11.35 ? 86  ARG A N   1 
ATOM   692 C CA  . ARG A 1 87  ? -0.445  -2.353  -8.779  1.00 13.03 ? 86  ARG A CA  1 
ATOM   693 C C   . ARG A 1 87  ? -1.920  -2.361  -9.169  1.00 15.28 ? 86  ARG A C   1 
ATOM   694 O O   . ARG A 1 87  ? -2.362  -3.138  -10.029 1.00 12.90 ? 86  ARG A O   1 
ATOM   695 C CB  . ARG A 1 87  ? 0.274   -1.079  -9.257  1.00 9.67  ? 86  ARG A CB  1 
ATOM   696 C CG  . ARG A 1 87  ? 0.192   -0.800  -10.768 1.00 13.30 ? 86  ARG A CG  1 
ATOM   697 C CD  . ARG A 1 87  ? 0.797   0.576   -11.089 1.00 16.79 ? 86  ARG A CD  1 
ATOM   698 N NE  . ARG A 1 87  ? 2.194   0.667   -10.653 1.00 17.23 ? 86  ARG A NE  1 
ATOM   699 C CZ  . ARG A 1 87  ? 2.784   1.802   -10.286 1.00 20.48 ? 86  ARG A CZ  1 
ATOM   700 N NH1 . ARG A 1 87  ? 2.085   2.930   -10.305 1.00 16.57 ? 86  ARG A NH1 1 
ATOM   701 N NH2 . ARG A 1 87  ? 4.060   1.805   -9.892  1.00 19.33 ? 86  ARG A NH2 1 
ATOM   702 N N   . SER A 1 88  ? -2.682  -1.505  -8.500  1.00 14.15 ? 87  SER A N   1 
ATOM   703 C CA  . SER A 1 88  ? -4.135  -1.486  -8.596  1.00 12.15 ? 87  SER A CA  1 
ATOM   704 C C   . SER A 1 88  ? -4.600  -0.076  -8.270  1.00 15.44 ? 87  SER A C   1 
ATOM   705 O O   . SER A 1 88  ? -4.038  0.558   -7.366  1.00 15.65 ? 87  SER A O   1 
ATOM   706 C CB  . SER A 1 88  ? -4.731  -2.522  -7.609  1.00 11.00 ? 87  SER A CB  1 
ATOM   707 O OG  . SER A 1 88  ? -6.130  -2.334  -7.444  1.00 20.51 ? 87  SER A OG  1 
ATOM   708 N N   . ILE A 1 89  ? -5.613  0.426   -8.989  1.00 11.98 ? 88  ILE A N   1 
ATOM   709 C CA  . ILE A 1 89  ? -6.172  1.760   -8.718  1.00 16.74 ? 88  ILE A CA  1 
ATOM   710 C C   . ILE A 1 89  ? -7.683  1.651   -8.507  1.00 17.63 ? 88  ILE A C   1 
ATOM   711 O O   . ILE A 1 89  ? -8.408  1.203   -9.404  1.00 12.51 ? 88  ILE A O   1 
ATOM   712 C CB  . ILE A 1 89  ? -5.883  2.759   -9.856  1.00 18.86 ? 88  ILE A CB  1 
ATOM   713 C CG1 . ILE A 1 89  ? -4.384  2.998   -10.063 1.00 13.76 ? 88  ILE A CG1 1 
ATOM   714 C CG2 . ILE A 1 89  ? -6.632  4.091   -9.622  1.00 18.71 ? 88  ILE A CG2 1 
ATOM   715 C CD1 . ILE A 1 89  ? -4.084  3.615   -11.464 1.00 15.35 ? 88  ILE A CD1 1 
ATOM   716 N N   . GLY A 1 90  ? -8.163  2.096   -7.355  1.00 14.41 ? 89  GLY A N   1 
ATOM   717 C CA  . GLY A 1 90  ? -9.587  2.255   -7.146  1.00 18.24 ? 89  GLY A CA  1 
ATOM   718 C C   . GLY A 1 90  ? -10.352 1.003   -6.757  1.00 15.29 ? 89  GLY A C   1 
ATOM   719 O O   . GLY A 1 90  ? -11.580 1.068   -6.623  1.00 17.52 ? 89  GLY A O   1 
ATOM   720 N N   . GLU A 1 91  ? -9.674  -0.117  -6.541  1.00 13.91 ? 90  GLU A N   1 
ATOM   721 C CA  . GLU A 1 91  ? -10.347 -1.378  -6.242  1.00 18.12 ? 90  GLU A CA  1 
ATOM   722 C C   . GLU A 1 91  ? -10.996 -1.359  -4.866  1.00 14.76 ? 90  GLU A C   1 
ATOM   723 O O   . GLU A 1 91  ? -10.323 -1.078  -3.866  1.00 17.17 ? 90  GLU A O   1 
ATOM   724 C CB  . GLU A 1 91  ? -9.339  -2.530  -6.296  1.00 13.95 ? 90  GLU A CB  1 
ATOM   725 C CG  . GLU A 1 91  ? -9.939  -3.879  -5.936  1.00 16.74 ? 90  GLU A CG  1 
ATOM   726 C CD  . GLU A 1 91  ? -11.019 -4.282  -6.931  1.00 19.91 ? 90  GLU A CD  1 
ATOM   727 O OE1 . GLU A 1 91  ? -12.221 -4.309  -6.552  1.00 20.03 ? 90  GLU A OE1 1 
ATOM   728 O OE2 . GLU A 1 91  ? -10.650 -4.558  -8.098  1.00 18.71 ? 90  GLU A OE2 1 
ATOM   729 N N   . THR A 1 92  ? -12.298 -1.707  -4.796  1.00 14.45 ? 91  THR A N   1 
ATOM   730 C CA  . THR A 1 92  ? -12.968 -1.788  -3.497  1.00 18.20 ? 91  THR A CA  1 
ATOM   731 C C   . THR A 1 92  ? -13.676 -3.115  -3.242  1.00 19.82 ? 91  THR A C   1 
ATOM   732 O O   . THR A 1 92  ? -14.372 -3.241  -2.227  1.00 15.97 ? 91  THR A O   1 
ATOM   733 C CB  . THR A 1 92  ? -13.982 -0.646  -3.302  1.00 19.24 ? 91  THR A CB  1 
ATOM   734 O OG1 . THR A 1 92  ? -14.994 -0.722  -4.309  1.00 17.32 ? 91  THR A OG1 1 
ATOM   735 C CG2 . THR A 1 92  ? -13.295 0.723   -3.365  1.00 26.63 ? 91  THR A CG2 1 
ATOM   736 N N   . SER A 1 93  ? -13.525 -4.114  -4.109  1.00 17.56 ? 92  SER A N   1 
ATOM   737 C CA  . SER A 1 93  ? -14.099 -5.428  -3.786  1.00 15.23 ? 92  SER A CA  1 
ATOM   738 C C   . SER A 1 93  ? -13.274 -6.096  -2.691  1.00 19.72 ? 92  SER A C   1 
ATOM   739 O O   . SER A 1 93  ? -12.059 -6.280  -2.864  1.00 14.52 ? 92  SER A O   1 
ATOM   740 C CB  . SER A 1 93  ? -14.157 -6.329  -5.024  1.00 18.03 ? 92  SER A CB  1 
ATOM   741 O OG  . SER A 1 93  ? -14.214 -7.694  -4.634  1.00 15.66 ? 92  SER A OG  1 
ATOM   742 N N   . PRO A 1 94  ? -13.879 -6.472  -1.555  1.00 19.87 ? 93  PRO A N   1 
ATOM   743 C CA  . PRO A 1 94  ? -13.108 -7.184  -0.513  1.00 21.35 ? 93  PRO A CA  1 
ATOM   744 C C   . PRO A 1 94  ? -12.379 -8.425  -1.023  1.00 18.96 ? 93  PRO A C   1 
ATOM   745 O O   . PRO A 1 94  ? -11.208 -8.623  -0.684  1.00 13.57 ? 93  PRO A O   1 
ATOM   746 C CB  . PRO A 1 94  ? -14.175 -7.542  0.533   1.00 22.61 ? 93  PRO A CB  1 
ATOM   747 C CG  . PRO A 1 94  ? -15.240 -6.472  0.359   1.00 24.29 ? 93  PRO A CG  1 
ATOM   748 C CD  . PRO A 1 94  ? -15.271 -6.199  -1.138  1.00 19.49 ? 93  PRO A CD  1 
ATOM   749 N N   . SER A 1 95  ? -13.015 -9.249  -1.861  1.00 18.18 ? 94  SER A N   1 
ATOM   750 C CA  . SER A 1 95  ? -12.321 -10.427 -2.373  1.00 15.54 ? 94  SER A CA  1 
ATOM   751 C C   . SER A 1 95  ? -11.191 -10.057 -3.331  1.00 16.73 ? 94  SER A C   1 
ATOM   752 O O   . SER A 1 95  ? -10.159 -10.741 -3.368  1.00 19.52 ? 94  SER A O   1 
ATOM   753 C CB  . SER A 1 95  ? -13.320 -11.369 -3.052  1.00 18.53 ? 94  SER A CB  1 
ATOM   754 O OG  . SER A 1 95  ? -13.894 -10.760 -4.182  1.00 19.69 ? 94  SER A OG  1 
ATOM   755 N N   . ALA A 1 96  ? -11.349 -8.986  -4.109  1.00 14.95 ? 95  ALA A N   1 
ATOM   756 C CA  . ALA A 1 96  ? -10.279 -8.589  -5.019  1.00 13.17 ? 95  ALA A CA  1 
ATOM   757 C C   . ALA A 1 96  ? -9.079  -8.047  -4.254  1.00 17.59 ? 95  ALA A C   1 
ATOM   758 O O   . ALA A 1 96  ? -7.929  -8.337  -4.607  1.00 11.92 ? 95  ALA A O   1 
ATOM   759 C CB  . ALA A 1 96  ? -10.788 -7.548  -6.030  1.00 12.84 ? 95  ALA A CB  1 
ATOM   760 N N   . LEU A 1 97  ? -9.328  -7.254  -3.205  1.00 14.01 ? 96  LEU A N   1 
ATOM   761 C CA  . LEU A 1 97  ? -8.245  -6.715  -2.390  1.00 12.68 ? 96  LEU A CA  1 
ATOM   762 C C   . LEU A 1 97  ? -7.507  -7.827  -1.657  1.00 14.00 ? 96  LEU A C   1 
ATOM   763 O O   . LEU A 1 97  ? -6.271  -7.814  -1.575  1.00 15.88 ? 96  LEU A O   1 
ATOM   764 C CB  . LEU A 1 97  ? -8.800  -5.699  -1.385  1.00 14.19 ? 96  LEU A CB  1 
ATOM   765 C CG  . LEU A 1 97  ? -9.384  -4.432  -2.009  1.00 11.13 ? 96  LEU A CG  1 
ATOM   766 C CD1 . LEU A 1 97  ? -9.981  -3.573  -0.923  1.00 15.50 ? 96  LEU A CD1 1 
ATOM   767 C CD2 . LEU A 1 97  ? -8.301  -3.632  -2.702  1.00 11.23 ? 96  LEU A CD2 1 
ATOM   768 N N   . SER A 1 98  ? -8.250  -8.779  -1.086  1.00 13.52 ? 97  SER A N   1 
ATOM   769 C CA  . SER A 1 98  ? -7.630  -9.969  -0.508  1.00 14.31 ? 97  SER A CA  1 
ATOM   770 C C   . SER A 1 98  ? -6.739  -10.674 -1.529  1.00 13.30 ? 97  SER A C   1 
ATOM   771 O O   . SER A 1 98  ? -5.595  -11.038 -1.240  1.00 15.11 ? 97  SER A O   1 
ATOM   772 C CB  . SER A 1 98  ? -8.712  -10.918 0.002   1.00 17.26 ? 97  SER A CB  1 
ATOM   773 O OG  . SER A 1 98  ? -8.144  -12.120 0.446   1.00 22.06 ? 97  SER A OG  1 
ATOM   774 N N   . ASP A 1 99  ? -7.250  -10.881 -2.731  1.00 16.73 ? 98  ASP A N   1 
ATOM   775 C CA  . ASP A 1 99  ? -6.453  -11.615 -3.710  1.00 20.14 ? 98  ASP A CA  1 
ATOM   776 C C   . ASP A 1 99  ? -5.241  -10.807 -4.161  1.00 12.94 ? 98  ASP A C   1 
ATOM   777 O O   . ASP A 1 99  ? -4.179  -11.383 -4.425  1.00 18.64 ? 98  ASP A O   1 
ATOM   778 C CB  . ASP A 1 99  ? -7.327  -12.001 -4.897  1.00 24.07 ? 98  ASP A CB  1 
ATOM   779 C CG  . ASP A 1 99  ? -6.630  -12.965 -5.834  1.00 30.85 ? 98  ASP A CG  1 
ATOM   780 O OD1 . ASP A 1 99  ? -6.289  -14.087 -5.404  1.00 36.57 ? 98  ASP A OD1 1 
ATOM   781 O OD2 . ASP A 1 99  ? -6.400  -12.575 -6.979  1.00 30.00 ? 98  ASP A OD2 1 
ATOM   782 N N   . PHE A 1 100 ? -5.377  -9.478  -4.217  1.00 12.00 ? 99  PHE A N   1 
ATOM   783 C CA  . PHE A 1 100 ? -4.264  -8.593  -4.567  1.00 17.55 ? 99  PHE A CA  1 
ATOM   784 C C   . PHE A 1 100 ? -3.088  -8.778  -3.608  1.00 19.98 ? 99  PHE A C   1 
ATOM   785 O O   . PHE A 1 100 ? -1.922  -8.749  -4.021  1.00 13.60 ? 99  PHE A O   1 
ATOM   786 C CB  . PHE A 1 100 ? -4.730  -7.136  -4.542  1.00 13.51 ? 99  PHE A CB  1 
ATOM   787 C CG  . PHE A 1 100 ? -3.640  -6.135  -4.871  1.00 11.46 ? 99  PHE A CG  1 
ATOM   788 C CD1 . PHE A 1 100 ? -3.273  -5.900  -6.186  1.00 16.36 ? 99  PHE A CD1 1 
ATOM   789 C CD2 . PHE A 1 100 ? -2.991  -5.442  -3.858  1.00 12.83 ? 99  PHE A CD2 1 
ATOM   790 C CE1 . PHE A 1 100 ? -2.251  -4.987  -6.490  1.00 17.31 ? 99  PHE A CE1 1 
ATOM   791 C CE2 . PHE A 1 100 ? -1.992  -4.523  -4.140  1.00 12.43 ? 99  PHE A CE2 1 
ATOM   792 C CZ  . PHE A 1 100 ? -1.627  -4.283  -5.456  1.00 10.83 ? 99  PHE A CZ  1 
ATOM   793 N N   . LEU A 1 101 ? -3.382  -8.974  -2.330  1.00 11.59 ? 100 LEU A N   1 
ATOM   794 C CA  . LEU A 1 101 ? -2.341  -9.161  -1.326  1.00 12.69 ? 100 LEU A CA  1 
ATOM   795 C C   . LEU A 1 101 ? -1.782  -10.571 -1.298  1.00 15.65 ? 100 LEU A C   1 
ATOM   796 O O   . LEU A 1 101 ? -0.636  -10.756 -0.874  1.00 19.25 ? 100 LEU A O   1 
ATOM   797 C CB  . LEU A 1 101 ? -2.892  -8.835  0.061   1.00 15.14 ? 100 LEU A CB  1 
ATOM   798 C CG  . LEU A 1 101 ? -3.304  -7.363  0.232   1.00 17.57 ? 100 LEU A CG  1 
ATOM   799 C CD1 . LEU A 1 101 ? -3.865  -7.183  1.654   1.00 18.31 ? 100 LEU A CD1 1 
ATOM   800 C CD2 . LEU A 1 101 ? -2.113  -6.452  -0.014  1.00 16.91 ? 100 LEU A CD2 1 
ATOM   801 N N   . THR A 1 102 ? -2.566  -11.555 -1.736  1.00 15.70 ? 101 THR A N   1 
ATOM   802 C CA  . THR A 1 102 ? -2.350  -12.966 -1.436  1.00 23.58 ? 101 THR A CA  1 
ATOM   803 C C   . THR A 1 102 ? -1.713  -13.736 -2.582  1.00 31.25 ? 101 THR A C   1 
ATOM   804 O O   . THR A 1 102 ? -0.828  -14.571 -2.352  1.00 26.55 ? 101 THR A O   1 
ATOM   805 C CB  . THR A 1 102 ? -3.688  -13.614 -1.086  1.00 24.22 ? 101 THR A CB  1 
ATOM   806 O OG1 . THR A 1 102 ? -4.181  -13.037 0.130   1.00 50.31 ? 101 THR A OG1 1 
ATOM   807 C CG2 . THR A 1 102 ? -3.526  -15.092 -0.907  1.00 36.84 ? 101 THR A CG2 1 
ATOM   808 N N   . ARG A 1 103 ? -2.174  -13.494 -3.809  1.00 24.02 ? 102 ARG A N   1 
ATOM   809 C CA  . ARG A 1 103 ? -1.679  -14.255 -4.952  1.00 28.95 ? 102 ARG A CA  1 
ATOM   810 C C   . ARG A 1 103 ? -0.228  -13.891 -5.275  1.00 22.70 ? 102 ARG A C   1 
ATOM   811 O O   . ARG A 1 103 ? 0.484   -14.724 -5.841  1.00 41.35 ? 102 ARG A O   1 
ATOM   812 C CB  . ARG A 1 103 ? -2.569  -14.044 -6.184  1.00 26.77 ? 102 ARG A CB  1 
ATOM   813 C CG  . ARG A 1 103 ? -2.377  -12.712 -6.918  1.00 28.67 ? 102 ARG A CG  1 
ATOM   814 C CD  . ARG A 1 103 ? -3.216  -12.675 -8.213  1.00 18.23 ? 102 ARG A CD  1 
ATOM   815 N NE  . ARG A 1 103 ? -3.111  -11.366 -8.832  1.00 23.09 ? 102 ARG A NE  1 
ATOM   816 C CZ  . ARG A 1 103 ? -3.884  -10.330 -8.525  1.00 23.41 ? 102 ARG A CZ  1 
ATOM   817 N NH1 . ARG A 1 103 ? -4.854  -10.458 -7.624  1.00 28.87 ? 102 ARG A NH1 1 
ATOM   818 N NH2 . ARG A 1 103 ? -3.709  -9.171  -9.140  1.00 25.42 ? 102 ARG A NH2 1 
HETATM 819 S S   . SO4 B 2 .   ? -16.918 -9.353  -2.832  1.00 28.34 ? 201 SO4 A S   1 
HETATM 820 O O1  . SO4 B 2 .   ? -15.860 -9.289  -1.831  1.00 29.94 ? 201 SO4 A O1  1 
HETATM 821 O O2  . SO4 B 2 .   ? -18.213 -9.474  -2.181  1.00 25.38 ? 201 SO4 A O2  1 
HETATM 822 O O3  . SO4 B 2 .   ? -16.930 -8.109  -3.634  1.00 27.87 ? 201 SO4 A O3  1 
HETATM 823 O O4  . SO4 B 2 .   ? -16.692 -10.511 -3.699  1.00 24.98 ? 201 SO4 A O4  1 
HETATM 824 O O   . HOH C 3 .   ? 10.132  -5.948  7.462   1.00 27.01 ? 301 HOH A O   1 
HETATM 825 O O   . HOH C 3 .   ? 7.736   4.241   10.482  1.00 25.37 ? 302 HOH A O   1 
HETATM 826 O O   . HOH C 3 .   ? -7.253  15.806  -0.023  1.00 48.32 ? 303 HOH A O   1 
HETATM 827 O O   . HOH C 3 .   ? -3.329  15.197  4.586   1.00 56.10 ? 304 HOH A O   1 
HETATM 828 O O   . HOH C 3 .   ? 10.942  10.452  -1.082  1.00 45.53 ? 305 HOH A O   1 
HETATM 829 O O   . HOH C 3 .   ? 10.983  -0.592  7.840   1.00 32.95 ? 306 HOH A O   1 
HETATM 830 O O   . HOH C 3 .   ? -5.917  2.229   3.469   1.00 41.46 ? 307 HOH A O   1 
HETATM 831 O O   . HOH C 3 .   ? 9.692   0.789   10.202  1.00 30.10 ? 308 HOH A O   1 
HETATM 832 O O   . HOH C 3 .   ? -8.278  -5.139  -8.975  0.50 20.86 ? 309 HOH A O   1 
HETATM 833 O O   . HOH C 3 .   ? -6.959  -8.613  -7.000  1.00 17.17 ? 310 HOH A O   1 
HETATM 834 O O   . HOH C 3 .   ? 4.737   -1.056  7.829   1.00 17.97 ? 311 HOH A O   1 
HETATM 835 O O   . HOH C 3 .   ? 4.916   14.276  -7.384  1.00 24.44 ? 312 HOH A O   1 
HETATM 836 O O   . HOH C 3 .   ? 15.390  -7.538  -5.346  1.00 32.94 ? 313 HOH A O   1 
HETATM 837 O O   . HOH C 3 .   ? 2.355   9.613   5.447   1.00 35.50 ? 314 HOH A O   1 
HETATM 838 O O   . HOH C 3 .   ? 3.067   -3.821  -11.757 1.00 25.55 ? 315 HOH A O   1 
HETATM 839 O O   . HOH C 3 .   ? 9.148   -10.087 -0.121  1.00 24.40 ? 316 HOH A O   1 
HETATM 840 O O   . HOH C 3 .   ? -6.406  -15.273 -3.043  1.00 45.91 ? 317 HOH A O   1 
HETATM 841 O O   . HOH C 3 .   ? -7.239  3.778   2.421   1.00 42.75 ? 318 HOH A O   1 
HETATM 842 O O   . HOH C 3 .   ? 7.412   0.798   -8.412  1.00 26.74 ? 319 HOH A O   1 
HETATM 843 O O   . HOH C 3 .   ? 16.455  -3.809  6.121   1.00 29.30 ? 320 HOH A O   1 
HETATM 844 O O   . HOH C 3 .   ? 6.892   10.285  7.403   1.00 27.65 ? 321 HOH A O   1 
HETATM 845 O O   . HOH C 3 .   ? 8.366   -8.020  -10.602 1.00 33.83 ? 322 HOH A O   1 
HETATM 846 O O   . HOH C 3 .   ? -11.973 -7.001  4.061   1.00 24.16 ? 323 HOH A O   1 
HETATM 847 O O   . HOH C 3 .   ? -2.905  12.057  7.231   1.00 43.65 ? 324 HOH A O   1 
HETATM 848 O O   . HOH C 3 .   ? -0.327  2.074   12.318  1.00 44.29 ? 325 HOH A O   1 
HETATM 849 O O   . HOH C 3 .   ? -0.931  -9.865  9.737   1.00 19.23 ? 326 HOH A O   1 
HETATM 850 O O   . HOH C 3 .   ? 16.663  3.314   6.261   1.00 42.80 ? 327 HOH A O   1 
HETATM 851 O O   . HOH C 3 .   ? -4.510  13.818  2.344   1.00 50.03 ? 328 HOH A O   1 
HETATM 852 O O   . HOH C 3 .   ? -7.954  -13.804 -1.667  1.00 38.15 ? 329 HOH A O   1 
HETATM 853 O O   . HOH C 3 .   ? 7.874   6.093   8.546   1.00 16.75 ? 330 HOH A O   1 
HETATM 854 O O   . HOH C 3 .   ? -5.299  -6.969  -9.196  1.00 26.21 ? 331 HOH A O   1 
HETATM 855 O O   . HOH C 3 .   ? 2.512   2.675   13.067  1.00 26.78 ? 332 HOH A O   1 
HETATM 856 O O   . HOH C 3 .   ? -13.047 -11.981 -6.487  1.00 21.17 ? 333 HOH A O   1 
HETATM 857 O O   . HOH C 3 .   ? 11.017  -7.246  -11.388 1.00 32.50 ? 334 HOH A O   1 
HETATM 858 O O   . HOH C 3 .   ? 19.104  -6.475  1.473   1.00 28.70 ? 335 HOH A O   1 
HETATM 859 O O   . HOH C 3 .   ? 15.767  10.842  2.474   1.00 39.28 ? 336 HOH A O   1 
HETATM 860 O O   . HOH C 3 .   ? -4.866  -4.038  10.798  1.00 33.96 ? 337 HOH A O   1 
HETATM 861 O O   . HOH C 3 .   ? 8.149   -7.977  7.769   1.00 21.80 ? 338 HOH A O   1 
HETATM 862 O O   . HOH C 3 .   ? 12.471  -12.143 0.226   1.00 34.13 ? 339 HOH A O   1 
HETATM 863 O O   . HOH C 3 .   ? 0.132   8.708   6.544   1.00 32.93 ? 340 HOH A O   1 
HETATM 864 O O   . HOH C 3 .   ? -6.574  -0.103  -5.851  1.00 15.71 ? 341 HOH A O   1 
HETATM 865 O O   . HOH C 3 .   ? -10.017 -13.517 -3.404  1.00 29.71 ? 342 HOH A O   1 
HETATM 866 O O   . HOH C 3 .   ? -6.342  3.928   -0.096  1.00 26.64 ? 343 HOH A O   1 
HETATM 867 O O   . HOH C 3 .   ? 3.047   -12.195 5.057   1.00 22.94 ? 344 HOH A O   1 
HETATM 868 O O   . HOH C 3 .   ? 11.962  -6.997  0.809   1.00 23.59 ? 345 HOH A O   1 
HETATM 869 O O   . HOH C 3 .   ? 2.193   14.344  5.861   1.00 37.18 ? 346 HOH A O   1 
HETATM 870 O O   . HOH C 3 .   ? -0.147  4.300   -11.384 1.00 34.95 ? 347 HOH A O   1 
HETATM 871 O O   . HOH C 3 .   ? -12.739 3.186   -8.109  0.50 36.95 ? 348 HOH A O   1 
HETATM 872 O O   . HOH C 3 .   ? 13.930  5.085   -1.754  1.00 51.93 ? 349 HOH A O   1 
HETATM 873 O O   . HOH C 3 .   ? 12.050  0.375   -3.900  1.00 31.78 ? 350 HOH A O   1 
HETATM 874 O O   . HOH C 3 .   ? -12.458 -1.872  9.155   1.00 36.65 ? 351 HOH A O   1 
HETATM 875 O O   . HOH C 3 .   ? 10.332  -2.460  -8.846  1.00 25.90 ? 352 HOH A O   1 
HETATM 876 O O   . HOH C 3 .   ? 9.287   -5.814  -0.935  1.00 14.95 ? 353 HOH A O   1 
HETATM 877 O O   . HOH C 3 .   ? -2.871  -5.931  -10.256 1.00 23.10 ? 354 HOH A O   1 
HETATM 878 O O   . HOH C 3 .   ? 13.012  9.143   6.185   1.00 22.45 ? 355 HOH A O   1 
HETATM 879 O O   . HOH C 3 .   ? -1.673  5.981   -9.987  1.00 17.55 ? 356 HOH A O   1 
HETATM 880 O O   . HOH C 3 .   ? 16.326  -10.043 -6.803  1.00 32.40 ? 357 HOH A O   1 
HETATM 881 O O   . HOH C 3 .   ? 16.380  -0.535  -0.007  1.00 39.83 ? 358 HOH A O   1 
HETATM 882 O O   . HOH C 3 .   ? 10.287  -10.056 -6.685  1.00 30.47 ? 359 HOH A O   1 
HETATM 883 O O   . HOH C 3 .   ? -1.024  -11.996 -10.732 1.00 47.11 ? 360 HOH A O   1 
HETATM 884 O O   . HOH C 3 .   ? 12.188  -1.319  -6.837  1.00 40.49 ? 361 HOH A O   1 
HETATM 885 O O   . HOH C 3 .   ? -8.833  -9.798  10.430  1.00 48.86 ? 362 HOH A O   1 
HETATM 886 O O   . HOH C 3 .   ? 15.619  -6.986  -0.982  1.00 45.70 ? 363 HOH A O   1 
HETATM 887 O O   . HOH C 3 .   ? 12.581  13.529  2.086   1.00 30.83 ? 364 HOH A O   1 
HETATM 888 O O   . HOH C 3 .   ? -9.213  -13.256 2.922   1.00 36.13 ? 365 HOH A O   1 
HETATM 889 O O   . HOH C 3 .   ? 7.967   13.353  -13.987 1.00 34.30 ? 366 HOH A O   1 
HETATM 890 O O   . HOH C 3 .   ? -13.180 5.644   10.404  1.00 40.88 ? 367 HOH A O   1 
HETATM 891 O O   . HOH C 3 .   ? 10.589  10.816  4.316   1.00 25.81 ? 368 HOH A O   1 
HETATM 892 O O   . HOH C 3 .   ? -8.361  6.504   9.545   1.00 46.36 ? 369 HOH A O   1 
HETATM 893 O O   . HOH C 3 .   ? 5.747   17.153  -0.914  1.00 34.80 ? 370 HOH A O   1 
HETATM 894 O O   . HOH C 3 .   ? -16.555 -13.493 -3.362  1.00 31.82 ? 371 HOH A O   1 
HETATM 895 O O   . HOH C 3 .   ? 7.811   3.085   -9.744  1.00 33.35 ? 372 HOH A O   1 
HETATM 896 O O   . HOH C 3 .   ? 3.107   6.532   -15.783 1.00 32.07 ? 373 HOH A O   1 
HETATM 897 O O   . HOH C 3 .   ? -4.921  0.311   8.211   1.00 32.01 ? 374 HOH A O   1 
HETATM 898 O O   . HOH C 3 .   ? 14.393  -4.638  8.874   1.00 33.89 ? 375 HOH A O   1 
HETATM 899 O O   . HOH C 3 .   ? -6.748  15.045  -3.091  1.00 48.08 ? 376 HOH A O   1 
HETATM 900 O O   . HOH C 3 .   ? 5.432   -12.885 -6.547  1.00 47.73 ? 377 HOH A O   1 
HETATM 901 O O   . HOH C 3 .   ? -6.622  -5.448  -7.443  1.00 27.66 ? 378 HOH A O   1 
HETATM 902 O O   . HOH C 3 .   ? -1.091  -19.421 9.529   1.00 34.08 ? 379 HOH A O   1 
HETATM 903 O O   . HOH C 3 .   ? -12.203 -9.509  2.296   1.00 42.81 ? 380 HOH A O   1 
HETATM 904 O O   . HOH C 3 .   ? 7.165   8.787   -12.628 1.00 43.69 ? 381 HOH A O   1 
HETATM 905 O O   . HOH C 3 .   ? -14.549 -4.418  6.649   1.00 34.02 ? 382 HOH A O   1 
HETATM 906 O O   . HOH C 3 .   ? 6.834   16.569  -10.947 1.00 31.77 ? 383 HOH A O   1 
HETATM 907 O O   . HOH C 3 .   ? -6.889  5.577   4.118   1.00 42.41 ? 384 HOH A O   1 
HETATM 908 O O   . HOH C 3 .   ? -17.089 3.028   3.836   1.00 35.87 ? 385 HOH A O   1 
HETATM 909 O O   . HOH C 3 .   ? -0.002  4.800   9.542   1.00 28.10 ? 386 HOH A O   1 
HETATM 910 O O   . HOH C 3 .   ? 6.012   -8.819  -11.917 1.00 30.75 ? 387 HOH A O   1 
HETATM 911 O O   . HOH C 3 .   ? -5.657  -15.438 3.968   1.00 39.18 ? 388 HOH A O   1 
HETATM 912 O O   . HOH C 3 .   ? -3.355  6.962   7.268   1.00 41.70 ? 389 HOH A O   1 
HETATM 913 O O   . HOH C 3 .   ? 2.760   14.203  -8.569  1.00 44.62 ? 390 HOH A O   1 
HETATM 914 O O   . HOH C 3 .   ? 0.461   5.110   11.954  1.00 41.52 ? 391 HOH A O   1 
HETATM 915 O O   . HOH C 3 .   ? -0.543  7.221   8.295   1.00 35.90 ? 392 HOH A O   1 
HETATM 916 O O   . HOH C 3 .   ? 7.526   8.784   9.772   0.50 15.33 ? 393 HOH A O   1 
HETATM 917 O O   . HOH C 3 .   ? -11.677 5.834   -8.193  1.00 38.48 ? 394 HOH A O   1 
HETATM 918 O O   . HOH C 3 .   ? 6.481   5.196   12.528  1.00 25.77 ? 395 HOH A O   1 
HETATM 919 O O   . HOH C 3 .   ? 4.460   11.830  8.200   1.00 43.35 ? 396 HOH A O   1 
HETATM 920 O O   . HOH C 3 .   ? -5.744  -2.951  13.037  0.50 38.19 ? 397 HOH A O   1 
HETATM 921 O O   . HOH C 3 .   ? 2.250   7.243   13.082  1.00 40.37 ? 398 HOH A O   1 
HETATM 922 O O   . HOH C 3 .   ? 3.283   11.433  10.695  0.50 45.52 ? 399 HOH A O   1 
# 
loop_
_atom_site_anisotrop.id 
_atom_site_anisotrop.type_symbol 
_atom_site_anisotrop.pdbx_label_atom_id 
_atom_site_anisotrop.pdbx_label_alt_id 
_atom_site_anisotrop.pdbx_label_comp_id 
_atom_site_anisotrop.pdbx_label_asym_id 
_atom_site_anisotrop.pdbx_label_seq_id 
_atom_site_anisotrop.pdbx_PDB_ins_code 
_atom_site_anisotrop.U[1][1] 
_atom_site_anisotrop.U[2][2] 
_atom_site_anisotrop.U[3][3] 
_atom_site_anisotrop.U[1][2] 
_atom_site_anisotrop.U[1][3] 
_atom_site_anisotrop.U[2][3] 
_atom_site_anisotrop.pdbx_auth_seq_id 
_atom_site_anisotrop.pdbx_auth_comp_id 
_atom_site_anisotrop.pdbx_auth_asym_id 
_atom_site_anisotrop.pdbx_auth_atom_id 
1   N N   . SER A 1   ? 0.2895 0.1709 0.2423 0.0443  0.0770  0.0545  0   SER A N   
2   C CA  . SER A 1   ? 0.2825 0.1568 0.2056 0.0399  0.0635  0.0552  0   SER A CA  
3   C C   . SER A 1   ? 0.2684 0.1354 0.1896 0.0317  0.0576  0.0420  0   SER A C   
4   O O   . SER A 1   ? 0.2334 0.1069 0.1749 0.0297  0.0595  0.0350  0   SER A O   
5   C CB  . SER A 1   ? 0.3692 0.2570 0.2778 0.0406  0.0491  0.0677  0   SER A CB  
6   O OG  . SER A 1   ? 0.3181 0.2205 0.2431 0.0357  0.0428  0.0660  0   SER A OG  
7   N N   . VAL A 2   ? 0.2672 0.1221 0.1630 0.0274  0.0501  0.0375  1   VAL A N   
8   C CA  . VAL A 2   ? 0.3147 0.1631 0.2053 0.0212  0.0423  0.0240  1   VAL A CA  
9   C C   . VAL A 2   ? 0.3055 0.1513 0.1699 0.0135  0.0279  0.0250  1   VAL A C   
10  O O   . VAL A 2   ? 0.2880 0.1288 0.1336 0.0140  0.0265  0.0274  1   VAL A O   
11  C CB  . VAL A 2   ? 0.2279 0.0667 0.1203 0.0241  0.0503  0.0109  1   VAL A CB  
12  C CG1 . VAL A 2   ? 0.2473 0.0890 0.1374 0.0204  0.0395  -0.0006 1   VAL A CG1 
13  C CG2 . VAL A 2   ? 0.3079 0.1644 0.2322 0.0266  0.0638  0.0074  1   VAL A CG2 
14  N N   . GLU A 3   ? 0.2555 0.1037 0.1182 0.0058  0.0187  0.0219  2   GLU A N   
15  C CA  . GLU A 3   ? 0.2645 0.1092 0.1052 -0.0040 0.0077  0.0208  2   GLU A CA  
16  C C   . GLU A 3   ? 0.3074 0.1388 0.1419 -0.0109 0.0034  0.0136  2   GLU A C   
17  O O   . GLU A 3   ? 0.2561 0.0888 0.1039 -0.0076 0.0067  0.0120  2   GLU A O   
18  C CB  . GLU A 3   ? 0.3792 0.2474 0.2228 -0.0081 0.0015  0.0291  2   GLU A CB  
19  C CG  . GLU A 3   ? 0.3466 0.2313 0.2095 -0.0121 0.0003  0.0316  2   GLU A CG  
20  C CD  . GLU A 3   ? 0.4887 0.4017 0.3621 -0.0089 -0.0029 0.0406  2   GLU A CD  
21  O OE1 . GLU A 3   ? 0.4269 0.3475 0.3169 0.0025  0.0046  0.0485  2   GLU A OE1 
22  O OE2 . GLU A 3   ? 0.4858 0.4137 0.3510 -0.0170 -0.0123 0.0387  2   GLU A OE2 
23  N N   . PRO A 4   ? 0.3398 0.1563 0.1524 -0.0195 -0.0027 0.0089  3   PRO A N   
24  C CA  . PRO A 4   ? 0.3481 0.1466 0.1510 -0.0258 -0.0047 0.0048  3   PRO A CA  
25  C C   . PRO A 4   ? 0.2848 0.0992 0.0988 -0.0347 -0.0057 0.0095  3   PRO A C   
26  O O   . PRO A 4   ? 0.2903 0.1281 0.1134 -0.0406 -0.0085 0.0131  3   PRO A O   
27  C CB  . PRO A 4   ? 0.3849 0.1648 0.1641 -0.0352 -0.0087 -0.0013 3   PRO A CB  
28  C CG  . PRO A 4   ? 0.4048 0.1947 0.1811 -0.0320 -0.0097 -0.0019 3   PRO A CG  
29  C CD  . PRO A 4   ? 0.3844 0.2006 0.1802 -0.0244 -0.0071 0.0070  3   PRO A CD  
30  N N   . TYR A 5   ? 0.3036 0.1068 0.1160 -0.0346 -0.0035 0.0090  4   TYR A N   
31  C CA  . TYR A 5   ? 0.3075 0.1227 0.1276 -0.0449 -0.0028 0.0124  4   TYR A CA  
32  C C   . TYR A 5   ? 0.3853 0.1976 0.1940 -0.0627 -0.0053 0.0098  4   TYR A C   
33  O O   . TYR A 5   ? 0.3339 0.1189 0.1209 -0.0685 -0.0052 0.0051  4   TYR A O   
34  C CB  . TYR A 5   ? 0.2829 0.0862 0.0983 -0.0406 0.0007  0.0118  4   TYR A CB  
35  C CG  . TYR A 5   ? 0.3643 0.1766 0.1842 -0.0535 0.0033  0.0155  4   TYR A CG  
36  C CD1 . TYR A 5   ? 0.3181 0.1595 0.1632 -0.0513 0.0052  0.0180  4   TYR A CD1 
37  C CD2 . TYR A 5   ? 0.3848 0.1845 0.1907 -0.0672 0.0052  0.0134  4   TYR A CD2 
38  C CE1 . TYR A 5   ? 0.3285 0.1831 0.1807 -0.0634 0.0081  0.0194  4   TYR A CE1 
39  C CE2 . TYR A 5   ? 0.4512 0.2612 0.2631 -0.0805 0.0093  0.0148  4   TYR A CE2 
40  C CZ  . TYR A 5   ? 0.4463 0.2823 0.2794 -0.0797 0.0106  0.0184  4   TYR A CZ  
41  O OH  . TYR A 5   ? 0.5399 0.3881 0.3798 -0.0939 0.0157  0.0183  4   TYR A OH  
42  N N   . SER A 6   ? 0.3522 0.1944 0.1781 -0.0714 -0.0069 0.0111  5   SER A N   
43  C CA  . SER A 6   ? 0.3215 0.1691 0.1443 -0.0909 -0.0073 0.0057  5   SER A CA  
44  C C   . SER A 6   ? 0.3714 0.2479 0.2167 -0.0958 -0.0053 0.0081  5   SER A C   
45  O O   . SER A 6   ? 0.2828 0.1810 0.1477 -0.0835 -0.0060 0.0136  5   SER A O   
46  C CB  . SER A 6   ? 0.4001 0.2652 0.2218 -0.0965 -0.0141 -0.0005 5   SER A CB  
47  O OG  . SER A 6   ? 0.3210 0.2253 0.1633 -0.0884 -0.0195 0.0037  5   SER A OG  
48  N N   . ASP A 7   ? 0.4389 0.3124 0.2811 -0.1142 -0.0007 0.0030  6   ASP A N   
49  C CA  . ASP A 7   ? 0.4433 0.3458 0.3071 -0.1219 0.0022  0.0028  6   ASP A CA  
50  C C   . ASP A 7   ? 0.3175 0.2659 0.2076 -0.1158 -0.0059 0.0024  6   ASP A C   
51  O O   . ASP A 7   ? 0.2918 0.2622 0.2029 -0.1061 -0.0055 0.0075  6   ASP A O   
52  C CB  . ASP A 7   ? 0.5079 0.4029 0.3652 -0.1463 0.0095  -0.0057 6   ASP A CB  
53  C CG  . ASP A 7   ? 0.6843 0.5353 0.5157 -0.1451 0.0194  -0.0026 6   ASP A CG  
54  O OD1 . ASP A 7   ? 0.5455 0.3799 0.3685 -0.1279 0.0196  0.0054  6   ASP A OD1 
55  O OD2 . ASP A 7   ? 0.7443 0.5834 0.5670 -0.1568 0.0267  -0.0093 6   ASP A OD2 
56  N N   . ALA A 8   ? 0.2829 0.2465 0.1713 -0.1196 -0.0134 -0.0041 7   ALA A N   
57  C CA  . ALA A 8   ? 0.2645 0.2743 0.1749 -0.1128 -0.0219 -0.0046 7   ALA A CA  
58  C C   . ALA A 8   ? 0.2688 0.2829 0.1857 -0.0884 -0.0243 0.0081  7   ALA A C   
59  O O   . ALA A 8   ? 0.2291 0.2727 0.1685 -0.0785 -0.0259 0.0129  7   ALA A O   
60  C CB  . ALA A 8   ? 0.2809 0.3090 0.1852 -0.1212 -0.0300 -0.0159 7   ALA A CB  
61  N N   . ALA A 9   ? 0.2494 0.2341 0.1481 -0.0785 -0.0232 0.0130  8   ALA A N   
62  C CA  . ALA A 9   ? 0.2347 0.2219 0.1410 -0.0577 -0.0220 0.0237  8   ALA A CA  
63  C C   . ALA A 9   ? 0.2155 0.1994 0.1396 -0.0514 -0.0139 0.0283  8   ALA A C   
64  O O   . ALA A 9   ? 0.2359 0.2349 0.1784 -0.0378 -0.0114 0.0354  8   ALA A O   
65  C CB  . ALA A 9   ? 0.2621 0.2210 0.1467 -0.0502 -0.0212 0.0253  8   ALA A CB  
66  N N   . PHE A 10  ? 0.2175 0.1813 0.1354 -0.0602 -0.0088 0.0245  9   PHE A N   
67  C CA  . PHE A 10  ? 0.2008 0.1655 0.1346 -0.0542 -0.0016 0.0266  9   PHE A CA  
68  C C   . PHE A 10  ? 0.2454 0.2440 0.2054 -0.0573 -0.0012 0.0265  9   PHE A C   
69  O O   . PHE A 10  ? 0.2242 0.2364 0.2063 -0.0460 0.0030  0.0299  9   PHE A O   
70  C CB  . PHE A 10  ? 0.2749 0.2124 0.1913 -0.0609 0.0026  0.0230  9   PHE A CB  
71  C CG  . PHE A 10  ? 0.2840 0.2266 0.2143 -0.0551 0.0091  0.0229  9   PHE A CG  
72  C CD1 . PHE A 10  ? 0.2624 0.2008 0.2006 -0.0401 0.0126  0.0225  9   PHE A CD1 
73  C CD2 . PHE A 10  ? 0.3425 0.2965 0.2789 -0.0656 0.0126  0.0211  9   PHE A CD2 
74  C CE1 . PHE A 10  ? 0.2275 0.1750 0.1800 -0.0351 0.0184  0.0191  9   PHE A CE1 
75  C CE2 . PHE A 10  ? 0.3419 0.3035 0.2901 -0.0600 0.0185  0.0198  9   PHE A CE2 
76  C CZ  . PHE A 10  ? 0.2331 0.1925 0.1897 -0.0445 0.0206  0.0182  9   PHE A CZ  
77  N N   . THR A 11  ? 0.2181 0.2310 0.1778 -0.0732 -0.0042 0.0209  10  THR A N   
78  C CA  . THR A 11  ? 0.2756 0.3236 0.2618 -0.0769 -0.0035 0.0185  10  THR A CA  
79  C C   . THR A 11  ? 0.2753 0.3525 0.2811 -0.0611 -0.0090 0.0236  10  THR A C   
80  O O   . THR A 11  ? 0.2220 0.3203 0.2533 -0.0530 -0.0059 0.0258  10  THR A O   
81  C CB  . THR A 11  ? 0.4235 0.4835 0.4074 -0.0988 -0.0044 0.0086  10  THR A CB  
82  O OG1 . THR A 11  ? 0.5698 0.6439 0.5488 -0.1017 -0.0135 0.0039  10  THR A OG1 
83  C CG2 . THR A 11  ? 0.4078 0.4308 0.3663 -0.1135 0.0032  0.0059  10  THR A CG2 
84  N N   . GLN A 12  ? 0.2115 0.2883 0.2044 -0.0547 -0.0164 0.0264  11  GLN A N   
85  C CA  . GLN A 12  ? 0.2116 0.3124 0.2172 -0.0363 -0.0210 0.0341  11  GLN A CA  
86  C C   . GLN A 12  ? 0.2286 0.3124 0.2424 -0.0184 -0.0117 0.0445  11  GLN A C   
87  O O   . GLN A 12  ? 0.2081 0.3099 0.2434 -0.0048 -0.0093 0.0505  11  GLN A O   
88  C CB  . GLN A 12  ? 0.2872 0.3919 0.2725 -0.0332 -0.0305 0.0344  11  GLN A CB  
89  C CG  . GLN A 12  ? 0.3723 0.4973 0.3626 -0.0107 -0.0351 0.0451  11  GLN A CG  
90  C CD  . GLN A 12  ? 0.6181 0.7197 0.5824 0.0002  -0.0351 0.0532  11  GLN A CD  
91  O OE1 . GLN A 12  ? 0.6423 0.7509 0.5876 -0.0041 -0.0440 0.0481  11  GLN A OE1 
92  N NE2 . GLN A 12  ? 0.7171 0.7912 0.6813 0.0128  -0.0238 0.0638  11  GLN A NE2 
93  N N   . ALA A 13  ? 0.1977 0.2473 0.1968 -0.0184 -0.0054 0.0451  12  ALA A N   
94  C CA  . ALA A 13  ? 0.2594 0.2948 0.2707 -0.0048 0.0057  0.0504  12  ALA A CA  
95  C C   . ALA A 13  ? 0.1797 0.2287 0.2187 -0.0056 0.0128  0.0467  12  ALA A C   
96  O O   . ALA A 13  ? 0.1982 0.2537 0.2590 0.0072  0.0204  0.0513  12  ALA A O   
97  C CB  . ALA A 13  ? 0.1820 0.1842 0.1750 -0.0061 0.0104  0.0472  12  ALA A CB  
98  N N   . GLN A 14  ? 0.1974 0.2498 0.2355 -0.0204 0.0117  0.0383  13  GLN A N   
99  C CA  . GLN A 14  ? 0.1440 0.2109 0.2065 -0.0218 0.0187  0.0336  13  GLN A CA  
100 C C   . GLN A 14  ? 0.1859 0.2862 0.2752 -0.0168 0.0174  0.0356  13  GLN A C   
101 O O   . GLN A 14  ? 0.1956 0.3068 0.3107 -0.0102 0.0253  0.0340  13  GLN A O   
102 C CB  . GLN A 14  ? 0.2051 0.2680 0.2559 -0.0385 0.0186  0.0259  13  GLN A CB  
103 C CG  . GLN A 14  ? 0.2476 0.2786 0.2741 -0.0393 0.0207  0.0240  13  GLN A CG  
104 C CD  . GLN A 14  ? 0.2985 0.3271 0.3391 -0.0295 0.0291  0.0197  13  GLN A CD  
105 O OE1 . GLN A 14  ? 0.2470 0.2758 0.3034 -0.0173 0.0341  0.0209  13  GLN A OE1 
106 N NE2 . GLN A 14  ? 0.2362 0.2630 0.2707 -0.0349 0.0320  0.0138  13  GLN A NE2 
107 N N   . ALA A 15  ? 0.1827 0.3021 0.2678 -0.0194 0.0074  0.0368  14  ALA A N   
108 C CA  . ALA A 15  ? 0.2154 0.3708 0.3259 -0.0119 0.0042  0.0376  14  ALA A CA  
109 C C   . ALA A 15  ? 0.2446 0.3994 0.3632 0.0121  0.0061  0.0500  14  ALA A C   
110 O O   . ALA A 15  ? 0.1378 0.3180 0.2798 0.0235  0.0060  0.0523  14  ALA A O   
111 C CB  . ALA A 15  ? 0.1677 0.3494 0.2725 -0.0234 -0.0076 0.0311  14  ALA A CB  
112 N N   . SER A 16  ? 0.2204 0.3450 0.3198 0.0205  0.0096  0.0580  15  SER A N   
113 C CA  . SER A 16  ? 0.2331 0.3507 0.3326 0.0425  0.0134  0.0718  15  SER A CA  
114 C C   . SER A 16  ? 0.1837 0.2911 0.3092 0.0546  0.0295  0.0752  15  SER A C   
115 O O   . SER A 16  ? 0.2102 0.3129 0.3399 0.0742  0.0351  0.0877  15  SER A O   
116 C CB  . SER A 16  ? 0.2251 0.3120 0.2946 0.0449  0.0143  0.0777  15  SER A CB  
117 O OG  . SER A 16  ? 0.1827 0.2407 0.2537 0.0402  0.0268  0.0731  15  SER A OG  
118 N N   . GLY A 17  ? 0.1409 0.2506 0.2318 -0.0333 0.0027  -0.0131 16  GLY A N   
119 C CA  . GLY A 17  ? 0.1790 0.2908 0.3133 -0.0283 0.0061  -0.0060 16  GLY A CA  
120 C C   . GLY A 17  ? 0.1730 0.2676 0.3105 -0.0206 0.0149  0.0126  16  GLY A C   
121 O O   . GLY A 17  ? 0.1950 0.2889 0.3724 -0.0204 0.0164  0.0134  16  GLY A O   
122 N N   . ALA A 18  ? 0.1918 0.2733 0.2917 -0.0140 0.0207  0.0256  17  ALA A N   
123 C CA  . ALA A 18  ? 0.1571 0.2253 0.2655 -0.0058 0.0318  0.0445  17  ALA A CA  
124 C C   . ALA A 18  ? 0.1595 0.2167 0.2684 -0.0169 0.0323  0.0321  17  ALA A C   
125 O O   . ALA A 18  ? 0.2034 0.2564 0.2839 -0.0289 0.0277  0.0137  17  ALA A O   
126 C CB  . ALA A 18  ? 0.1949 0.2537 0.2606 0.0076  0.0396  0.0613  17  ALA A CB  
127 N N   . PRO A 19  ? 0.1344 0.1864 0.2764 -0.0122 0.0379  0.0431  18  PRO A N   
128 C CA  . PRO A 19  ? 0.1574 0.1977 0.2938 -0.0184 0.0366  0.0339  18  PRO A CA  
129 C C   . PRO A 19  ? 0.2249 0.2503 0.3101 -0.0163 0.0425  0.0377  18  PRO A C   
130 O O   . PRO A 19  ? 0.1512 0.1741 0.2169 -0.0054 0.0515  0.0535  18  PRO A O   
131 C CB  . PRO A 19  ? 0.1378 0.1775 0.3261 -0.0104 0.0400  0.0467  18  PRO A CB  
132 C CG  . PRO A 19  ? 0.1825 0.2259 0.3928 0.0002  0.0448  0.0645  18  PRO A CG  
133 C CD  . PRO A 19  ? 0.1531 0.2083 0.3369 0.0006  0.0471  0.0676  18  PRO A CD  
134 N N   . VAL A 20  ? 0.1478 0.1615 0.2095 -0.0250 0.0377  0.0232  19  VAL A N   
135 C CA  . VAL A 20  ? 0.1614 0.1570 0.1756 -0.0242 0.0419  0.0237  19  VAL A CA  
136 C C   . VAL A 20  ? 0.1576 0.1407 0.1766 -0.0230 0.0407  0.0227  19  VAL A C   
137 O O   . VAL A 20  ? 0.1566 0.1402 0.1877 -0.0297 0.0312  0.0103  19  VAL A O   
138 C CB  . VAL A 20  ? 0.1803 0.1699 0.1539 -0.0369 0.0369  0.0071  19  VAL A CB  
139 C CG1 . VAL A 20  ? 0.1860 0.1525 0.1169 -0.0363 0.0405  0.0066  19  VAL A CG1 
140 C CG2 . VAL A 20  ? 0.1483 0.1527 0.1198 -0.0362 0.0352  0.0067  19  VAL A CG2 
141 N N   . LEU A 21  ? 0.1508 0.1231 0.1580 -0.0128 0.0493  0.0345  20  LEU A N   
142 C CA  . LEU A 21  ? 0.1553 0.1158 0.1666 -0.0094 0.0471  0.0341  20  LEU A CA  
143 C C   . LEU A 21  ? 0.2487 0.1858 0.2052 -0.0105 0.0487  0.0291  20  LEU A C   
144 O O   . LEU A 21  ? 0.2364 0.1666 0.1667 -0.0034 0.0582  0.0354  20  LEU A O   
145 C CB  . LEU A 21  ? 0.1520 0.1199 0.2052 0.0044  0.0573  0.0521  20  LEU A CB  
146 C CG  . LEU A 21  ? 0.1639 0.1219 0.2248 0.0095  0.0534  0.0506  20  LEU A CG  
147 C CD1 . LEU A 21  ? 0.1456 0.1091 0.2377 0.0030  0.0345  0.0362  20  LEU A CD1 
148 C CD2 . LEU A 21  ? 0.1607 0.1259 0.2586 0.0245  0.0693  0.0702  20  LEU A CD2 
149 N N   . VAL A 22  ? 0.1872 0.1103 0.1255 -0.0177 0.0397  0.0180  21  VAL A N   
150 C CA  . VAL A 22  ? 0.2246 0.1205 0.1179 -0.0181 0.0411  0.0151  21  VAL A CA  
151 C C   . VAL A 22  ? 0.3063 0.1943 0.2142 -0.0051 0.0404  0.0222  21  VAL A C   
152 O O   . VAL A 22  ? 0.2506 0.1437 0.1825 -0.0040 0.0294  0.0190  21  VAL A O   
153 C CB  . VAL A 22  ? 0.2979 0.1808 0.1611 -0.0326 0.0345  0.0027  21  VAL A CB  
154 C CG1 . VAL A 22  ? 0.3235 0.1742 0.1473 -0.0319 0.0355  0.0025  21  VAL A CG1 
155 C CG2 . VAL A 22  ? 0.2583 0.1509 0.1124 -0.0452 0.0370  -0.0048 21  VAL A CG2 
156 N N   . ASP A 23  ? 0.2492 0.1259 0.1431 0.0060  0.0504  0.0299  22  ASP A N   
157 C CA  . ASP A 23  ? 0.2607 0.1340 0.1755 0.0209  0.0529  0.0380  22  ASP A CA  
158 C C   . ASP A 23  ? 0.2794 0.1205 0.1492 0.0240  0.0528  0.0340  22  ASP A C   
159 O O   . ASP A 23  ? 0.3194 0.1478 0.1605 0.0292  0.0632  0.0346  22  ASP A O   
160 C CB  . ASP A 23  ? 0.2879 0.1782 0.2321 0.0346  0.0696  0.0529  22  ASP A CB  
161 C CG  . ASP A 23  ? 0.3450 0.2342 0.3159 0.0507  0.0758  0.0617  22  ASP A CG  
162 O OD1 . ASP A 23  ? 0.3666 0.2417 0.3331 0.0525  0.0643  0.0557  22  ASP A OD1 
163 O OD2 . ASP A 23  ? 0.4452 0.3488 0.4425 0.0630  0.0935  0.0761  22  ASP A OD2 
164 N N   . VAL A 24  ? 0.2849 0.1114 0.1475 0.0228  0.0403  0.0297  23  VAL A N   
165 C CA  . VAL A 24  ? 0.3460 0.1377 0.1667 0.0253  0.0393  0.0275  23  VAL A CA  
166 C C   . VAL A 24  ? 0.4192 0.2064 0.2588 0.0450  0.0418  0.0349  23  VAL A C   
167 O O   . VAL A 24  ? 0.4157 0.2129 0.2882 0.0529  0.0309  0.0373  23  VAL A O   
168 C CB  . VAL A 24  ? 0.3801 0.1549 0.1762 0.0160  0.0262  0.0225  23  VAL A CB  
169 C CG1 . VAL A 24  ? 0.4033 0.1393 0.1598 0.0197  0.0268  0.0236  23  VAL A CG1 
170 C CG2 . VAL A 24  ? 0.3701 0.1523 0.1520 -0.0031 0.0271  0.0152  23  VAL A CG2 
171 N N   . TYR A 25  ? 0.3522 0.1226 0.1700 0.0538  0.0543  0.0360  24  TYR A N   
172 C CA  . TYR A 25  ? 0.3632 0.1329 0.2019 0.0744  0.0613  0.0429  24  TYR A CA  
173 C C   . TYR A 25  ? 0.4151 0.1522 0.2171 0.0785  0.0592  0.0372  24  TYR A C   
174 O O   . TYR A 25  ? 0.5194 0.2317 0.2802 0.0657  0.0558  0.0292  24  TYR A O   
175 C CB  . TYR A 25  ? 0.3828 0.1725 0.2370 0.0852  0.0818  0.0498  24  TYR A CB  
176 C CG  . TYR A 25  ? 0.4856 0.2541 0.2881 0.0862  0.0920  0.0425  24  TYR A CG  
177 C CD1 . TYR A 25  ? 0.3850 0.1546 0.1607 0.0710  0.0896  0.0350  24  TYR A CD1 
178 C CD2 . TYR A 25  ? 0.5031 0.2508 0.2858 0.1037  0.1020  0.0405  24  TYR A CD2 
179 C CE1 . TYR A 25  ? 0.4102 0.1618 0.1442 0.0723  0.0931  0.0243  24  TYR A CE1 
180 C CE2 . TYR A 25  ? 0.5383 0.2646 0.2731 0.1060  0.1079  0.0295  24  TYR A CE2 
181 C CZ  . TYR A 25  ? 0.4449 0.1753 0.1593 0.0891  0.1008  0.0215  24  TYR A CZ  
182 O OH  . TYR A 25  ? 0.5003 0.2225 0.1928 0.0873  0.0950  0.0107  24  TYR A OH  
183 N N   . ALA A 26  ? 0.4501 0.1911 0.2744 0.0954  0.0616  0.0410  25  ALA A N   
184 C CA  . ALA A 26  ? 0.5292 0.2427 0.3260 0.1024  0.0622  0.0363  25  ALA A CA  
185 C C   . ALA A 26  ? 0.5145 0.2400 0.3329 0.1222  0.0780  0.0403  25  ALA A C   
186 O O   . ALA A 26  ? 0.4963 0.2538 0.3650 0.1304  0.0819  0.0484  25  ALA A O   
187 C CB  . ALA A 26  ? 0.5900 0.2925 0.3898 0.1024  0.0438  0.0372  25  ALA A CB  
188 N N   . ASP A 27  ? 0.6153 0.3158 0.3978 0.1291  0.0870  0.0337  26  ASP A N   
189 C CA  . ASP A 27  ? 0.7468 0.4564 0.5397 0.1488  0.1045  0.0361  26  ASP A CA  
190 C C   . ASP A 27  ? 0.7631 0.4854 0.5990 0.1615  0.1006  0.0409  26  ASP A C   
191 O O   . ASP A 27  ? 0.8187 0.5588 0.6771 0.1768  0.1169  0.0455  26  ASP A O   
192 C CB  . ASP A 27  ? 0.8001 0.4772 0.5418 0.1525  0.1101  0.0245  26  ASP A CB  
193 C CG  . ASP A 27  ? 0.9418 0.6198 0.6528 0.1479  0.1178  0.0204  26  ASP A CG  
194 O OD1 . ASP A 27  ? 0.9306 0.6375 0.6617 0.1499  0.1277  0.0302  26  ASP A OD1 
195 O OD2 . ASP A 27  ? 1.1176 0.7708 0.7907 0.1411  0.1116  0.0074  26  ASP A OD2 
196 N N   . TRP A 28  ? 0.6714 0.3857 0.5189 0.1566  0.0800  0.0405  27  TRP A N   
197 C CA  . TRP A 28  ? 0.7440 0.4689 0.6336 0.1700  0.0721  0.0437  27  TRP A CA  
198 C C   . TRP A 28  ? 0.7935 0.5412 0.7277 0.1658  0.0526  0.0484  27  TRP A C   
199 O O   . TRP A 28  ? 0.9202 0.6625 0.8711 0.1716  0.0342  0.0485  27  TRP A O   
200 C CB  . TRP A 28  ? 0.8044 0.4935 0.6656 0.1744  0.0633  0.0384  27  TRP A CB  
201 C CG  . TRP A 28  ? 0.8514 0.5260 0.6922 0.1867  0.0805  0.0325  27  TRP A CG  
202 C CD1 . TRP A 28  ? 0.8718 0.5168 0.6612 0.1819  0.0877  0.0235  27  TRP A CD1 
203 C CD2 . TRP A 28  ? 0.8409 0.5304 0.7134 0.2065  0.0922  0.0336  27  TRP A CD2 
204 N NE1 . TRP A 28  ? 0.9649 0.6044 0.7489 0.1987  0.1020  0.0181  27  TRP A NE1 
205 C CE2 . TRP A 28  ? 0.9595 0.6263 0.7926 0.2142  0.1067  0.0248  27  TRP A CE2 
206 C CE3 . TRP A 28  ? 0.8218 0.5424 0.7544 0.2181  0.0906  0.0395  27  TRP A CE3 
207 C CZ2 . TRP A 28  ? 0.9403 0.6141 0.7882 0.2342  0.1220  0.0230  27  TRP A CZ2 
208 C CZ3 . TRP A 28  ? 0.8732 0.6020 0.8240 0.2368  0.1067  0.0383  27  TRP A CZ3 
209 C CH2 . TRP A 28  ? 0.8743 0.5799 0.7811 0.2452  0.1234  0.0307  27  TRP A CH2 
210 N N   . CYS A 29  ? 0.6753 0.4482 0.6308 0.1572  0.0552  0.0518  28  CYS A N   
211 C CA  . CYS A 29  ? 0.5278 0.3208 0.5252 0.1535  0.0346  0.0530  28  CYS A CA  
212 C C   . CYS A 29  ? 0.5932 0.4276 0.6550 0.1587  0.0430  0.0573  28  CYS A C   
213 O O   . CYS A 29  ? 0.4945 0.3465 0.5620 0.1524  0.0629  0.0631  28  CYS A O   
214 C CB  . CYS A 29  ? 0.5810 0.3665 0.5498 0.1368  0.0273  0.0516  28  CYS A CB  
215 S SG  . CYS A 29  ? 0.6871 0.4978 0.7081 0.1355  0.0031  0.0508  28  CYS A SG  
216 N N   . PRO A 30  ? 0.7102 0.4951 0.5933 0.1708  -0.0059 -0.0412 29  PRO A N   
217 C CA  . PRO A 30  ? 0.6102 0.4639 0.5258 0.1872  0.0147  -0.0365 29  PRO A CA  
218 C C   . PRO A 30  ? 0.5653 0.4689 0.5039 0.1609  0.0207  -0.0172 29  PRO A C   
219 O O   . PRO A 30  ? 0.5501 0.5045 0.5013 0.1634  0.0369  -0.0156 29  PRO A O   
220 C CB  . PRO A 30  ? 0.6383 0.4949 0.5808 0.2153  0.0129  -0.0321 29  PRO A CB  
221 C CG  . PRO A 30  ? 0.7034 0.4861 0.6225 0.2180  -0.0090 -0.0379 29  PRO A CG  
222 C CD  . PRO A 30  ? 0.7515 0.4986 0.6419 0.1809  -0.0216 -0.0346 29  PRO A CD  
223 N N   . VAL A 31  ? 0.4870 0.3774 0.4307 0.1356  0.0073  -0.0021 30  VAL A N   
224 C CA  . VAL A 31  ? 0.4646 0.3992 0.4275 0.1111  0.0113  0.0134  30  VAL A CA  
225 C C   . VAL A 31  ? 0.3877 0.3295 0.3275 0.0944  0.0162  0.0047  30  VAL A C   
226 O O   . VAL A 31  ? 0.3492 0.3382 0.3033 0.0908  0.0280  0.0095  30  VAL A O   
227 C CB  . VAL A 31  ? 0.4093 0.3291 0.3796 0.0878  -0.0044 0.0289  30  VAL A CB  
228 C CG1 . VAL A 31  ? 0.3673 0.3306 0.3540 0.0632  -0.0015 0.0409  30  VAL A CG1 
229 C CG2 . VAL A 31  ? 0.4015 0.3222 0.3985 0.1052  -0.0084 0.0396  30  VAL A CG2 
230 N N   . CYS A 32  ? 0.4296 0.3235 0.3325 0.0838  0.0062  -0.0082 31  CYS A N   
231 C CA  . CYS A 32  ? 0.4441 0.3437 0.3235 0.0676  0.0094  -0.0173 31  CYS A CA  
232 C C   . CYS A 32  ? 0.4270 0.3588 0.3063 0.0877  0.0271  -0.0269 31  CYS A C   
233 O O   . CYS A 32  ? 0.3957 0.3646 0.2780 0.0772  0.0351  -0.0240 31  CYS A O   
234 C CB  . CYS A 32  ? 0.5753 0.4160 0.4141 0.0558  -0.0044 -0.0311 31  CYS A CB  
235 S SG  . CYS A 32  ? 0.6234 0.4337 0.4566 0.0223  -0.0251 -0.0183 31  CYS A SG  
236 N N   . LYS A 33  ? 0.4629 0.3828 0.3390 0.1176  0.0329  -0.0385 32  LYS A N   
237 C CA  . LYS A 33  ? 0.4673 0.4204 0.3411 0.1375  0.0504  -0.0490 32  LYS A CA  
238 C C   . LYS A 33  ? 0.4109 0.4295 0.3206 0.1368  0.0637  -0.0315 32  LYS A C   
239 O O   . LYS A 33  ? 0.4603 0.5122 0.3662 0.1294  0.0734  -0.0307 32  LYS A O   
240 C CB  . LYS A 33  ? 0.5171 0.4482 0.3839 0.1719  0.0533  -0.0655 32  LYS A CB  
241 C CG  . LYS A 33  ? 0.6883 0.6331 0.5339 0.1901  0.0671  -0.0852 32  LYS A CG  
242 C CD  . LYS A 33  ? 0.8291 0.7452 0.6354 0.1698  0.0610  -0.0974 32  LYS A CD  
243 C CE  . LYS A 33  ? 0.9121 0.8676 0.7064 0.1786  0.0783  -0.1077 32  LYS A CE  
244 N NZ  . LYS A 33  ? 0.9290 0.8620 0.6838 0.1627  0.0742  -0.1217 32  LYS A NZ  
245 N N   . ARG A 34  ? 0.3833 0.4180 0.3268 0.1401  0.0618  -0.0156 33  ARG A N   
246 C CA  . ARG A 34  ? 0.3313 0.4243 0.3101 0.1369  0.0717  0.0026  33  ARG A CA  
247 C C   . ARG A 34  ? 0.3542 0.4640 0.3343 0.1074  0.0677  0.0134  33  ARG A C   
248 O O   . ARG A 34  ? 0.2954 0.4485 0.2879 0.1037  0.0773  0.0215  33  ARG A O   
249 C CB  . ARG A 34  ? 0.4333 0.5335 0.4455 0.1445  0.0672  0.0164  33  ARG A CB  
250 C CG  . ARG A 34  ? 0.5657 0.7252 0.6149 0.1513  0.0793  0.0313  33  ARG A CG  
251 C CD  . ARG A 34  ? 0.7100 0.8742 0.7909 0.1599  0.0737  0.0434  33  ARG A CD  
252 N NE  . ARG A 34  ? 0.7557 0.9579 0.8591 0.1724  0.0833  0.0467  33  ARG A NE  
253 C CZ  . ARG A 34  ? 0.7174 0.9476 0.8333 0.1509  0.0832  0.0580  33  ARG A CZ  
254 N NH1 . ARG A 34  ? 0.6651 0.8980 0.7793 0.1261  0.0774  0.0676  33  ARG A NH1 
255 N NH2 . ARG A 34  ? 0.7097 0.9603 0.8367 0.1551  0.0873  0.0585  33  ARG A NH2 
256 N N   . GLN A 35  ? 0.2910 0.3689 0.2595 0.0861  0.0528  0.0144  34  GLN A N   
257 C CA  . GLN A 35  ? 0.2596 0.3528 0.2258 0.0602  0.0483  0.0204  34  GLN A CA  
258 C C   . GLN A 35  ? 0.3528 0.4554 0.2949 0.0589  0.0562  0.0099  34  GLN A C   
259 O O   . GLN A 35  ? 0.2890 0.4277 0.2411 0.0503  0.0607  0.0180  34  GLN A O   
260 C CB  . GLN A 35  ? 0.3103 0.3679 0.2618 0.0382  0.0320  0.0192  34  GLN A CB  
261 C CG  . GLN A 35  ? 0.2386 0.3012 0.2161 0.0292  0.0230  0.0342  34  GLN A CG  
262 C CD  . GLN A 35  ? 0.2974 0.3306 0.2576 0.0051  0.0077  0.0330  34  GLN A CD  
263 O OE1 . GLN A 35  ? 0.3168 0.3146 0.2448 -0.0013 0.0026  0.0205  34  GLN A OE1 
264 N NE2 . GLN A 35  ? 0.2143 0.2637 0.1949 -0.0096 0.0003  0.0456  34  GLN A NE2 
265 N N   . GLU A 36  ? 0.3184 0.3874 0.2280 0.0675  0.0566  -0.0086 35  GLU A N   
266 C CA  . GLU A 36  ? 0.3334 0.4082 0.2160 0.0646  0.0624  -0.0199 35  GLU A CA  
267 C C   . GLU A 36  ? 0.3163 0.4404 0.2127 0.0768  0.0787  -0.0139 35  GLU A C   
268 O O   . GLU A 36  ? 0.3650 0.5130 0.2556 0.0651  0.0812  -0.0106 35  GLU A O   
269 C CB  . GLU A 36  ? 0.5126 0.5417 0.3584 0.0749  0.0601  -0.0419 35  GLU A CB  
270 C CG  . GLU A 36  ? 0.6798 0.7135 0.4946 0.0723  0.0657  -0.0555 35  GLU A CG  
271 C CD  . GLU A 36  ? 0.8939 0.8809 0.6713 0.0840  0.0629  -0.0792 35  GLU A CD  
272 O OE1 . GLU A 36  ? 0.9715 0.9303 0.7191 0.0668  0.0531  -0.0892 35  GLU A OE1 
273 O OE2 . GLU A 36  ? 0.9454 0.9255 0.7236 0.1107  0.0697  -0.0883 35  GLU A OE2 
274 N N   . ARG A 37  ? 0.3216 0.4626 0.2360 0.1000  0.0891  -0.0124 36  ARG A N   
275 C CA  . ARG A 37  ? 0.3522 0.5454 0.2823 0.1101  0.1049  -0.0044 36  ARG A CA  
276 C C   . ARG A 37  ? 0.2589 0.4797 0.2148 0.0880  0.0991  0.0164  36  ARG A C   
277 O O   . ARG A 37  ? 0.2553 0.4897 0.2130 0.0785  0.0980  0.0205  36  ARG A O   
278 C CB  . ARG A 37  ? 0.4136 0.6250 0.3679 0.1347  0.1141  -0.0022 36  ARG A CB  
279 C CG  . ARG A 37  ? 0.5590 0.7540 0.4931 0.1609  0.1212  -0.0234 36  ARG A CG  
280 C CD  . ARG A 37  ? 0.7787 0.9203 0.7067 0.1663  0.1076  -0.0318 36  ARG A CD  
281 N NE  . ARG A 37  ? 0.8533 0.9765 0.7725 0.1966  0.1112  -0.0499 36  ARG A NE  
282 C CZ  . ARG A 37  ? 0.9176 1.0217 0.8032 0.2098  0.1152  -0.0727 36  ARG A CZ  
283 N NH1 . ARG A 37  ? 0.9724 1.0767 0.8307 0.1943  0.1169  -0.0786 36  ARG A NH1 
284 N NH2 . ARG A 37  ? 0.9298 1.0150 0.8085 0.2398  0.1168  -0.0907 36  ARG A NH2 
285 N N   . GLU A 38  ? 0.2278 0.4487 0.2054 0.0791  0.0911  0.0286  37  GLU A N   
286 C CA  . GLU A 38  ? 0.2194 0.4513 0.2222 0.0595  0.0788  0.0444  37  GLU A CA  
287 C C   . GLU A 38  ? 0.1910 0.4143 0.1817 0.0393  0.0683  0.0432  37  GLU A C   
288 O O   . GLU A 38  ? 0.2267 0.4553 0.2275 0.0291  0.0592  0.0500  37  GLU A O   
289 C CB  . GLU A 38  ? 0.1673 0.3988 0.1980 0.0586  0.0719  0.0555  37  GLU A CB  
290 C CG  . GLU A 38  ? 0.2974 0.5370 0.3424 0.0788  0.0801  0.0565  37  GLU A CG  
291 C CD  . GLU A 38  ? 0.4437 0.6777 0.5122 0.0796  0.0731  0.0656  37  GLU A CD  
292 O OE1 . GLU A 38  ? 0.4255 0.6498 0.4971 0.0672  0.0645  0.0696  37  GLU A OE1 
293 O OE2 . GLU A 38  ? 0.3752 0.6150 0.4573 0.0915  0.0760  0.0678  37  GLU A OE2 
294 N N   . LEU A 39  ? 0.1906 0.3982 0.1561 0.0344  0.0681  0.0336  38  LEU A N   
295 C CA  . LEU A 39  ? 0.2620 0.4601 0.2146 0.0145  0.0566  0.0301  38  LEU A CA  
296 C C   . LEU A 39  ? 0.2785 0.4747 0.2111 0.0139  0.0589  0.0220  38  LEU A C   
297 O O   . LEU A 39  ? 0.2611 0.4590 0.1985 0.0018  0.0490  0.0244  38  LEU A O   
298 C CB  . LEU A 39  ? 0.2506 0.4185 0.1819 0.0050  0.0487  0.0203  38  LEU A CB  
299 C CG  . LEU A 39  ? 0.2284 0.3907 0.1824 -0.0037 0.0385  0.0294  38  LEU A CG  
300 C CD1 . LEU A 39  ? 0.2022 0.3236 0.1336 -0.0137 0.0282  0.0186  38  LEU A CD1 
301 C CD2 . LEU A 39  ? 0.1339 0.3208 0.1097 -0.0182 0.0296  0.0392  38  LEU A CD2 
302 N N   . THR A 40  ? 0.2382 0.4308 0.1485 0.0285  0.0711  0.0112  39  THR A N   
303 C CA  . THR A 40  ? 0.3020 0.4909 0.1912 0.0263  0.0729  0.0033  39  THR A CA  
304 C C   . THR A 40  ? 0.2398 0.4483 0.1503 0.0199  0.0687  0.0161  39  THR A C   
305 O O   . THR A 40  ? 0.2540 0.4581 0.1575 0.0086  0.0605  0.0154  39  THR A O   
306 C CB  . THR A 40  ? 0.3031 0.4868 0.1692 0.0453  0.0862  -0.0112 39  THR A CB  
307 O OG1 . THR A 40  ? 0.3634 0.5185 0.2011 0.0518  0.0855  -0.0275 39  THR A OG1 
308 C CG2 . THR A 40  ? 0.3910 0.5731 0.2364 0.0423  0.0885  -0.0181 39  THR A CG2 
309 N N   . PRO A 41  ? 0.3433 0.5718 0.2790 0.0260  0.0714  0.0279  40  PRO A N   
310 C CA  . PRO A 41  ? 0.2735 0.5165 0.2238 0.0184  0.0640  0.0392  40  PRO A CA  
311 C C   . PRO A 41  ? 0.2318 0.4710 0.1974 0.0059  0.0478  0.0453  40  PRO A C   
312 O O   . PRO A 41  ? 0.1713 0.4164 0.1387 -0.0012 0.0400  0.0490  40  PRO A O   
313 C CB  . PRO A 41  ? 0.2731 0.5345 0.2436 0.0270  0.0690  0.0493  40  PRO A CB  
314 C CG  . PRO A 41  ? 0.2760 0.5315 0.2539 0.0361  0.0736  0.0468  40  PRO A CG  
315 C CD  . PRO A 41  ? 0.2900 0.5284 0.2409 0.0402  0.0798  0.0312  40  PRO A CD  
316 N N   . LEU A 42  ? 0.1592 0.3902 0.1358 0.0036  0.0421  0.0459  41  LEU A N   
317 C CA  . LEU A 42  ? 0.1826 0.4116 0.1724 -0.0069 0.0260  0.0490  41  LEU A CA  
318 C C   . LEU A 42  ? 0.2225 0.4460 0.1978 -0.0165 0.0211  0.0399  41  LEU A C   
319 O O   . LEU A 42  ? 0.1642 0.3958 0.1503 -0.0233 0.0097  0.0422  41  LEU A O   
320 C CB  . LEU A 42  ? 0.1550 0.3755 0.1560 -0.0080 0.0211  0.0503  41  LEU A CB  
321 C CG  . LEU A 42  ? 0.1614 0.3837 0.1783 0.0006  0.0233  0.0597  41  LEU A CG  
322 C CD1 . LEU A 42  ? 0.1582 0.3687 0.1824 -0.0008 0.0192  0.0603  41  LEU A CD1 
323 C CD2 . LEU A 42  ? 0.2343 0.4607 0.2600 -0.0004 0.0137  0.0693  41  LEU A CD2 
324 N N   . PHE A 43  ? 0.1608 0.3705 0.1107 -0.0165 0.0289  0.0289  42  PHE A N   
325 C CA  . PHE A 43  ? 0.2206 0.4208 0.1551 -0.0259 0.0232  0.0197  42  PHE A CA  
326 C C   . PHE A 43  ? 0.2120 0.4210 0.1429 -0.0265 0.0223  0.0216  42  PHE A C   
327 O O   . PHE A 43  ? 0.2867 0.4935 0.2153 -0.0346 0.0151  0.0173  42  PHE A O   
328 C CB  . PHE A 43  ? 0.2794 0.4567 0.1806 -0.0249 0.0298  0.0067  42  PHE A CB  
329 C CG  . PHE A 43  ? 0.2408 0.4065 0.1397 -0.0278 0.0286  0.0039  42  PHE A CG  
330 C CD1 . PHE A 43  ? 0.1676 0.3424 0.0937 -0.0358 0.0192  0.0111  42  PHE A CD1 
331 C CD2 . PHE A 43  ? 0.2882 0.4335 0.1557 -0.0229 0.0355  -0.0072 42  PHE A CD2 
332 C CE1 . PHE A 43  ? 0.2332 0.3978 0.1561 -0.0411 0.0172  0.0100  42  PHE A CE1 
333 C CE2 . PHE A 43  ? 0.2412 0.3742 0.1024 -0.0277 0.0325  -0.0095 42  PHE A CE2 
334 C CZ  . PHE A 43  ? 0.2056 0.3485 0.0946 -0.0383 0.0234  0.0007  42  PHE A CZ  
335 N N   . ALA A 44  ? 0.1904 0.4105 0.1217 -0.0186 0.0297  0.0282  43  ALA A N   
336 C CA  . ALA A 44  ? 0.1975 0.4268 0.1221 -0.0199 0.0296  0.0309  43  ALA A CA  
337 C C   . ALA A 44  ? 0.3383 0.5868 0.2886 -0.0241 0.0196  0.0434  43  ALA A C   
338 O O   . ALA A 44  ? 0.2280 0.4858 0.1748 -0.0270 0.0177  0.0475  43  ALA A O   
339 C CB  . ALA A 44  ? 0.2312 0.4650 0.1398 -0.0103 0.0437  0.0305  43  ALA A CB  
340 N N   . GLN A 45  ? 0.1421 0.2830 0.2407 -0.0502 -0.0427 0.1311  44  GLN A N   
341 C CA  . GLN A 45  ? 0.1979 0.3365 0.2981 -0.0716 -0.0558 0.1382  44  GLN A CA  
342 C C   . GLN A 45  ? 0.1489 0.2551 0.2442 -0.0653 -0.0433 0.1341  44  GLN A C   
343 O O   . GLN A 45  ? 0.1815 0.2802 0.2775 -0.0492 -0.0356 0.1286  44  GLN A O   
344 C CB  . GLN A 45  ? 0.2114 0.3418 0.2964 -0.0989 -0.0717 0.1373  44  GLN A CB  
345 C CG  . GLN A 45  ? 0.3120 0.4691 0.4081 -0.1049 -0.0769 0.1326  44  GLN A CG  
346 C CD  . GLN A 45  ? 0.5344 0.6858 0.6164 -0.1286 -0.0962 0.1304  44  GLN A CD  
347 O OE1 . GLN A 45  ? 0.6038 0.7186 0.6527 -0.1466 -0.1060 0.1323  44  GLN A OE1 
348 N NE2 . GLN A 45  ? 0.5808 0.7621 0.6837 -0.1298 -0.1021 0.1224  44  GLN A NE2 
349 N N   . PRO A 46  ? 0.2001 0.2678 0.2743 -0.0753 -0.0342 0.1344  45  PRO A N   
350 C CA  . PRO A 46  ? 0.2381 0.2549 0.2920 -0.0592 -0.0175 0.1317  45  PRO A CA  
351 C C   . PRO A 46  ? 0.2975 0.2682 0.3243 -0.0580 -0.0100 0.1237  45  PRO A C   
352 O O   . PRO A 46  ? 0.2778 0.2287 0.3065 -0.0359 0.0025  0.1201  45  PRO A O   
353 C CB  . PRO A 46  ? 0.3719 0.3448 0.3962 -0.0748 -0.0117 0.1354  45  PRO A CB  
354 C CG  . PRO A 46  ? 0.3371 0.3525 0.3774 -0.0950 -0.0220 0.1388  45  PRO A CG  
355 C CD  . PRO A 46  ? 0.2813 0.3456 0.3453 -0.1002 -0.0377 0.1368  45  PRO A CD  
356 N N   . ALA A 47  ? 0.3120 0.2648 0.3136 -0.0825 -0.0180 0.1193  46  ALA A N   
357 C CA  . ALA A 47  ? 0.3370 0.2391 0.3045 -0.0853 -0.0092 0.1084  46  ALA A CA  
358 C C   . ALA A 47  ? 0.2586 0.1811 0.2407 -0.0665 -0.0062 0.1053  46  ALA A C   
359 O O   . ALA A 47  ? 0.3145 0.1910 0.2724 -0.0631 0.0095  0.0944  46  ALA A O   
360 C CB  . ALA A 47  ? 0.4002 0.2857 0.3339 -0.1169 -0.0244 0.1029  46  ALA A CB  
361 N N   . GLN A 48  ? 0.2104 0.1986 0.2302 -0.0563 -0.0184 0.1117  47  GLN A N   
362 C CA  . GLN A 48  ? 0.1893 0.2013 0.2234 -0.0373 -0.0136 0.1074  47  GLN A CA  
363 C C   . GLN A 48  ? 0.2140 0.2541 0.2850 -0.0081 0.0018  0.1051  47  GLN A C   
364 O O   . GLN A 48  ? 0.1176 0.1894 0.2073 0.0068  0.0072  0.0992  47  GLN A O   
365 C CB  . GLN A 48  ? 0.2064 0.2715 0.2615 -0.0404 -0.0339 0.1127  47  GLN A CB  
366 C CG  . GLN A 48  ? 0.3570 0.3940 0.3711 -0.0596 -0.0511 0.1119  47  GLN A CG  
367 C CD  . GLN A 48  ? 0.4768 0.4779 0.4578 -0.0918 -0.0639 0.1151  47  GLN A CD  
368 O OE1 . GLN A 48  ? 0.4852 0.5227 0.4902 -0.1071 -0.0806 0.1255  47  GLN A OE1 
369 N NE2 . GLN A 48  ? 0.4109 0.3415 0.3385 -0.1032 -0.0520 0.1014  47  GLN A NE2 
370 N N   . ARG A 49  ? 0.2004 0.2270 0.2784 -0.0011 0.0085  0.1082  48  ARG A N   
371 C CA  . ARG A 49  ? 0.1600 0.2235 0.2724 0.0201  0.0164  0.1056  48  ARG A CA  
372 C C   . ARG A 49  ? 0.1705 0.2268 0.2802 0.0344  0.0323  0.0892  48  ARG A C   
373 O O   . ARG A 49  ? 0.0790 0.1404 0.1723 0.0333  0.0289  0.0748  48  ARG A O   
374 C CB  . ARG A 49  ? 0.1796 0.2173 0.2866 0.0241  0.0162  0.1116  48  ARG A CB  
375 C CG  . ARG A 49  ? 0.1866 0.1626 0.2751 0.0345  0.0284  0.1064  48  ARG A CG  
376 C CD  . ARG A 49  ? 0.3111 0.2611 0.3931 0.0441  0.0265  0.1102  48  ARG A CD  
377 N NE  . ARG A 49  ? 0.4215 0.3314 0.4683 0.0213  0.0199  0.1216  48  ARG A NE  
378 C CZ  . ARG A 49  ? 0.6109 0.4529 0.6212 0.0103  0.0265  0.1190  48  ARG A CZ  
379 N NH1 . ARG A 49  ? 0.7287 0.5371 0.7387 0.0233  0.0413  0.1043  48  ARG A NH1 
380 N NH2 . ARG A 49  ? 0.7095 0.5179 0.6823 -0.0162 0.0214  0.1266  48  ARG A NH2 
381 N N   . ASP A 50  ? 0.1150 0.1310 0.2181 0.0427  0.0459  0.0843  49  ASP A N   
382 C CA  . ASP A 50  ? 0.1678 0.1809 0.2664 0.0489  0.0601  0.0580  49  ASP A CA  
383 C C   . ASP A 50  ? 0.1204 0.1359 0.2022 0.0424  0.0631  0.0497  49  ASP A C   
384 O O   . ASP A 50  ? 0.1486 0.1572 0.2175 0.0397  0.0658  0.0278  49  ASP A O   
385 C CB  . ASP A 50  ? 0.2543 0.2158 0.3462 0.0550  0.0813  0.0427  49  ASP A CB  
386 C CG  . ASP A 50  ? 0.3835 0.3397 0.4871 0.0648  0.0742  0.0475  49  ASP A CG  
387 O OD1 . ASP A 50  ? 0.4094 0.4040 0.5239 0.0686  0.0568  0.0505  49  ASP A OD1 
388 O OD2 . ASP A 50  ? 0.4084 0.3082 0.4947 0.0638  0.0844  0.0450  49  ASP A OD2 
389 N N   . LEU A 51  ? 0.1360 0.1628 0.2099 0.0321  0.0522  0.0653  50  LEU A N   
390 C CA  . LEU A 51  ? 0.1624 0.1769 0.2045 0.0229  0.0529  0.0574  50  LEU A CA  
391 C C   . LEU A 51  ? 0.1723 0.2143 0.2225 0.0315  0.0423  0.0477  50  LEU A C   
392 O O   . LEU A 51  ? 0.1987 0.2539 0.2485 0.0288  0.0276  0.0541  50  LEU A O   
393 C CB  . LEU A 51  ? 0.1654 0.1728 0.1807 0.0023  0.0254  0.0722  50  LEU A CB  
394 C CG  . LEU A 51  ? 0.1942 0.1812 0.1688 -0.0061 0.0177  0.0685  50  LEU A CG  
395 C CD1 . LEU A 51  ? 0.2429 0.1567 0.1598 -0.0200 0.0362  0.0483  50  LEU A CD1 
396 C CD2 . LEU A 51  ? 0.2399 0.2376 0.2052 -0.0217 -0.0172 0.0855  50  LEU A CD2 
397 N N   . ARG A 52  ? 0.1366 0.1326 0.2228 -0.0240 0.0086  -0.0271 51  ARG A N   
398 C CA  . ARG A 52  ? 0.1338 0.0988 0.1923 -0.0243 0.0096  -0.0246 51  ARG A CA  
399 C C   . ARG A 52  ? 0.1602 0.1160 0.2043 -0.0172 0.0117  -0.0191 51  ARG A C   
400 O O   . ARG A 52  ? 0.1439 0.1067 0.1885 -0.0226 0.0103  -0.0190 51  ARG A O   
401 C CB  . ARG A 52  ? 0.2069 0.1665 0.2555 -0.0365 0.0056  -0.0260 51  ARG A CB  
402 C CG  . ARG A 52  ? 0.2659 0.2426 0.3181 -0.0371 0.0017  -0.0243 51  ARG A CG  
403 C CD  . ARG A 52  ? 0.3191 0.2838 0.3650 -0.0348 0.0016  -0.0246 51  ARG A CD  
404 N NE  . ARG A 52  ? 0.5571 0.4924 0.5800 -0.0379 -0.0013 -0.0237 51  ARG A NE  
405 C CZ  . ARG A 52  ? 0.5788 0.5098 0.5953 -0.0435 -0.0093 -0.0208 51  ARG A CZ  
406 N NH1 . ARG A 52  ? 0.5623 0.5123 0.5851 -0.0470 -0.0127 -0.0170 51  ARG A NH1 
407 N NH2 . ARG A 52  ? 0.5940 0.5072 0.6049 -0.0425 -0.0088 -0.0233 51  ARG A NH2 
408 N N   . VAL A 53  ? 0.1444 0.0841 0.1755 -0.0050 0.0157  -0.0138 52  VAL A N   
409 C CA  . VAL A 53  ? 0.1497 0.0813 0.1689 0.0039  0.0185  -0.0069 52  VAL A CA  
410 C C   . VAL A 53  ? 0.1903 0.0877 0.1801 0.0023  0.0204  -0.0049 52  VAL A C   
411 O O   . VAL A 53  ? 0.1955 0.0703 0.1705 0.0028  0.0218  -0.0063 52  VAL A O   
412 C CB  . VAL A 53  ? 0.1576 0.0939 0.1833 0.0197  0.0226  -0.0009 52  VAL A CB  
413 C CG1 . VAL A 53  ? 0.2092 0.1379 0.2237 0.0295  0.0256  0.0076  52  VAL A CG1 
414 C CG2 . VAL A 53  ? 0.1187 0.0880 0.1751 0.0201  0.0201  -0.0031 52  VAL A CG2 
415 N N   . PHE A 54  ? 0.1917 0.0839 0.1718 0.0001  0.0204  -0.0017 53  PHE A N   
416 C CA  . PHE A 54  ? 0.2416 0.1004 0.1941 -0.0006 0.0228  0.0013  53  PHE A CA  
417 C C   . PHE A 54  ? 0.2862 0.1379 0.2292 0.0121  0.0274  0.0101  53  PHE A C   
418 O O   . PHE A 54  ? 0.2286 0.1001 0.1817 0.0133  0.0262  0.0133  53  PHE A O   
419 C CB  . PHE A 54  ? 0.2264 0.0816 0.1747 -0.0158 0.0193  -0.0016 53  PHE A CB  
420 C CG  . PHE A 54  ? 0.2939 0.1536 0.2508 -0.0283 0.0148  -0.0088 53  PHE A CG  
421 C CD1 . PHE A 54  ? 0.2470 0.0813 0.1876 -0.0329 0.0135  -0.0109 53  PHE A CD1 
422 C CD2 . PHE A 54  ? 0.2083 0.0985 0.1897 -0.0348 0.0118  -0.0130 53  PHE A CD2 
423 C CE1 . PHE A 54  ? 0.2653 0.1178 0.2207 -0.0406 0.0075  -0.0154 53  PHE A CE1 
424 C CE2 . PHE A 54  ? 0.2416 0.1371 0.2327 -0.0455 0.0083  -0.0185 53  PHE A CE2 
425 C CZ  . PHE A 54  ? 0.2421 0.1237 0.2223 -0.0459 0.0049  -0.0183 53  PHE A CZ  
426 N N   . LYS A 55  ? 0.2638 0.0871 0.1866 0.0218  0.0328  0.0140  54  LYS A N   
427 C CA  . LYS A 55  ? 0.2818 0.0949 0.1944 0.0351  0.0384  0.0235  54  LYS A CA  
428 C C   . LYS A 55  ? 0.3517 0.1397 0.2425 0.0294  0.0393  0.0258  54  LYS A C   
429 O O   . LYS A 55  ? 0.3378 0.1013 0.2108 0.0237  0.0393  0.0220  54  LYS A O   
430 C CB  . LYS A 55  ? 0.4100 0.2098 0.3143 0.0487  0.0445  0.0267  54  LYS A CB  
431 C CG  . LYS A 55  ? 0.3806 0.2044 0.3074 0.0554  0.0447  0.0261  54  LYS A CG  
432 C CD  . LYS A 55  ? 0.5790 0.4264 0.5244 0.0677  0.0466  0.0350  54  LYS A CD  
433 C CE  . LYS A 55  ? 0.6012 0.4741 0.5695 0.0725  0.0463  0.0343  54  LYS A CE  
434 N NZ  . LYS A 55  ? 0.5583 0.4226 0.5158 0.0763  0.0503  0.0341  54  LYS A NZ  
435 N N   . VAL A 56  ? 0.3050 0.1061 0.2004 0.0300  0.0387  0.0313  55  VAL A N   
436 C CA  . VAL A 56  ? 0.3279 0.1092 0.2055 0.0257  0.0401  0.0353  55  VAL A CA  
437 C C   . VAL A 56  ? 0.4246 0.1902 0.2895 0.0415  0.0470  0.0460  55  VAL A C   
438 O O   . VAL A 56  ? 0.3478 0.1357 0.2261 0.0517  0.0476  0.0525  55  VAL A O   
439 C CB  . VAL A 56  ? 0.3120 0.1179 0.2017 0.0162  0.0355  0.0351  55  VAL A CB  
440 C CG1 . VAL A 56  ? 0.3370 0.1217 0.2084 0.0118  0.0377  0.0403  55  VAL A CG1 
441 C CG2 . VAL A 56  ? 0.2887 0.1118 0.1933 0.0017  0.0297  0.0252  55  VAL A CG2 
442 N N   . ASN A 57  ? 0.3755 0.1184 0.2231 0.0413  0.0497  0.0446  56  ASN A N   
443 C CA  . ASN A 57  ? 0.3939 0.1314 0.2346 0.0538  0.0555  0.0517  56  ASN A CA  
444 C C   . ASN A 57  ? 0.4273 0.1625 0.2632 0.0528  0.0560  0.0595  56  ASN A C   
445 O O   . ASN A 57  ? 0.4541 0.1733 0.2785 0.0428  0.0550  0.0575  56  ASN A O   
446 C CB  . ASN A 57  ? 0.4530 0.1684 0.2769 0.0539  0.0586  0.0467  56  ASN A CB  
447 C CG  . ASN A 57  ? 0.5674 0.2762 0.3841 0.0670  0.0660  0.0535  56  ASN A CG  
448 O OD1 . ASN A 57  ? 0.4696 0.1832 0.2889 0.0722  0.0679  0.0618  56  ASN A OD1 
449 N ND2 . ASN A 57  ? 0.5879 0.2865 0.3955 0.0724  0.0704  0.0504  56  ASN A ND2 
450 N N   . PHE A 58  ? 0.3998 0.1533 0.2459 0.0630  0.0571  0.0689  57  PHE A N   
451 C CA  . PHE A 58  ? 0.4056 0.1606 0.2472 0.0633  0.0574  0.0776  57  PHE A CA  
452 C C   . PHE A 58  ? 0.4757 0.2071 0.3010 0.0627  0.0617  0.0787  57  PHE A C   
453 O O   . PHE A 58  ? 0.5314 0.2556 0.3492 0.0562  0.0612  0.0818  57  PHE A O   
454 C CB  . PHE A 58  ? 0.3955 0.1758 0.2509 0.0763  0.0573  0.0879  57  PHE A CB  
455 C CG  . PHE A 58  ? 0.5459 0.3321 0.3974 0.0774  0.0567  0.0975  57  PHE A CG  
456 C CD1 . PHE A 58  ? 0.6481 0.4238 0.4919 0.0836  0.0611  0.1034  57  PHE A CD1 
457 C CD2 . PHE A 58  ? 0.4648 0.2741 0.3241 0.0700  0.0505  0.0974  57  PHE A CD2 
458 C CE1 . PHE A 58  ? 0.5999 0.3817 0.4402 0.0846  0.0605  0.1125  57  PHE A CE1 
459 C CE2 . PHE A 58  ? 0.3960 0.2127 0.2506 0.0707  0.0497  0.1059  57  PHE A CE2 
460 C CZ  . PHE A 58  ? 0.4719 0.2714 0.3148 0.0794  0.0554  0.1157  57  PHE A CZ  
461 N N   . ASP A 59  ? 0.5257 0.2448 0.3449 0.0697  0.0662  0.0764  58  ASP A N   
462 C CA  . ASP A 59  ? 0.5204 0.2168 0.3240 0.0707  0.0709  0.0781  58  ASP A CA  
463 C C   . ASP A 59  ? 0.5531 0.2269 0.3431 0.0568  0.0687  0.0700  58  ASP A C   
464 O O   . ASP A 59  ? 0.5368 0.1955 0.3169 0.0537  0.0703  0.0728  58  ASP A O   
465 C CB  . ASP A 59  ? 0.6396 0.3294 0.4391 0.0830  0.0777  0.0790  58  ASP A CB  
466 C CG  . ASP A 59  ? 0.7371 0.4488 0.5507 0.0966  0.0805  0.0890  58  ASP A CG  
467 O OD1 . ASP A 59  ? 0.6684 0.3938 0.4892 0.0977  0.0780  0.0970  58  ASP A OD1 
468 O OD2 . ASP A 59  ? 0.8114 0.5275 0.6291 0.1059  0.0850  0.0893  58  ASP A OD2 
469 N N   . THR A 60  ? 0.4820 0.1545 0.2727 0.0481  0.0644  0.0604  59  THR A N   
470 C CA  . THR A 60  ? 0.5736 0.2255 0.3521 0.0361  0.0618  0.0528  59  THR A CA  
471 C C   . THR A 60  ? 0.6184 0.2763 0.4034 0.0199  0.0546  0.0480  59  THR A C   
472 O O   . THR A 60  ? 0.6502 0.2942 0.4278 0.0091  0.0516  0.0429  59  THR A O   
473 C CB  . THR A 60  ? 0.5843 0.2264 0.3546 0.0386  0.0627  0.0453  59  THR A CB  
474 O OG1 . THR A 60  ? 0.5784 0.2388 0.3617 0.0373  0.0589  0.0411  59  THR A OG1 
475 C CG2 . THR A 60  ? 0.5855 0.2212 0.3486 0.0541  0.0710  0.0500  59  THR A CG2 
476 N N   . GLN A 61  ? 0.4575 0.1360 0.2564 0.0176  0.0519  0.0497  60  GLN A N   
477 C CA  . GLN A 61  ? 0.4422 0.1286 0.2491 0.0021  0.0459  0.0449  60  GLN A CA  
478 C C   . GLN A 61  ? 0.5164 0.2134 0.3278 -0.0011 0.0465  0.0525  60  GLN A C   
479 O O   . GLN A 61  ? 0.4153 0.1300 0.2368 -0.0031 0.0449  0.0535  60  GLN A O   
480 C CB  . GLN A 61  ? 0.5032 0.2043 0.3217 0.0002  0.0422  0.0380  60  GLN A CB  
481 C CG  . GLN A 61  ? 0.4256 0.1168 0.2373 0.0051  0.0425  0.0319  60  GLN A CG  
482 C CD  . GLN A 61  ? 0.5425 0.2483 0.3662 0.0027  0.0388  0.0252  60  GLN A CD  
483 O OE1 . GLN A 61  ? 0.4678 0.1852 0.2995 0.0130  0.0413  0.0273  60  GLN A OE1 
484 N NE2 . GLN A 61  ? 0.4578 0.1649 0.2842 -0.0101 0.0326  0.0178  60  GLN A NE2 
485 N N   . LYS A 62  ? 0.4566 0.1425 0.2598 -0.0019 0.0490  0.0582  61  LYS A N   
486 C CA  . LYS A 62  ? 0.4547 0.1508 0.2596 -0.0026 0.0507  0.0672  61  LYS A CA  
487 C C   . LYS A 62  ? 0.5132 0.2205 0.3263 -0.0184 0.0470  0.0643  61  LYS A C   
488 O O   . LYS A 62  ? 0.4918 0.2169 0.3095 -0.0191 0.0476  0.0691  61  LYS A O   
489 C CB  . LYS A 62  ? 0.6074 0.2886 0.4020 0.0013  0.0547  0.0744  61  LYS A CB  
490 C CG  . LYS A 62  ? 0.4949 0.1684 0.2834 0.0176  0.0594  0.0780  61  LYS A CG  
491 C CD  . LYS A 62  ? 0.5131 0.2085 0.3095 0.0297  0.0605  0.0855  61  LYS A CD  
492 C CE  . LYS A 62  ? 0.5405 0.2339 0.3344 0.0454  0.0653  0.0925  61  LYS A CE  
493 N NZ  . LYS A 62  ? 0.4760 0.1942 0.2814 0.0570  0.0647  0.0985  61  LYS A NZ  
494 N N   . ALA A 63  ? 0.4913 0.1931 0.3080 -0.0308 0.0429  0.0561  62  ALA A N   
495 C CA  . ALA A 63  ? 0.5063 0.2232 0.3354 -0.0454 0.0394  0.0530  62  ALA A CA  
496 C C   . ALA A 63  ? 0.4801 0.2168 0.3199 -0.0466 0.0378  0.0493  62  ALA A C   
497 O O   . ALA A 63  ? 0.3781 0.1415 0.2318 -0.0521 0.0365  0.0487  62  ALA A O   
498 C CB  . ALA A 63  ? 0.5921 0.3038 0.4267 -0.0564 0.0342  0.0455  62  ALA A CB  
499 N N   . ALA A 64  ? 0.4219 0.1584 0.2628 -0.0387 0.0365  0.0446  63  ALA A N   
500 C CA  . ALA A 64  ? 0.4629 0.2328 0.3239 -0.0364 0.0330  0.0386  63  ALA A CA  
501 C C   . ALA A 64  ? 0.3564 0.1528 0.2251 -0.0276 0.0339  0.0436  63  ALA A C   
502 O O   . ALA A 64  ? 0.3601 0.1860 0.2453 -0.0314 0.0309  0.0396  63  ALA A O   
503 C CB  . ALA A 64  ? 0.4339 0.1965 0.2940 -0.0285 0.0324  0.0341  63  ALA A CB  
504 N N   . LEU A 65  ? 0.3955 0.1814 0.2519 -0.0158 0.0380  0.0528  64  LEU A N   
505 C CA  . LEU A 65  ? 0.3602 0.1716 0.2232 -0.0073 0.0375  0.0583  64  LEU A CA  
506 C C   . LEU A 65  ? 0.3891 0.2165 0.2555 -0.0163 0.0367  0.0592  64  LEU A C   
507 O O   . LEU A 65  ? 0.3736 0.2300 0.2513 -0.0153 0.0336  0.0573  64  LEU A O   
508 C CB  . LEU A 65  ? 0.3769 0.1727 0.2258 0.0066  0.0422  0.0694  64  LEU A CB  
509 C CG  . LEU A 65  ? 0.4160 0.1960 0.2603 0.0187  0.0450  0.0707  64  LEU A CG  
510 C CD1 . LEU A 65  ? 0.4076 0.1759 0.2402 0.0331  0.0504  0.0837  64  LEU A CD1 
511 C CD2 . LEU A 65  ? 0.4219 0.2292 0.2857 0.0229  0.0408  0.0651  64  LEU A CD2 
512 N N   . GLN A 66  ? 0.3677 0.1754 0.2233 -0.0246 0.0398  0.0627  65  GLN A N   
513 C CA  . GLN A 66  ? 0.3764 0.1983 0.2347 -0.0326 0.0405  0.0646  65  GLN A CA  
514 C C   . GLN A 66  ? 0.3387 0.1840 0.2149 -0.0428 0.0369  0.0546  65  GLN A C   
515 O O   . GLN A 66  ? 0.3639 0.2336 0.2472 -0.0437 0.0361  0.0536  65  GLN A O   
516 C CB  . GLN A 66  ? 0.4952 0.2908 0.3412 -0.0406 0.0448  0.0705  65  GLN A CB  
517 C CG  . GLN A 66  ? 0.6704 0.4489 0.4994 -0.0308 0.0496  0.0825  65  GLN A CG  
518 C CD  . GLN A 66  ? 0.7797 0.5818 0.6086 -0.0244 0.0503  0.0891  65  GLN A CD  
519 O OE1 . GLN A 66  ? 0.7679 0.5919 0.6049 -0.0308 0.0492  0.0862  65  GLN A OE1 
520 N NE2 . GLN A 66  ? 0.7242 0.5215 0.5433 -0.0110 0.0523  0.0982  65  GLN A NE2 
521 N N   . GLN A 67  ? 0.3310 0.1685 0.2140 -0.0500 0.0346  0.0472  66  GLN A N   
522 C CA  . GLN A 67  ? 0.3849 0.2438 0.2862 -0.0590 0.0316  0.0383  66  GLN A CA  
523 C C   . GLN A 67  ? 0.4311 0.3195 0.3450 -0.0519 0.0286  0.0337  66  GLN A C   
524 O O   . GLN A 67  ? 0.3693 0.2802 0.2952 -0.0573 0.0278  0.0290  66  GLN A O   
525 C CB  . GLN A 67  ? 0.3753 0.2195 0.2800 -0.0651 0.0289  0.0323  66  GLN A CB  
526 C CG  . GLN A 67  ? 0.6289 0.4943 0.5536 -0.0723 0.0254  0.0233  66  GLN A CG  
527 C CD  . GLN A 67  ? 0.7154 0.5643 0.6408 -0.0785 0.0222  0.0185  66  GLN A CD  
528 O OE1 . GLN A 67  ? 0.6813 0.5058 0.5922 -0.0733 0.0222  0.0198  66  GLN A OE1 
529 N NE2 . GLN A 67  ? 0.7508 0.6123 0.6922 -0.0892 0.0196  0.0130  66  GLN A NE2 
530 N N   . PHE A 68  ? 0.2823 0.1705 0.1941 -0.0400 0.0273  0.0349  67  PHE A N   
531 C CA  . PHE A 68  ? 0.2616 0.1761 0.1868 -0.0334 0.0236  0.0308  67  PHE A CA  
532 C C   . PHE A 68  ? 0.2668 0.1953 0.1870 -0.0256 0.0230  0.0370  67  PHE A C   
533 O O   . PHE A 68  ? 0.3010 0.2523 0.2321 -0.0210 0.0189  0.0340  67  PHE A O   
534 C CB  . PHE A 68  ? 0.2578 0.1658 0.1860 -0.0246 0.0223  0.0297  67  PHE A CB  
535 C CG  . PHE A 68  ? 0.3024 0.2004 0.2361 -0.0318 0.0216  0.0226  67  PHE A CG  
536 C CD1 . PHE A 68  ? 0.3155 0.2307 0.2653 -0.0415 0.0192  0.0145  67  PHE A CD1 
537 C CD2 . PHE A 68  ? 0.3263 0.1964 0.2476 -0.0286 0.0236  0.0244  67  PHE A CD2 
538 C CE1 . PHE A 68  ? 0.3589 0.2662 0.3142 -0.0481 0.0180  0.0088  67  PHE A CE1 
539 C CE2 . PHE A 68  ? 0.3350 0.1956 0.2593 -0.0354 0.0221  0.0179  67  PHE A CE2 
540 C CZ  . PHE A 68  ? 0.3190 0.1991 0.2610 -0.0453 0.0189  0.0105  67  PHE A CZ  
541 N N   . ARG A 69  ? 0.2890 0.2046 0.1932 -0.0245 0.0266  0.0458  68  ARG A N   
542 C CA  . ARG A 69  ? 0.2974 0.2248 0.1944 -0.0171 0.0259  0.0530  68  ARG A CA  
543 C C   . ARG A 69  ? 0.3381 0.2717 0.2381 -0.0038 0.0228  0.0568  68  ARG A C   
544 O O   . ARG A 69  ? 0.2919 0.2491 0.1998 0.0005  0.0177  0.0558  68  ARG A O   
545 C CB  . ARG A 69  ? 0.3491 0.3018 0.2529 -0.0231 0.0237  0.0474  68  ARG A CB  
546 C CG  . ARG A 69  ? 0.4613 0.4297 0.3571 -0.0163 0.0212  0.0530  68  ARG A CG  
547 C CD  . ARG A 69  ? 0.3821 0.3723 0.2818 -0.0228 0.0195  0.0457  68  ARG A CD  
548 N NE  . ARG A 69  ? 0.3465 0.3577 0.2624 -0.0219 0.0129  0.0364  68  ARG A NE  
549 C CZ  . ARG A 69  ? 0.3874 0.4128 0.3060 -0.0136 0.0063  0.0379  68  ARG A CZ  
550 N NH1 . ARG A 69  ? 0.4127 0.4348 0.3192 -0.0048 0.0052  0.0488  68  ARG A NH1 
551 N NH2 . ARG A 69  ? 0.4040 0.4475 0.3390 -0.0144 0.0005  0.0292  68  ARG A NH2 
552 N N   . VAL A 70  ? 0.3070 0.2182 0.2011 0.0024  0.0258  0.0611  69  VAL A N   
553 C CA  . VAL A 70  ? 0.3060 0.2201 0.2043 0.0156  0.0246  0.0655  69  VAL A CA  
554 C C   . VAL A 70  ? 0.4067 0.3046 0.2893 0.0257  0.0287  0.0788  69  VAL A C   
555 O O   . VAL A 70  ? 0.3527 0.2223 0.2205 0.0241  0.0344  0.0826  69  VAL A O   
556 C CB  . VAL A 70  ? 0.3306 0.2312 0.2343 0.0165  0.0261  0.0603  69  VAL A CB  
557 C CG1 . VAL A 70  ? 0.3044 0.2033 0.2102 0.0318  0.0273  0.0675  69  VAL A CG1 
558 C CG2 . VAL A 70  ? 0.3329 0.2531 0.2547 0.0082  0.0216  0.0484  69  VAL A CG2 
559 N N   . SER A 71  ? 0.3319 0.2474 0.2183 0.0360  0.0255  0.0862  70  SER A N   
560 C CA  . SER A 71  ? 0.3699 0.2727 0.2437 0.0473  0.0294  0.1001  70  SER A CA  
561 C C   . SER A 71  ? 0.3615 0.2660 0.2428 0.0618  0.0297  0.1069  70  SER A C   
562 O O   . SER A 71  ? 0.4348 0.3269 0.3067 0.0726  0.0341  0.1193  70  SER A O   
563 C CB  . SER A 71  ? 0.4136 0.3339 0.2819 0.0480  0.0258  0.1068  70  SER A CB  
564 O OG  . SER A 71  ? 0.4698 0.4225 0.3526 0.0492  0.0172  0.1035  70  SER A OG  
565 N N   . GLN A 72  ? 0.3543 0.2743 0.2534 0.0628  0.0260  0.1003  71  GLN A N   
566 C CA  . GLN A 72  ? 0.3728 0.2956 0.2811 0.0770  0.0273  0.1078  71  GLN A CA  
567 C C   . GLN A 72  ? 0.3228 0.2375 0.2395 0.0766  0.0298  0.0996  71  GLN A C   
568 O O   . GLN A 72  ? 0.3042 0.2267 0.2288 0.0655  0.0264  0.0873  71  GLN A O   
569 C CB  . GLN A 72  ? 0.3204 0.2783 0.2465 0.0822  0.0187  0.1119  71  GLN A CB  
570 C CG  . GLN A 72  ? 0.5557 0.5287 0.4750 0.0783  0.0130  0.1153  71  GLN A CG  
571 C CD  . GLN A 72  ? 0.5771 0.5813 0.5113 0.0846  0.0039  0.1215  71  GLN A CD  
572 O OE1 . GLN A 72  ? 0.6747 0.6854 0.6223 0.0956  0.0039  0.1289  71  GLN A OE1 
573 N NE2 . GLN A 72  ? 0.5937 0.6172 0.5254 0.0779  -0.0038 0.1188  71  GLN A NE2 
574 N N   . GLN A 73  ? 0.3345 0.2342 0.2496 0.0896  0.0361  0.1071  72  GLN A N   
575 C CA  . GLN A 73  ? 0.3419 0.2387 0.2668 0.0925  0.0383  0.1016  72  GLN A CA  
576 C C   . GLN A 73  ? 0.3285 0.2624 0.2802 0.0926  0.0304  0.0989  72  GLN A C   
577 O O   . GLN A 73  ? 0.4241 0.3831 0.3852 0.0933  0.0236  0.1034  72  GLN A O   
578 C CB  . GLN A 73  ? 0.4020 0.2782 0.3201 0.1066  0.0473  0.1099  72  GLN A CB  
579 C CG  . GLN A 73  ? 0.6302 0.5267 0.5593 0.1162  0.0460  0.1204  72  GLN A CG  
580 C CD  . GLN A 73  ? 0.7002 0.5784 0.6199 0.1229  0.0545  0.1237  72  GLN A CD  
581 O OE1 . GLN A 73  ? 0.6653 0.5574 0.5974 0.1313  0.0561  0.1296  72  GLN A OE1 
582 N NE2 . GLN A 73  ? 0.7117 0.5596 0.6101 0.1185  0.0598  0.1200  72  GLN A NE2 
583 N N   . SER A 74  ? 0.3753 0.3122 0.3390 0.0917  0.0309  0.0916  73  SER A N   
584 C CA  . SER A 74  ? 0.3687 0.3381 0.3590 0.0903  0.0238  0.0876  73  SER A CA  
585 C C   . SER A 74  ? 0.3219 0.3113 0.3188 0.0753  0.0152  0.0766  73  SER A C   
586 O O   . SER A 74  ? 0.2974 0.3157 0.3149 0.0737  0.0077  0.0743  73  SER A O   
587 C CB  . SER A 74  ? 0.2507 0.2415 0.2571 0.1031  0.0213  0.1004  73  SER A CB  
588 O OG  . SER A 74  ? 0.2685 0.2749 0.2729 0.1010  0.0144  0.1052  73  SER A OG  
589 N N   . THR A 75  ? 0.1651 0.1498 0.1372 0.0264  0.0263  0.0449  74  THR A N   
590 C CA  . THR A 75  ? 0.2362 0.2176 0.1954 0.0193  0.0252  0.0444  74  THR A CA  
591 C C   . THR A 75  ? 0.2515 0.2327 0.2060 0.0176  0.0261  0.0355  74  THR A C   
592 O O   . THR A 75  ? 0.2431 0.2229 0.2020 0.0203  0.0280  0.0286  74  THR A O   
593 C CB  . THR A 75  ? 0.2274 0.1981 0.1872 0.0173  0.0273  0.0461  74  THR A CB  
594 O OG1 . THR A 75  ? 0.2546 0.2259 0.2194 0.0190  0.0261  0.0581  74  THR A OG1 
595 C CG2 . THR A 75  ? 0.1535 0.1237 0.1019 0.0100  0.0274  0.0436  74  THR A CG2 
596 N N   . LEU A 76  ? 0.1535 0.1372 0.1003 0.0127  0.0245  0.0360  75  LEU A N   
597 C CA  . LEU A 76  ? 0.1368 0.1195 0.0815 0.0114  0.0245  0.0315  75  LEU A CA  
598 C C   . LEU A 76  ? 0.1729 0.1488 0.1157 0.0072  0.0255  0.0293  75  LEU A C   
599 O O   . LEU A 76  ? 0.1985 0.1748 0.1375 0.0025  0.0261  0.0305  75  LEU A O   
600 C CB  . LEU A 76  ? 0.2013 0.1913 0.1439 0.0096  0.0232  0.0342  75  LEU A CB  
601 C CG  . LEU A 76  ? 0.1775 0.1782 0.1225 0.0124  0.0232  0.0358  75  LEU A CG  
602 C CD1 . LEU A 76  ? 0.1629 0.1711 0.1060 0.0081  0.0226  0.0396  75  LEU A CD1 
603 C CD2 . LEU A 76  ? 0.2125 0.2162 0.1590 0.0159  0.0247  0.0307  75  LEU A CD2 
604 N N   . ILE A 77  ? 0.1509 0.1233 0.0972 0.0084  0.0261  0.0252  76  ILE A N   
605 C CA  . ILE A 77  ? 0.2097 0.1772 0.1584 0.0054  0.0281  0.0216  76  ILE A CA  
606 C C   . ILE A 77  ? 0.2411 0.2092 0.1961 0.0074  0.0266  0.0214  76  ILE A C   
607 O O   . ILE A 77  ? 0.1800 0.1531 0.1372 0.0107  0.0239  0.0220  76  ILE A O   
608 C CB  . ILE A 77  ? 0.1562 0.1203 0.1077 0.0051  0.0305  0.0178  76  ILE A CB  
609 C CG1 . ILE A 77  ? 0.2097 0.1722 0.1574 0.0042  0.0316  0.0219  76  ILE A CG1 
610 C CG2 . ILE A 77  ? 0.1533 0.1150 0.1082 0.0013  0.0340  0.0128  76  ILE A CG2 
611 C CD1 . ILE A 77  ? 0.2218 0.1794 0.1746 0.0036  0.0345  0.0195  76  ILE A CD1 
612 N N   . LEU A 78  ? 0.1490 0.1129 0.1083 0.0049  0.0282  0.0207  77  LEU A N   
613 C CA  . LEU A 78  ? 0.1951 0.1580 0.1646 0.0077  0.0266  0.0239  77  LEU A CA  
614 C C   . LEU A 78  ? 0.2228 0.1824 0.2043 0.0088  0.0292  0.0182  77  LEU A C   
615 O O   . LEU A 78  ? 0.1957 0.1513 0.1787 0.0046  0.0345  0.0107  77  LEU A O   
616 C CB  . LEU A 78  ? 0.1654 0.1239 0.1373 0.0047  0.0277  0.0273  77  LEU A CB  
617 C CG  . LEU A 78  ? 0.1995 0.1545 0.1854 0.0079  0.0262  0.0342  77  LEU A CG  
618 C CD1 . LEU A 78  ? 0.1744 0.1404 0.1563 0.0121  0.0200  0.0447  77  LEU A CD1 
619 C CD2 . LEU A 78  ? 0.2367 0.1833 0.2289 0.0035  0.0292  0.0361  77  LEU A CD2 
620 N N   . TYR A 79  ? 0.1619 0.1269 0.1526 0.0137  0.0256  0.0214  78  TYR A N   
621 C CA  . TYR A 79  ? 0.1453 0.1102 0.1525 0.0161  0.0274  0.0171  78  TYR A CA  
622 C C   . TYR A 79  ? 0.1914 0.1549 0.2154 0.0211  0.0247  0.0256  78  TYR A C   
623 O O   . TYR A 79  ? 0.2106 0.1792 0.2313 0.0233  0.0189  0.0370  78  TYR A O   
624 C CB  . TYR A 79  ? 0.1411 0.1164 0.1496 0.0178  0.0246  0.0145  78  TYR A CB  
625 C CG  . TYR A 79  ? 0.1603 0.1342 0.1576 0.0131  0.0282  0.0074  78  TYR A CG  
626 C CD1 . TYR A 79  ? 0.1847 0.1590 0.1683 0.0119  0.0266  0.0094  78  TYR A CD1 
627 C CD2 . TYR A 79  ? 0.2029 0.1757 0.2057 0.0100  0.0339  -0.0006 78  TYR A CD2 
628 C CE1 . TYR A 79  ? 0.2421 0.2132 0.2195 0.0086  0.0299  0.0056  78  TYR A CE1 
629 C CE2 . TYR A 79  ? 0.2400 0.2107 0.2333 0.0051  0.0373  -0.0039 78  TYR A CE2 
630 C CZ  . TYR A 79  ? 0.2573 0.2258 0.2388 0.0050  0.0349  0.0001  78  TYR A CZ  
631 O OH  . TYR A 79  ? 0.2985 0.2632 0.2748 0.0013  0.0381  -0.0005 78  TYR A OH  
632 N N   . ARG A 80  ? 0.1843 0.1420 0.2281 0.0228  0.0295  0.0204  79  ARG A N   
633 C CA  . ARG A 80  ? 0.1646 0.1209 0.2320 0.0297  0.0269  0.0297  79  ARG A CA  
634 C C   . ARG A 80  ? 0.2377 0.2000 0.3261 0.0343  0.0287  0.0233  79  ARG A C   
635 O O   . ARG A 80  ? 0.1938 0.1529 0.2846 0.0304  0.0369  0.0086  79  ARG A O   
636 C CB  . ARG A 80  ? 0.2465 0.1862 0.3249 0.0279  0.0327  0.0297  79  ARG A CB  
637 C CG  . ARG A 80  ? 0.3622 0.2994 0.4245 0.0242  0.0294  0.0397  79  ARG A CG  
638 C CD  . ARG A 80  ? 0.3715 0.2922 0.4451 0.0203  0.0356  0.0387  79  ARG A CD  
639 N NE  . ARG A 80  ? 0.3042 0.2255 0.3635 0.0163  0.0323  0.0493  79  ARG A NE  
640 C CZ  . ARG A 80  ? 0.3724 0.2836 0.4315 0.0090  0.0376  0.0452  79  ARG A CZ  
641 N NH1 . ARG A 80  ? 0.3827 0.2833 0.4539 0.0046  0.0462  0.0296  79  ARG A NH1 
642 N NH2 . ARG A 80  ? 0.3389 0.2529 0.3864 0.0049  0.0350  0.0548  79  ARG A NH2 
643 N N   . ASN A 81  ? 0.2273 0.2021 0.3296 0.0415  0.0206  0.0347  80  ASN A N   
644 C CA  . ASN A 81  ? 0.2377 0.2231 0.3638 0.0469  0.0206  0.0307  80  ASN A CA  
645 C C   . ASN A 81  ? 0.2677 0.2606 0.3822 0.0410  0.0246  0.0157  80  ASN A C   
646 O O   . ASN A 81  ? 0.2716 0.2673 0.4035 0.0415  0.0308  0.0048  80  ASN A O   
647 C CB  . ASN A 81  ? 0.2593 0.2322 0.4171 0.0516  0.0286  0.0259  80  ASN A CB  
648 C CG  . ASN A 81  ? 0.3989 0.3858 0.5894 0.0607  0.0259  0.0285  80  ASN A CG  
649 O OD1 . ASN A 81  ? 0.4686 0.4740 0.6623 0.0659  0.0143  0.0426  80  ASN A OD1 
650 N ND2 . ASN A 81  ? 0.4072 0.3886 0.6221 0.0622  0.0366  0.0137  80  ASN A ND2 
651 N N   . GLY A 82  ? 0.1873 0.1829 0.2746 0.0350  0.0221  0.0147  81  GLY A N   
652 C CA  . GLY A 82  ? 0.2290 0.2305 0.3070 0.0292  0.0252  0.0035  81  GLY A CA  
653 C C   . GLY A 82  ? 0.2876 0.2767 0.3547 0.0219  0.0355  -0.0076 81  GLY A C   
654 O O   . GLY A 82  ? 0.2080 0.2009 0.2701 0.0168  0.0394  -0.0152 81  GLY A O   
655 N N   . GLN A 83  ? 0.2124 0.1887 0.2756 0.0203  0.0401  -0.0082 82  GLN A N   
656 C CA  . GLN A 83  ? 0.2205 0.1902 0.2726 0.0121  0.0492  -0.0183 82  GLN A CA  
657 C C   . GLN A 83  ? 0.1759 0.1377 0.2073 0.0083  0.0477  -0.0136 82  GLN A C   
658 O O   . GLN A 83  ? 0.2484 0.2055 0.2821 0.0115  0.0440  -0.0064 82  GLN A O   
659 C CB  . GLN A 83  ? 0.2467 0.2128 0.3182 0.0116  0.0584  -0.0293 82  GLN A CB  
660 C CG  . GLN A 83  ? 0.2297 0.2051 0.3280 0.0173  0.0599  -0.0334 82  GLN A CG  
661 C CD  . GLN A 83  ? 0.3167 0.2884 0.4389 0.0177  0.0706  -0.0461 82  GLN A CD  
662 O OE1 . GLN A 83  ? 0.3300 0.2958 0.4431 0.0098  0.0793  -0.0568 82  GLN A OE1 
663 N NE2 . GLN A 83  ? 0.2759 0.2529 0.4304 0.0270  0.0699  -0.0454 82  GLN A NE2 
664 N N   . GLU A 84  ? 0.2130 0.1748 0.2261 0.0011  0.0507  -0.0165 83  GLU A N   
665 C CA  . GLU A 84  ? 0.1677 0.1260 0.1632 -0.0021 0.0486  -0.0114 83  GLU A CA  
666 C C   . GLU A 84  ? 0.2275 0.1808 0.2263 -0.0058 0.0531  -0.0167 83  GLU A C   
667 O O   . GLU A 84  ? 0.2270 0.1812 0.2313 -0.0109 0.0610  -0.0281 83  GLU A O   
668 C CB  . GLU A 84  ? 0.2266 0.1876 0.2052 -0.0083 0.0504  -0.0111 83  GLU A CB  
669 C CG  . GLU A 84  ? 0.2413 0.2022 0.2046 -0.0116 0.0480  -0.0056 83  GLU A CG  
670 C CD  . GLU A 84  ? 0.3084 0.2728 0.2580 -0.0156 0.0479  -0.0003 83  GLU A CD  
671 O OE1 . GLU A 84  ? 0.2633 0.2269 0.2148 -0.0150 0.0488  0.0011  83  GLU A OE1 
672 O OE2 . GLU A 84  ? 0.3178 0.2864 0.2564 -0.0199 0.0468  0.0034  83  GLU A OE2 
673 N N   . VAL A 85  ? 0.1791 0.1285 0.1756 -0.0044 0.0490  -0.0099 84  VAL A N   
674 C CA  . VAL A 85  ? 0.2142 0.1582 0.2149 -0.0092 0.0530  -0.0152 84  VAL A CA  
675 C C   . VAL A 85  ? 0.2074 0.1567 0.1883 -0.0174 0.0525  -0.0153 84  VAL A C   
676 O O   . VAL A 85  ? 0.2817 0.2329 0.2607 -0.0259 0.0581  -0.0256 84  VAL A O   
677 C CB  . VAL A 85  ? 0.3772 0.3135 0.3914 -0.0034 0.0493  -0.0062 84  VAL A CB  
678 C CG1 . VAL A 85  ? 0.3894 0.3189 0.4066 -0.0100 0.0533  -0.0105 84  VAL A CG1 
679 C CG2 . VAL A 85  ? 0.5048 0.4373 0.5434 0.0042  0.0503  -0.0060 84  VAL A CG2 
680 N N   . ARG A 86  ? 0.1784 0.1326 0.1463 -0.0150 0.0460  -0.0051 85  ARG A N   
681 C CA  . ARG A 86  ? 0.1631 0.1251 0.1157 -0.0209 0.0441  -0.0026 85  ARG A CA  
682 C C   . ARG A 86  ? 0.2484 0.2141 0.1934 -0.0153 0.0381  0.0082  85  ARG A C   
683 O O   . ARG A 86  ? 0.2143 0.1768 0.1647 -0.0081 0.0354  0.0123  85  ARG A O   
684 C CB  . ARG A 86  ? 0.1938 0.1550 0.1488 -0.0251 0.0440  -0.0033 85  ARG A CB  
685 C CG  . ARG A 86  ? 0.2268 0.1806 0.1921 -0.0183 0.0408  0.0049  85  ARG A CG  
686 C CD  . ARG A 86  ? 0.3080 0.2587 0.2788 -0.0241 0.0425  0.0036  85  ARG A CD  
687 N NE  . ARG A 86  ? 0.3333 0.2767 0.3152 -0.0186 0.0404  0.0133  85  ARG A NE  
688 C CZ  . ARG A 86  ? 0.2616 0.1923 0.2619 -0.0178 0.0440  0.0128  85  ARG A CZ  
689 N NH1 . ARG A 86  ? 0.3194 0.2427 0.3315 -0.0219 0.0513  -0.0006 85  ARG A NH1 
690 N NH2 . ARG A 86  ? 0.2457 0.1726 0.2541 -0.0129 0.0409  0.0261  85  ARG A NH2 
691 N N   . ARG A 87  ? 0.1745 0.1488 0.1083 -0.0188 0.0360  0.0123  86  ARG A N   
692 C CA  . ARG A 87  ? 0.1957 0.1729 0.1266 -0.0130 0.0315  0.0217  86  ARG A CA  
693 C C   . ARG A 87  ? 0.2223 0.2104 0.1477 -0.0159 0.0281  0.0270  86  ARG A C   
694 O O   . ARG A 87  ? 0.1913 0.1867 0.1123 -0.0241 0.0290  0.0230  86  ARG A O   
695 C CB  . ARG A 87  ? 0.1543 0.1302 0.0829 -0.0121 0.0327  0.0243  86  ARG A CB  
696 C CG  . ARG A 87  ? 0.2007 0.1850 0.1194 -0.0201 0.0342  0.0262  86  ARG A CG  
697 C CD  . ARG A 87  ? 0.2460 0.2275 0.1643 -0.0187 0.0352  0.0328  86  ARG A CD  
698 N NE  . ARG A 87  ? 0.2522 0.2247 0.1779 -0.0172 0.0395  0.0254  86  ARG A NE  
699 C CZ  . ARG A 87  ? 0.2937 0.2594 0.2251 -0.0140 0.0405  0.0284  86  ARG A CZ  
700 N NH1 . ARG A 87  ? 0.2443 0.2084 0.1767 -0.0109 0.0381  0.0388  86  ARG A NH1 
701 N NH2 . ARG A 87  ? 0.2781 0.2393 0.2171 -0.0137 0.0439  0.0206  86  ARG A NH2 
702 N N   . SER A 88  ? 0.2062 0.1976 0.1338 -0.0096 0.0245  0.0346  87  SER A N   
703 C CA  . SER A 88  ? 0.1769 0.1807 0.1041 -0.0102 0.0209  0.0401  87  SER A CA  
704 C C   . SER A 88  ? 0.2161 0.2221 0.1486 -0.0021 0.0187  0.0483  87  SER A C   
705 O O   . SER A 88  ? 0.2199 0.2168 0.1580 0.0041  0.0205  0.0464  87  SER A O   
706 C CB  . SER A 88  ? 0.1608 0.1650 0.0920 -0.0105 0.0211  0.0377  87  SER A CB  
707 O OG  . SER A 88  ? 0.2760 0.2935 0.2097 -0.0097 0.0180  0.0429  87  SER A OG  
708 N N   . ILE A 89  ? 0.1676 0.1866 0.1008 -0.0023 0.0149  0.0568  88  ILE A N   
709 C CA  . ILE A 89  ? 0.2238 0.2442 0.1679 0.0068  0.0132  0.0654  88  ILE A CA  
710 C C   . ILE A 89  ? 0.2269 0.2641 0.1786 0.0091  0.0097  0.0698  88  ILE A C   
711 O O   . ILE A 89  ? 0.1581 0.2116 0.1055 0.0032  0.0054  0.0744  88  ILE A O   
712 C CB  . ILE A 89  ? 0.2507 0.2717 0.1943 0.0066  0.0115  0.0763  88  ILE A CB  
713 C CG1 . ILE A 89  ? 0.1931 0.1988 0.1311 0.0039  0.0161  0.0719  88  ILE A CG1 
714 C CG2 . ILE A 89  ? 0.2428 0.2647 0.2035 0.0170  0.0099  0.0870  88  ILE A CG2 
715 C CD1 . ILE A 89  ? 0.2136 0.2234 0.1461 -0.0012 0.0145  0.0815  88  ILE A CD1 
716 N N   . GLY A 90  ? 0.1825 0.2189 0.1461 0.0169  0.0118  0.0676  89  GLY A N   
717 C CA  . GLY A 90  ? 0.2215 0.2750 0.1968 0.0208  0.0094  0.0720  89  GLY A CA  
718 C C   . GLY A 90  ? 0.1813 0.2470 0.1526 0.0143  0.0092  0.0672  89  GLY A C   
719 O O   . GLY A 90  ? 0.2002 0.2835 0.1821 0.0164  0.0074  0.0705  89  GLY A O   
720 N N   . GLU A 91  ? 0.1706 0.2277 0.1301 0.0067  0.0114  0.0601  90  GLU A N   
721 C CA  . GLU A 91  ? 0.2219 0.2875 0.1792 -0.0009 0.0119  0.0567  90  GLU A CA  
722 C C   . GLU A 91  ? 0.1749 0.2461 0.1397 0.0031  0.0153  0.0550  90  GLU A C   
723 O O   . GLU A 91  ? 0.2091 0.2703 0.1728 0.0073  0.0189  0.0513  90  GLU A O   
724 C CB  . GLU A 91  ? 0.1772 0.2282 0.1245 -0.0085 0.0144  0.0506  90  GLU A CB  
725 C CG  . GLU A 91  ? 0.2109 0.2659 0.1590 -0.0168 0.0161  0.0478  90  GLU A CG  
726 C CD  . GLU A 91  ? 0.2446 0.3178 0.1940 -0.0251 0.0130  0.0478  90  GLU A CD  
727 O OE1 . GLU A 91  ? 0.2380 0.3280 0.1949 -0.0257 0.0121  0.0504  90  GLU A OE1 
728 O OE2 . GLU A 91  ? 0.2316 0.3052 0.1743 -0.0318 0.0117  0.0444  90  GLU A OE2 
729 N N   . THR A 92  ? 0.1623 0.2524 0.1343 0.0002  0.0145  0.0566  91  THR A N   
730 C CA  . THR A 92  ? 0.2049 0.3036 0.1831 0.0020  0.0190  0.0544  91  THR A CA  
731 C C   . THR A 92  ? 0.2229 0.3305 0.1995 -0.0087 0.0205  0.0541  91  THR A C   
732 O O   . THR A 92  ? 0.1687 0.2876 0.1503 -0.0090 0.0246  0.0534  91  THR A O   
733 C CB  . THR A 92  ? 0.2068 0.3223 0.2022 0.0113  0.0194  0.0558  91  THR A CB  
734 O OG1 . THR A 92  ? 0.1734 0.3076 0.1769 0.0090  0.0140  0.0617  91  THR A OG1 
735 C CG2 . THR A 92  ? 0.3022 0.4058 0.3036 0.0220  0.0199  0.0558  91  THR A CG2 
736 N N   . SER A 93  ? 0.1976 0.3010 0.1685 -0.0185 0.0183  0.0535  92  SER A N   
737 C CA  . SER A 93  ? 0.1666 0.2739 0.1384 -0.0297 0.0211  0.0526  92  SER A CA  
738 C C   . SER A 93  ? 0.2310 0.3211 0.1971 -0.0306 0.0258  0.0539  92  SER A C   
739 O O   . SER A 93  ? 0.1737 0.2444 0.1335 -0.0292 0.0254  0.0529  92  SER A O   
740 C CB  . SER A 93  ? 0.2026 0.3099 0.1724 -0.0410 0.0188  0.0488  92  SER A CB  
741 O OG  . SER A 93  ? 0.1751 0.2739 0.1462 -0.0516 0.0235  0.0468  92  SER A OG  
742 N N   . PRO A 94  ? 0.2293 0.3278 0.1978 -0.0332 0.0298  0.0572  93  PRO A N   
743 C CA  . PRO A 94  ? 0.2545 0.3397 0.2169 -0.0351 0.0331  0.0621  93  PRO A CA  
744 C C   . PRO A 94  ? 0.2311 0.2955 0.1939 -0.0422 0.0332  0.0634  93  PRO A C   
745 O O   . PRO A 94  ? 0.1695 0.2175 0.1286 -0.0385 0.0329  0.0661  93  PRO A O   
746 C CB  . PRO A 94  ? 0.2636 0.3660 0.2295 -0.0403 0.0376  0.0661  93  PRO A CB  
747 C CG  . PRO A 94  ? 0.2746 0.4005 0.2480 -0.0355 0.0376  0.0613  93  PRO A CG  
748 C CD  . PRO A 94  ? 0.2131 0.3367 0.1906 -0.0344 0.0320  0.0575  93  PRO A CD  
749 N N   . SER A 95  ? 0.2187 0.2841 0.1880 -0.0522 0.0340  0.0599  94  SER A N   
750 C CA  . SER A 95  ? 0.1909 0.2352 0.1644 -0.0591 0.0360  0.0579  94  SER A CA  
751 C C   . SER A 95  ? 0.2116 0.2430 0.1810 -0.0540 0.0335  0.0506  94  SER A C   
752 O O   . SER A 95  ? 0.2526 0.2638 0.2254 -0.0540 0.0355  0.0502  94  SER A O   
753 C CB  . SER A 95  ? 0.2238 0.2740 0.2064 -0.0731 0.0384  0.0524  94  SER A CB  
754 O OG  . SER A 95  ? 0.2332 0.3008 0.2139 -0.0748 0.0345  0.0437  94  SER A OG  
755 N N   . ALA A 96  ? 0.1869 0.2302 0.1507 -0.0498 0.0295  0.0459  95  ALA A N   
756 C CA  . ALA A 96  ? 0.1696 0.2026 0.1282 -0.0462 0.0278  0.0401  95  ALA A CA  
757 C C   . ALA A 96  ? 0.2309 0.2513 0.1861 -0.0357 0.0276  0.0442  95  ALA A C   
758 O O   . ALA A 96  ? 0.1639 0.1691 0.1197 -0.0346 0.0287  0.0408  95  ALA A O   
759 C CB  . ALA A 96  ? 0.1610 0.2116 0.1150 -0.0448 0.0231  0.0379  95  ALA A CB  
760 N N   . LEU A 97  ? 0.1836 0.2122 0.1365 -0.0284 0.0265  0.0501  96  LEU A N   
761 C CA  . LEU A 97  ? 0.1705 0.1914 0.1199 -0.0201 0.0260  0.0526  96  LEU A CA  
762 C C   . LEU A 97  ? 0.1903 0.1987 0.1430 -0.0219 0.0276  0.0583  96  LEU A C   
763 O O   . LEU A 97  ? 0.2176 0.2151 0.1708 -0.0175 0.0267  0.0582  96  LEU A O   
764 C CB  . LEU A 97  ? 0.1856 0.2210 0.1327 -0.0144 0.0259  0.0547  96  LEU A CB  
765 C CG  . LEU A 97  ? 0.1429 0.1882 0.0918 -0.0094 0.0244  0.0509  96  LEU A CG  
766 C CD1 . LEU A 97  ? 0.1927 0.2519 0.1442 -0.0041 0.0266  0.0504  96  LEU A CD1 
767 C CD2 . LEU A 97  ? 0.1486 0.1827 0.0953 -0.0043 0.0226  0.0477  96  LEU A CD2 
768 N N   . SER A 98  ? 0.1821 0.1930 0.1388 -0.0284 0.0298  0.0647  97  SER A N   
769 C CA  . SER A 98  ? 0.1941 0.1915 0.1580 -0.0306 0.0312  0.0733  97  SER A CA  
770 C C   . SER A 98  ? 0.1847 0.1626 0.1581 -0.0318 0.0329  0.0667  97  SER A C   
771 O O   . SER A 98  ? 0.2094 0.1755 0.1893 -0.0270 0.0324  0.0708  97  SER A O   
772 C CB  . SER A 98  ? 0.2283 0.2302 0.1974 -0.0396 0.0346  0.0810  97  SER A CB  
773 O OG  . SER A 98  ? 0.2910 0.2768 0.2705 -0.0419 0.0364  0.0913  97  SER A OG  
774 N N   . ASP A 99  ? 0.2275 0.2049 0.2033 -0.0387 0.0351  0.0557  98  ASP A N   
775 C CA  . ASP A 99  ? 0.2728 0.2339 0.2584 -0.0417 0.0385  0.0462  98  ASP A CA  
776 C C   . ASP A 99  ? 0.1842 0.1423 0.1652 -0.0338 0.0367  0.0407  98  ASP A C   
777 O O   . ASP A 99  ? 0.2576 0.2013 0.2493 -0.0320 0.0395  0.0370  98  ASP A O   
778 C CB  . ASP A 99  ? 0.3204 0.2869 0.3073 -0.0532 0.0415  0.0337  98  ASP A CB  
779 C CG  . ASP A 99  ? 0.4076 0.3579 0.4068 -0.0591 0.0475  0.0208  98  ASP A CG  
780 O OD1 . ASP A 99  ? 0.4802 0.4125 0.4968 -0.0605 0.0521  0.0240  98  ASP A OD1 
781 O OD2 . ASP A 99  ? 0.3969 0.3532 0.3897 -0.0621 0.0480  0.0081  98  ASP A OD2 
782 N N   . PHE A 100 ? 0.1724 0.1434 0.1402 -0.0289 0.0327  0.0403  99  PHE A N   
783 C CA  . PHE A 100 ? 0.2449 0.2135 0.2084 -0.0223 0.0313  0.0364  99  PHE A CA  
784 C C   . PHE A 100 ? 0.2763 0.2366 0.2463 -0.0150 0.0303  0.0427  99  PHE A C   
785 O O   . PHE A 100 ? 0.1961 0.1491 0.1713 -0.0120 0.0314  0.0377  99  PHE A O   
786 C CB  . PHE A 100 ? 0.1929 0.1752 0.1451 -0.0180 0.0277  0.0377  99  PHE A CB  
787 C CG  . PHE A 100 ? 0.1692 0.1484 0.1179 -0.0124 0.0268  0.0345  99  PHE A CG  
788 C CD1 . PHE A 100 ? 0.2324 0.2108 0.1783 -0.0159 0.0284  0.0275  99  PHE A CD1 
789 C CD2 . PHE A 100 ? 0.1865 0.1661 0.1347 -0.0051 0.0249  0.0380  99  PHE A CD2 
790 C CE1 . PHE A 100 ? 0.2463 0.2219 0.1897 -0.0119 0.0285  0.0254  99  PHE A CE1 
791 C CE2 . PHE A 100 ? 0.1829 0.1597 0.1298 -0.0013 0.0248  0.0343  99  PHE A CE2 
792 C CZ  . PHE A 100 ? 0.1643 0.1381 0.1093 -0.0045 0.0268  0.0288  99  PHE A CZ  
793 N N   . LEU A 101 ? 0.1685 0.1332 0.1387 -0.0127 0.0281  0.0539  100 LEU A N   
794 C CA  . LEU A 101 ? 0.1815 0.1439 0.1568 -0.0064 0.0254  0.0626  100 LEU A CA  
795 C C   . LEU A 101 ? 0.2179 0.1654 0.2115 -0.0071 0.0276  0.0681  100 LEU A C   
796 O O   . LEU A 101 ? 0.2614 0.2059 0.2644 -0.0007 0.0254  0.0731  100 LEU A O   
797 C CB  . LEU A 101 ? 0.2106 0.1877 0.1771 -0.0053 0.0222  0.0733  100 LEU A CB  
798 C CG  . LEU A 101 ? 0.2409 0.2323 0.1942 -0.0030 0.0209  0.0668  100 LEU A CG  
799 C CD1 . LEU A 101 ? 0.2475 0.2555 0.1928 -0.0035 0.0196  0.0748  100 LEU A CD1 
800 C CD2 . LEU A 101 ? 0.2334 0.2231 0.1860 0.0025  0.0192  0.0597  100 LEU A CD2 
801 N N   . THR A 102 ? 0.2187 0.1576 0.2202 -0.0145 0.0321  0.0669  101 THR A N   
802 C CA  . THR A 102 ? 0.3169 0.2404 0.3386 -0.0158 0.0351  0.0755  101 THR A CA  
803 C C   . THR A 102 ? 0.4136 0.3196 0.4541 -0.0177 0.0417  0.0620  101 THR A C   
804 O O   . THR A 102 ? 0.3513 0.2438 0.4136 -0.0128 0.0432  0.0676  101 THR A O   
805 C CB  . THR A 102 ? 0.3247 0.2494 0.3462 -0.0246 0.0375  0.0823  101 THR A CB  
806 O OG1 . THR A 102 ? 0.6543 0.5964 0.6610 -0.0230 0.0327  0.0956  101 THR A OG1 
807 C CG2 . THR A 102 ? 0.4829 0.3881 0.5286 -0.0274 0.0419  0.0909  101 THR A CG2 
808 N N   . ARG A 103 ? 0.3237 0.2316 0.3574 -0.0250 0.0458  0.0444  102 ARG A N   
809 C CA  . ARG A 103 ? 0.3852 0.2798 0.4351 -0.0295 0.0537  0.0277  102 ARG A CA  
810 C C   . ARG A 103 ? 0.3046 0.1968 0.3610 -0.0213 0.0543  0.0218  102 ARG A C   
811 O O   . ARG A 103 ? 0.5380 0.4169 0.6163 -0.0215 0.0615  0.0117  102 ARG A O   
812 C CB  . ARG A 103 ? 0.3587 0.2623 0.3962 -0.0413 0.0572  0.0105  102 ARG A CB  
813 C CG  . ARG A 103 ? 0.3844 0.3042 0.4007 -0.0401 0.0538  0.0033  102 ARG A CG  
814 C CD  . ARG A 103 ? 0.2517 0.1831 0.2578 -0.0528 0.0567  -0.0120 102 ARG A CD  
815 N NE  . ARG A 103 ? 0.3146 0.2620 0.3009 -0.0512 0.0525  -0.0135 102 ARG A NE  
816 C CZ  . ARG A 103 ? 0.3189 0.2804 0.2900 -0.0484 0.0453  -0.0035 102 ARG A CZ  
817 N NH1 . ARG A 103 ? 0.3867 0.3515 0.3588 -0.0476 0.0422  0.0067  102 ARG A NH1 
818 N NH2 . ARG A 103 ? 0.3452 0.3182 0.3024 -0.0465 0.0423  -0.0035 102 ARG A NH2 
# 
loop_
_pdbx_poly_seq_scheme.asym_id 
_pdbx_poly_seq_scheme.entity_id 
_pdbx_poly_seq_scheme.seq_id 
_pdbx_poly_seq_scheme.mon_id 
_pdbx_poly_seq_scheme.ndb_seq_num 
_pdbx_poly_seq_scheme.pdb_seq_num 
_pdbx_poly_seq_scheme.auth_seq_num 
_pdbx_poly_seq_scheme.pdb_mon_id 
_pdbx_poly_seq_scheme.auth_mon_id 
_pdbx_poly_seq_scheme.pdb_strand_id 
_pdbx_poly_seq_scheme.pdb_ins_code 
_pdbx_poly_seq_scheme.hetero 
A 1 1   SER 1   0   0   SER SER A . n 
A 1 2   VAL 2   1   1   VAL VAL A . n 
A 1 3   GLU 3   2   2   GLU GLU A . n 
A 1 4   PRO 4   3   3   PRO PRO A . n 
A 1 5   TYR 5   4   4   TYR TYR A . n 
A 1 6   SER 6   5   5   SER SER A . n 
A 1 7   ASP 7   6   6   ASP ASP A . n 
A 1 8   ALA 8   7   7   ALA ALA A . n 
A 1 9   ALA 9   8   8   ALA ALA A . n 
A 1 10  PHE 10  9   9   PHE PHE A . n 
A 1 11  THR 11  10  10  THR THR A . n 
A 1 12  GLN 12  11  11  GLN GLN A . n 
A 1 13  ALA 13  12  12  ALA ALA A . n 
A 1 14  GLN 14  13  13  GLN GLN A . n 
A 1 15  ALA 15  14  14  ALA ALA A . n 
A 1 16  SER 16  15  15  SER SER A . n 
A 1 17  GLY 17  16  16  GLY GLY A . n 
A 1 18  ALA 18  17  17  ALA ALA A . n 
A 1 19  PRO 19  18  18  PRO PRO A . n 
A 1 20  VAL 20  19  19  VAL VAL A . n 
A 1 21  LEU 21  20  20  LEU LEU A . n 
A 1 22  VAL 22  21  21  VAL VAL A . n 
A 1 23  ASP 23  22  22  ASP ASP A . n 
A 1 24  VAL 24  23  23  VAL VAL A . n 
A 1 25  TYR 25  24  24  TYR TYR A . n 
A 1 26  ALA 26  25  25  ALA ALA A . n 
A 1 27  ASP 27  26  26  ASP ASP A . n 
A 1 28  TRP 28  27  27  TRP TRP A . n 
A 1 29  CYS 29  28  28  CYS CYS A . n 
A 1 30  PRO 30  29  29  PRO PRO A . n 
A 1 31  VAL 31  30  30  VAL VAL A . n 
A 1 32  CYS 32  31  31  CYS CYS A . n 
A 1 33  LYS 33  32  32  LYS LYS A . n 
A 1 34  ARG 34  33  33  ARG ARG A . n 
A 1 35  GLN 35  34  34  GLN GLN A . n 
A 1 36  GLU 36  35  35  GLU GLU A . n 
A 1 37  ARG 37  36  36  ARG ARG A . n 
A 1 38  GLU 38  37  37  GLU GLU A . n 
A 1 39  LEU 39  38  38  LEU LEU A . n 
A 1 40  THR 40  39  39  THR THR A . n 
A 1 41  PRO 41  40  40  PRO PRO A . n 
A 1 42  LEU 42  41  41  LEU LEU A . n 
A 1 43  PHE 43  42  42  PHE PHE A . n 
A 1 44  ALA 44  43  43  ALA ALA A . n 
A 1 45  GLN 45  44  44  GLN GLN A . n 
A 1 46  PRO 46  45  45  PRO PRO A . n 
A 1 47  ALA 47  46  46  ALA ALA A . n 
A 1 48  GLN 48  47  47  GLN GLN A . n 
A 1 49  ARG 49  48  48  ARG ARG A . n 
A 1 50  ASP 50  49  49  ASP ASP A . n 
A 1 51  LEU 51  50  50  LEU LEU A . n 
A 1 52  ARG 52  51  51  ARG ARG A . n 
A 1 53  VAL 53  52  52  VAL VAL A . n 
A 1 54  PHE 54  53  53  PHE PHE A . n 
A 1 55  LYS 55  54  54  LYS LYS A . n 
A 1 56  VAL 56  55  55  VAL VAL A . n 
A 1 57  ASN 57  56  56  ASN ASN A . n 
A 1 58  PHE 58  57  57  PHE PHE A . n 
A 1 59  ASP 59  58  58  ASP ASP A . n 
A 1 60  THR 60  59  59  THR THR A . n 
A 1 61  GLN 61  60  60  GLN GLN A . n 
A 1 62  LYS 62  61  61  LYS LYS A . n 
A 1 63  ALA 63  62  62  ALA ALA A . n 
A 1 64  ALA 64  63  63  ALA ALA A . n 
A 1 65  LEU 65  64  64  LEU LEU A . n 
A 1 66  GLN 66  65  65  GLN GLN A . n 
A 1 67  GLN 67  66  66  GLN GLN A . n 
A 1 68  PHE 68  67  67  PHE PHE A . n 
A 1 69  ARG 69  68  68  ARG ARG A . n 
A 1 70  VAL 70  69  69  VAL VAL A . n 
A 1 71  SER 71  70  70  SER SER A . n 
A 1 72  GLN 72  71  71  GLN GLN A . n 
A 1 73  GLN 73  72  72  GLN GLN A . n 
A 1 74  SER 74  73  73  SER SER A . n 
A 1 75  THR 75  74  74  THR THR A . n 
A 1 76  LEU 76  75  75  LEU LEU A . n 
A 1 77  ILE 77  76  76  ILE ILE A . n 
A 1 78  LEU 78  77  77  LEU LEU A . n 
A 1 79  TYR 79  78  78  TYR TYR A . n 
A 1 80  ARG 80  79  79  ARG ARG A . n 
A 1 81  ASN 81  80  80  ASN ASN A . n 
A 1 82  GLY 82  81  81  GLY GLY A . n 
A 1 83  GLN 83  82  82  GLN GLN A . n 
A 1 84  GLU 84  83  83  GLU GLU A . n 
A 1 85  VAL 85  84  84  VAL VAL A . n 
A 1 86  ARG 86  85  85  ARG ARG A . n 
A 1 87  ARG 87  86  86  ARG ARG A . n 
A 1 88  SER 88  87  87  SER SER A . n 
A 1 89  ILE 89  88  88  ILE ILE A . n 
A 1 90  GLY 90  89  89  GLY GLY A . n 
A 1 91  GLU 91  90  90  GLU GLU A . n 
A 1 92  THR 92  91  91  THR THR A . n 
A 1 93  SER 93  92  92  SER SER A . n 
A 1 94  PRO 94  93  93  PRO PRO A . n 
A 1 95  SER 95  94  94  SER SER A . n 
A 1 96  ALA 96  95  95  ALA ALA A . n 
A 1 97  LEU 97  96  96  LEU LEU A . n 
A 1 98  SER 98  97  97  SER SER A . n 
A 1 99  ASP 99  98  98  ASP ASP A . n 
A 1 100 PHE 100 99  99  PHE PHE A . n 
A 1 101 LEU 101 100 100 LEU LEU A . n 
A 1 102 THR 102 101 101 THR THR A . n 
A 1 103 ARG 103 102 102 ARG ARG A . n 
# 
loop_
_pdbx_nonpoly_scheme.asym_id 
_pdbx_nonpoly_scheme.entity_id 
_pdbx_nonpoly_scheme.mon_id 
_pdbx_nonpoly_scheme.ndb_seq_num 
_pdbx_nonpoly_scheme.pdb_seq_num 
_pdbx_nonpoly_scheme.auth_seq_num 
_pdbx_nonpoly_scheme.pdb_mon_id 
_pdbx_nonpoly_scheme.auth_mon_id 
_pdbx_nonpoly_scheme.pdb_strand_id 
_pdbx_nonpoly_scheme.pdb_ins_code 
B 2 SO4 1  201 1   SO4 SO4 A . 
C 3 HOH 1  301 65  HOH HOH A . 
C 3 HOH 2  302 15  HOH HOH A . 
C 3 HOH 3  303 89  HOH HOH A . 
C 3 HOH 4  304 94  HOH HOH A . 
C 3 HOH 5  305 87  HOH HOH A . 
C 3 HOH 6  306 24  HOH HOH A . 
C 3 HOH 7  307 69  HOH HOH A . 
C 3 HOH 8  308 32  HOH HOH A . 
C 3 HOH 9  309 8   HOH HOH A . 
C 3 HOH 10 310 2   HOH HOH A . 
C 3 HOH 11 311 17  HOH HOH A . 
C 3 HOH 12 312 47  HOH HOH A . 
C 3 HOH 13 313 20  HOH HOH A . 
C 3 HOH 14 314 33  HOH HOH A . 
C 3 HOH 15 315 14  HOH HOH A . 
C 3 HOH 16 316 21  HOH HOH A . 
C 3 HOH 17 317 98  HOH HOH A . 
C 3 HOH 18 318 77  HOH HOH A . 
C 3 HOH 19 319 35  HOH HOH A . 
C 3 HOH 20 320 62  HOH HOH A . 
C 3 HOH 21 321 22  HOH HOH A . 
C 3 HOH 22 322 45  HOH HOH A . 
C 3 HOH 23 323 28  HOH HOH A . 
C 3 HOH 24 324 34  HOH HOH A . 
C 3 HOH 25 325 82  HOH HOH A . 
C 3 HOH 26 326 7   HOH HOH A . 
C 3 HOH 27 327 95  HOH HOH A . 
C 3 HOH 28 328 72  HOH HOH A . 
C 3 HOH 29 329 42  HOH HOH A . 
C 3 HOH 30 330 36  HOH HOH A . 
C 3 HOH 31 331 26  HOH HOH A . 
C 3 HOH 32 332 23  HOH HOH A . 
C 3 HOH 33 333 11  HOH HOH A . 
C 3 HOH 34 334 48  HOH HOH A . 
C 3 HOH 35 335 37  HOH HOH A . 
C 3 HOH 36 336 71  HOH HOH A . 
C 3 HOH 37 337 50  HOH HOH A . 
C 3 HOH 38 338 51  HOH HOH A . 
C 3 HOH 39 339 64  HOH HOH A . 
C 3 HOH 40 340 56  HOH HOH A . 
C 3 HOH 41 341 3   HOH HOH A . 
C 3 HOH 42 342 31  HOH HOH A . 
C 3 HOH 43 343 38  HOH HOH A . 
C 3 HOH 44 344 12  HOH HOH A . 
C 3 HOH 45 345 4   HOH HOH A . 
C 3 HOH 46 346 39  HOH HOH A . 
C 3 HOH 47 347 30  HOH HOH A . 
C 3 HOH 48 348 83  HOH HOH A . 
C 3 HOH 49 349 86  HOH HOH A . 
C 3 HOH 50 350 18  HOH HOH A . 
C 3 HOH 51 351 44  HOH HOH A . 
C 3 HOH 52 352 16  HOH HOH A . 
C 3 HOH 53 353 1   HOH HOH A . 
C 3 HOH 54 354 10  HOH HOH A . 
C 3 HOH 55 355 6   HOH HOH A . 
C 3 HOH 56 356 9   HOH HOH A . 
C 3 HOH 57 357 60  HOH HOH A . 
C 3 HOH 58 358 80  HOH HOH A . 
C 3 HOH 59 359 27  HOH HOH A . 
C 3 HOH 60 360 63  HOH HOH A . 
C 3 HOH 61 361 91  HOH HOH A . 
C 3 HOH 62 362 100 HOH HOH A . 
C 3 HOH 63 363 61  HOH HOH A . 
C 3 HOH 64 364 46  HOH HOH A . 
C 3 HOH 65 365 70  HOH HOH A . 
C 3 HOH 66 366 41  HOH HOH A . 
C 3 HOH 67 367 93  HOH HOH A . 
C 3 HOH 68 368 13  HOH HOH A . 
C 3 HOH 69 369 74  HOH HOH A . 
C 3 HOH 70 370 75  HOH HOH A . 
C 3 HOH 71 371 19  HOH HOH A . 
C 3 HOH 72 372 59  HOH HOH A . 
C 3 HOH 73 373 52  HOH HOH A . 
C 3 HOH 74 374 49  HOH HOH A . 
C 3 HOH 75 375 55  HOH HOH A . 
C 3 HOH 76 376 85  HOH HOH A . 
C 3 HOH 77 377 78  HOH HOH A . 
C 3 HOH 78 378 57  HOH HOH A . 
C 3 HOH 79 379 54  HOH HOH A . 
C 3 HOH 80 380 84  HOH HOH A . 
C 3 HOH 81 381 97  HOH HOH A . 
C 3 HOH 82 382 68  HOH HOH A . 
C 3 HOH 83 383 58  HOH HOH A . 
C 3 HOH 84 384 76  HOH HOH A . 
C 3 HOH 85 385 92  HOH HOH A . 
C 3 HOH 86 386 40  HOH HOH A . 
C 3 HOH 87 387 43  HOH HOH A . 
C 3 HOH 88 388 67  HOH HOH A . 
C 3 HOH 89 389 79  HOH HOH A . 
C 3 HOH 90 390 53  HOH HOH A . 
C 3 HOH 91 391 29  HOH HOH A . 
C 3 HOH 92 392 81  HOH HOH A . 
C 3 HOH 93 393 5   HOH HOH A . 
C 3 HOH 94 394 88  HOH HOH A . 
C 3 HOH 95 395 25  HOH HOH A . 
C 3 HOH 96 396 73  HOH HOH A . 
C 3 HOH 97 397 101 HOH HOH A . 
C 3 HOH 98 398 90  HOH HOH A . 
C 3 HOH 99 399 99  HOH HOH A . 
# 
_pdbx_struct_assembly.id                   1 
_pdbx_struct_assembly.details              author_and_software_defined_assembly 
_pdbx_struct_assembly.method_details       PISA 
_pdbx_struct_assembly.oligomeric_details   monomeric 
_pdbx_struct_assembly.oligomeric_count     1 
# 
_pdbx_struct_assembly_gen.assembly_id       1 
_pdbx_struct_assembly_gen.oper_expression   1 
_pdbx_struct_assembly_gen.asym_id_list      A,B,C 
# 
loop_
_pdbx_struct_assembly_prop.biol_id 
_pdbx_struct_assembly_prop.type 
_pdbx_struct_assembly_prop.value 
_pdbx_struct_assembly_prop.details 
1 'ABSA (A^2)' 120  ? 
1 MORE         -8   ? 
1 'SSA (A^2)'  5780 ? 
# 
_pdbx_struct_oper_list.id                   1 
_pdbx_struct_oper_list.type                 'identity operation' 
_pdbx_struct_oper_list.name                 1_555 
_pdbx_struct_oper_list.symmetry_operation   x,y,z 
_pdbx_struct_oper_list.matrix[1][1]         1.0000000000 
_pdbx_struct_oper_list.matrix[1][2]         0.0000000000 
_pdbx_struct_oper_list.matrix[1][3]         0.0000000000 
_pdbx_struct_oper_list.vector[1]            0.0000000000 
_pdbx_struct_oper_list.matrix[2][1]         0.0000000000 
_pdbx_struct_oper_list.matrix[2][2]         1.0000000000 
_pdbx_struct_oper_list.matrix[2][3]         0.0000000000 
_pdbx_struct_oper_list.vector[2]            0.0000000000 
_pdbx_struct_oper_list.matrix[3][1]         0.0000000000 
_pdbx_struct_oper_list.matrix[3][2]         0.0000000000 
_pdbx_struct_oper_list.matrix[3][3]         1.0000000000 
_pdbx_struct_oper_list.vector[3]            0.0000000000 
# 
loop_
_pdbx_struct_special_symmetry.id 
_pdbx_struct_special_symmetry.PDB_model_num 
_pdbx_struct_special_symmetry.auth_asym_id 
_pdbx_struct_special_symmetry.auth_comp_id 
_pdbx_struct_special_symmetry.auth_seq_id 
_pdbx_struct_special_symmetry.PDB_ins_code 
_pdbx_struct_special_symmetry.label_asym_id 
_pdbx_struct_special_symmetry.label_comp_id 
_pdbx_struct_special_symmetry.label_seq_id 
1 1 A HOH 309 ? C HOH . 
2 1 A HOH 348 ? C HOH . 
3 1 A HOH 393 ? C HOH . 
4 1 A HOH 397 ? C HOH . 
5 1 A HOH 399 ? C HOH . 
# 
loop_
_pdbx_audit_revision_history.ordinal 
_pdbx_audit_revision_history.data_content_type 
_pdbx_audit_revision_history.major_revision 
_pdbx_audit_revision_history.minor_revision 
_pdbx_audit_revision_history.revision_date 
1 'Structure model' 1 0 2019-03-06 
2 'Structure model' 1 1 2019-09-18 
3 'Structure model' 1 2 2023-11-22 
# 
_pdbx_audit_revision_details.ordinal             1 
_pdbx_audit_revision_details.revision_ordinal    1 
_pdbx_audit_revision_details.data_content_type   'Structure model' 
_pdbx_audit_revision_details.provider            repository 
_pdbx_audit_revision_details.type                'Initial release' 
_pdbx_audit_revision_details.description         ? 
_pdbx_audit_revision_details.details             ? 
# 
loop_
_pdbx_audit_revision_group.ordinal 
_pdbx_audit_revision_group.revision_ordinal 
_pdbx_audit_revision_group.data_content_type 
_pdbx_audit_revision_group.group 
1 2 'Structure model' 'Data collection'        
2 2 'Structure model' 'Database references'    
3 3 'Structure model' 'Data collection'        
4 3 'Structure model' 'Database references'    
5 3 'Structure model' 'Refinement description' 
# 
loop_
_pdbx_audit_revision_category.ordinal 
_pdbx_audit_revision_category.revision_ordinal 
_pdbx_audit_revision_category.data_content_type 
_pdbx_audit_revision_category.category 
1 2 'Structure model' citation                      
2 2 'Structure model' citation_author               
3 3 'Structure model' chem_comp_atom                
4 3 'Structure model' chem_comp_bond                
5 3 'Structure model' database_2                    
6 3 'Structure model' pdbx_initial_refinement_model 
# 
loop_
_pdbx_audit_revision_item.ordinal 
_pdbx_audit_revision_item.revision_ordinal 
_pdbx_audit_revision_item.data_content_type 
_pdbx_audit_revision_item.item 
1  2 'Structure model' '_citation.country'                   
2  2 'Structure model' '_citation.journal_abbrev'            
3  2 'Structure model' '_citation.journal_id_CSD'            
4  2 'Structure model' '_citation.journal_id_ISSN'           
5  2 'Structure model' '_citation.journal_volume'            
6  2 'Structure model' '_citation.page_first'                
7  2 'Structure model' '_citation.page_last'                 
8  2 'Structure model' '_citation.pdbx_database_id_DOI'      
9  2 'Structure model' '_citation.pdbx_database_id_PubMed'   
10 2 'Structure model' '_citation.title'                     
11 2 'Structure model' '_citation.year'                      
12 2 'Structure model' '_citation_author.identifier_ORCID'   
13 2 'Structure model' '_citation_author.name'               
14 3 'Structure model' '_database_2.pdbx_DOI'                
15 3 'Structure model' '_database_2.pdbx_database_accession' 
# 
loop_
_pdbx_refine_tls.pdbx_refine_id 
_pdbx_refine_tls.id 
_pdbx_refine_tls.details 
_pdbx_refine_tls.method 
_pdbx_refine_tls.origin_x 
_pdbx_refine_tls.origin_y 
_pdbx_refine_tls.origin_z 
_pdbx_refine_tls.T[1][1] 
_pdbx_refine_tls.T[2][2] 
_pdbx_refine_tls.T[3][3] 
_pdbx_refine_tls.T[1][2] 
_pdbx_refine_tls.T[1][3] 
_pdbx_refine_tls.T[2][3] 
_pdbx_refine_tls.L[1][1] 
_pdbx_refine_tls.L[2][2] 
_pdbx_refine_tls.L[3][3] 
_pdbx_refine_tls.L[1][2] 
_pdbx_refine_tls.L[1][3] 
_pdbx_refine_tls.L[2][3] 
_pdbx_refine_tls.S[1][1] 
_pdbx_refine_tls.S[2][2] 
_pdbx_refine_tls.S[3][3] 
_pdbx_refine_tls.S[1][2] 
_pdbx_refine_tls.S[1][3] 
_pdbx_refine_tls.S[2][3] 
_pdbx_refine_tls.S[2][1] 
_pdbx_refine_tls.S[3][1] 
_pdbx_refine_tls.S[3][2] 
'X-RAY DIFFRACTION' 1 ? refined 9.7366  1.7168   4.7467  0.2019 0.1618 0.1300 -0.0387 -0.0041 0.0321 2.5609 1.6188 2.5224 -0.5972 -1.3388 1.5556  -0.1126 0.0656 0.0492  -0.2517 -0.1167 -0.2137 0.1942  -0.3459 0.5506  
'X-RAY DIFFRACTION' 2 ? refined -1.9828 4.4233   1.1864  0.2895 0.1286 0.1602 0.0429  0.0701  0.0441 3.9464 4.3739 1.7949 -1.7854 0.0232  0.3565  -0.1406 0.2590 -0.1076 -0.2605 -0.2562 0.6797  0.1700  -0.6373 -0.1054 
'X-RAY DIFFRACTION' 3 ? refined -9.9825 -0.2393  3.6996  0.2693 0.4090 0.2025 0.0648  0.0711  0.0065 2.0252 0.8611 2.7028 0.3036  1.2884  0.1536  -0.1669 0.1768 -0.1120 -0.6503 0.4050  0.4336  0.4355  -0.9187 -0.4025 
'X-RAY DIFFRACTION' 4 ? refined 0.2897  -11.7884 7.0326  0.1566 0.1702 0.2145 -0.0249 -0.0026 0.1183 1.3679 5.1655 4.4109 1.8273  -1.0518 1.7162  -0.2558 0.3584 -0.1703 -0.0918 -0.5171 -0.0230 -0.8154 0.9307  -0.4714 
'X-RAY DIFFRACTION' 5 ? refined 2.1077  8.0953   -2.8905 0.3196 0.1446 0.2069 0.0155  0.0350  0.0477 0.8650 1.3403 0.8266 -0.1853 -0.2172 -0.7111 0.0552  0.1065 -0.1118 0.2927  0.1949  0.0684  0.0780  -0.6150 -0.1465 
'X-RAY DIFFRACTION' 6 ? refined -1.6246 -5.6264  -5.0870 0.1488 0.1176 0.1007 -0.0068 0.0279  0.0295 3.8046 1.3794 1.5633 0.9104  -0.5780 0.1536  -0.1042 0.1158 -0.0559 0.0250  -0.2972 -0.1096 -0.0499 0.1202  -0.1544  
# 
loop_
_pdbx_refine_tls_group.pdbx_refine_id 
_pdbx_refine_tls_group.id 
_pdbx_refine_tls_group.refine_tls_id 
_pdbx_refine_tls_group.beg_auth_asym_id 
_pdbx_refine_tls_group.beg_auth_seq_id 
_pdbx_refine_tls_group.end_auth_asym_id 
_pdbx_refine_tls_group.end_auth_seq_id 
_pdbx_refine_tls_group.selection_details 
_pdbx_refine_tls_group.beg_label_asym_id 
_pdbx_refine_tls_group.beg_label_seq_id 
_pdbx_refine_tls_group.end_label_asym_id 
_pdbx_refine_tls_group.end_label_seq_id 
_pdbx_refine_tls_group.selection 
'X-RAY DIFFRACTION' 1 1 A 0  A 15  
;chain 'A' and (resid 0 through 15 )
;
? ? ? ? ? 
'X-RAY DIFFRACTION' 2 2 A 16 A 28  
;chain 'A' and (resid 16 through 28 )
;
? ? ? ? ? 
'X-RAY DIFFRACTION' 3 3 A 29 A 43  
;chain 'A' and (resid 29 through 43 )
;
? ? ? ? ? 
'X-RAY DIFFRACTION' 4 4 A 44 A 50  
;chain 'A' and (resid 44 through 50 )
;
? ? ? ? ? 
'X-RAY DIFFRACTION' 5 5 A 51 A 73  
;chain 'A' and (resid 51 through 73 )
;
? ? ? ? ? 
'X-RAY DIFFRACTION' 6 6 A 74 A 102 
;chain 'A' and (resid 74 through 102 )
;
? ? ? ? ? 
# 
_phasing.method   MR 
# 
loop_
_software.citation_id 
_software.classification 
_software.compiler_name 
_software.compiler_version 
_software.contact_author 
_software.contact_author_email 
_software.date 
_software.description 
_software.dependencies 
_software.hardware 
_software.language 
_software.location 
_software.mods 
_software.name 
_software.os 
_software.os_version 
_software.type 
_software.version 
_software.pdbx_ordinal 
? 'data scaling'    ? ? ? ? ? ? ? ? ? ? ? HKL-3000    ? ? ? .                    1 
? phasing           ? ? ? ? ? ? ? ? ? ? ? PHASER      ? ? ? .                    2 
? refinement        ? ? ? ? ? ? ? ? ? ? ? PHENIX      ? ? ? '(1.10.1_2155: ???)' 3 
? 'data extraction' ? ? ? ? ? ? ? ? ? ? ? PDB_EXTRACT ? ? ? 3.24                 4 
? 'data reduction'  ? ? ? ? ? ? ? ? ? ? ? HKL-3000    ? ? ? .                    5 
# 
_pdbx_distant_solvent_atoms.id                                1 
_pdbx_distant_solvent_atoms.PDB_model_num                     1 
_pdbx_distant_solvent_atoms.auth_atom_id                      O 
_pdbx_distant_solvent_atoms.label_alt_id                      ? 
_pdbx_distant_solvent_atoms.auth_asym_id                      A 
_pdbx_distant_solvent_atoms.auth_comp_id                      HOH 
_pdbx_distant_solvent_atoms.auth_seq_id                       399 
_pdbx_distant_solvent_atoms.PDB_ins_code                      ? 
_pdbx_distant_solvent_atoms.neighbor_macromolecule_distance   6.40 
_pdbx_distant_solvent_atoms.neighbor_ligand_distance          . 
# 
loop_
_chem_comp_atom.comp_id 
_chem_comp_atom.atom_id 
_chem_comp_atom.type_symbol 
_chem_comp_atom.pdbx_aromatic_flag 
_chem_comp_atom.pdbx_stereo_config 
_chem_comp_atom.pdbx_ordinal 
ALA N    N N N 1   
ALA CA   C N S 2   
ALA C    C N N 3   
ALA O    O N N 4   
ALA CB   C N N 5   
ALA OXT  O N N 6   
ALA H    H N N 7   
ALA H2   H N N 8   
ALA HA   H N N 9   
ALA HB1  H N N 10  
ALA HB2  H N N 11  
ALA HB3  H N N 12  
ALA HXT  H N N 13  
ARG N    N N N 14  
ARG CA   C N S 15  
ARG C    C N N 16  
ARG O    O N N 17  
ARG CB   C N N 18  
ARG CG   C N N 19  
ARG CD   C N N 20  
ARG NE   N N N 21  
ARG CZ   C N N 22  
ARG NH1  N N N 23  
ARG NH2  N N N 24  
ARG OXT  O N N 25  
ARG H    H N N 26  
ARG H2   H N N 27  
ARG HA   H N N 28  
ARG HB2  H N N 29  
ARG HB3  H N N 30  
ARG HG2  H N N 31  
ARG HG3  H N N 32  
ARG HD2  H N N 33  
ARG HD3  H N N 34  
ARG HE   H N N 35  
ARG HH11 H N N 36  
ARG HH12 H N N 37  
ARG HH21 H N N 38  
ARG HH22 H N N 39  
ARG HXT  H N N 40  
ASN N    N N N 41  
ASN CA   C N S 42  
ASN C    C N N 43  
ASN O    O N N 44  
ASN CB   C N N 45  
ASN CG   C N N 46  
ASN OD1  O N N 47  
ASN ND2  N N N 48  
ASN OXT  O N N 49  
ASN H    H N N 50  
ASN H2   H N N 51  
ASN HA   H N N 52  
ASN HB2  H N N 53  
ASN HB3  H N N 54  
ASN HD21 H N N 55  
ASN HD22 H N N 56  
ASN HXT  H N N 57  
ASP N    N N N 58  
ASP CA   C N S 59  
ASP C    C N N 60  
ASP O    O N N 61  
ASP CB   C N N 62  
ASP CG   C N N 63  
ASP OD1  O N N 64  
ASP OD2  O N N 65  
ASP OXT  O N N 66  
ASP H    H N N 67  
ASP H2   H N N 68  
ASP HA   H N N 69  
ASP HB2  H N N 70  
ASP HB3  H N N 71  
ASP HD2  H N N 72  
ASP HXT  H N N 73  
CYS N    N N N 74  
CYS CA   C N R 75  
CYS C    C N N 76  
CYS O    O N N 77  
CYS CB   C N N 78  
CYS SG   S N N 79  
CYS OXT  O N N 80  
CYS H    H N N 81  
CYS H2   H N N 82  
CYS HA   H N N 83  
CYS HB2  H N N 84  
CYS HB3  H N N 85  
CYS HG   H N N 86  
CYS HXT  H N N 87  
GLN N    N N N 88  
GLN CA   C N S 89  
GLN C    C N N 90  
GLN O    O N N 91  
GLN CB   C N N 92  
GLN CG   C N N 93  
GLN CD   C N N 94  
GLN OE1  O N N 95  
GLN NE2  N N N 96  
GLN OXT  O N N 97  
GLN H    H N N 98  
GLN H2   H N N 99  
GLN HA   H N N 100 
GLN HB2  H N N 101 
GLN HB3  H N N 102 
GLN HG2  H N N 103 
GLN HG3  H N N 104 
GLN HE21 H N N 105 
GLN HE22 H N N 106 
GLN HXT  H N N 107 
GLU N    N N N 108 
GLU CA   C N S 109 
GLU C    C N N 110 
GLU O    O N N 111 
GLU CB   C N N 112 
GLU CG   C N N 113 
GLU CD   C N N 114 
GLU OE1  O N N 115 
GLU OE2  O N N 116 
GLU OXT  O N N 117 
GLU H    H N N 118 
GLU H2   H N N 119 
GLU HA   H N N 120 
GLU HB2  H N N 121 
GLU HB3  H N N 122 
GLU HG2  H N N 123 
GLU HG3  H N N 124 
GLU HE2  H N N 125 
GLU HXT  H N N 126 
GLY N    N N N 127 
GLY CA   C N N 128 
GLY C    C N N 129 
GLY O    O N N 130 
GLY OXT  O N N 131 
GLY H    H N N 132 
GLY H2   H N N 133 
GLY HA2  H N N 134 
GLY HA3  H N N 135 
GLY HXT  H N N 136 
HOH O    O N N 137 
HOH H1   H N N 138 
HOH H2   H N N 139 
ILE N    N N N 140 
ILE CA   C N S 141 
ILE C    C N N 142 
ILE O    O N N 143 
ILE CB   C N S 144 
ILE CG1  C N N 145 
ILE CG2  C N N 146 
ILE CD1  C N N 147 
ILE OXT  O N N 148 
ILE H    H N N 149 
ILE H2   H N N 150 
ILE HA   H N N 151 
ILE HB   H N N 152 
ILE HG12 H N N 153 
ILE HG13 H N N 154 
ILE HG21 H N N 155 
ILE HG22 H N N 156 
ILE HG23 H N N 157 
ILE HD11 H N N 158 
ILE HD12 H N N 159 
ILE HD13 H N N 160 
ILE HXT  H N N 161 
LEU N    N N N 162 
LEU CA   C N S 163 
LEU C    C N N 164 
LEU O    O N N 165 
LEU CB   C N N 166 
LEU CG   C N N 167 
LEU CD1  C N N 168 
LEU CD2  C N N 169 
LEU OXT  O N N 170 
LEU H    H N N 171 
LEU H2   H N N 172 
LEU HA   H N N 173 
LEU HB2  H N N 174 
LEU HB3  H N N 175 
LEU HG   H N N 176 
LEU HD11 H N N 177 
LEU HD12 H N N 178 
LEU HD13 H N N 179 
LEU HD21 H N N 180 
LEU HD22 H N N 181 
LEU HD23 H N N 182 
LEU HXT  H N N 183 
LYS N    N N N 184 
LYS CA   C N S 185 
LYS C    C N N 186 
LYS O    O N N 187 
LYS CB   C N N 188 
LYS CG   C N N 189 
LYS CD   C N N 190 
LYS CE   C N N 191 
LYS NZ   N N N 192 
LYS OXT  O N N 193 
LYS H    H N N 194 
LYS H2   H N N 195 
LYS HA   H N N 196 
LYS HB2  H N N 197 
LYS HB3  H N N 198 
LYS HG2  H N N 199 
LYS HG3  H N N 200 
LYS HD2  H N N 201 
LYS HD3  H N N 202 
LYS HE2  H N N 203 
LYS HE3  H N N 204 
LYS HZ1  H N N 205 
LYS HZ2  H N N 206 
LYS HZ3  H N N 207 
LYS HXT  H N N 208 
PHE N    N N N 209 
PHE CA   C N S 210 
PHE C    C N N 211 
PHE O    O N N 212 
PHE CB   C N N 213 
PHE CG   C Y N 214 
PHE CD1  C Y N 215 
PHE CD2  C Y N 216 
PHE CE1  C Y N 217 
PHE CE2  C Y N 218 
PHE CZ   C Y N 219 
PHE OXT  O N N 220 
PHE H    H N N 221 
PHE H2   H N N 222 
PHE HA   H N N 223 
PHE HB2  H N N 224 
PHE HB3  H N N 225 
PHE HD1  H N N 226 
PHE HD2  H N N 227 
PHE HE1  H N N 228 
PHE HE2  H N N 229 
PHE HZ   H N N 230 
PHE HXT  H N N 231 
PRO N    N N N 232 
PRO CA   C N S 233 
PRO C    C N N 234 
PRO O    O N N 235 
PRO CB   C N N 236 
PRO CG   C N N 237 
PRO CD   C N N 238 
PRO OXT  O N N 239 
PRO H    H N N 240 
PRO HA   H N N 241 
PRO HB2  H N N 242 
PRO HB3  H N N 243 
PRO HG2  H N N 244 
PRO HG3  H N N 245 
PRO HD2  H N N 246 
PRO HD3  H N N 247 
PRO HXT  H N N 248 
SER N    N N N 249 
SER CA   C N S 250 
SER C    C N N 251 
SER O    O N N 252 
SER CB   C N N 253 
SER OG   O N N 254 
SER OXT  O N N 255 
SER H    H N N 256 
SER H2   H N N 257 
SER HA   H N N 258 
SER HB2  H N N 259 
SER HB3  H N N 260 
SER HG   H N N 261 
SER HXT  H N N 262 
SO4 S    S N N 263 
SO4 O1   O N N 264 
SO4 O2   O N N 265 
SO4 O3   O N N 266 
SO4 O4   O N N 267 
THR N    N N N 268 
THR CA   C N S 269 
THR C    C N N 270 
THR O    O N N 271 
THR CB   C N R 272 
THR OG1  O N N 273 
THR CG2  C N N 274 
THR OXT  O N N 275 
THR H    H N N 276 
THR H2   H N N 277 
THR HA   H N N 278 
THR HB   H N N 279 
THR HG1  H N N 280 
THR HG21 H N N 281 
THR HG22 H N N 282 
THR HG23 H N N 283 
THR HXT  H N N 284 
TRP N    N N N 285 
TRP CA   C N S 286 
TRP C    C N N 287 
TRP O    O N N 288 
TRP CB   C N N 289 
TRP CG   C Y N 290 
TRP CD1  C Y N 291 
TRP CD2  C Y N 292 
TRP NE1  N Y N 293 
TRP CE2  C Y N 294 
TRP CE3  C Y N 295 
TRP CZ2  C Y N 296 
TRP CZ3  C Y N 297 
TRP CH2  C Y N 298 
TRP OXT  O N N 299 
TRP H    H N N 300 
TRP H2   H N N 301 
TRP HA   H N N 302 
TRP HB2  H N N 303 
TRP HB3  H N N 304 
TRP HD1  H N N 305 
TRP HE1  H N N 306 
TRP HE3  H N N 307 
TRP HZ2  H N N 308 
TRP HZ3  H N N 309 
TRP HH2  H N N 310 
TRP HXT  H N N 311 
TYR N    N N N 312 
TYR CA   C N S 313 
TYR C    C N N 314 
TYR O    O N N 315 
TYR CB   C N N 316 
TYR CG   C Y N 317 
TYR CD1  C Y N 318 
TYR CD2  C Y N 319 
TYR CE1  C Y N 320 
TYR CE2  C Y N 321 
TYR CZ   C Y N 322 
TYR OH   O N N 323 
TYR OXT  O N N 324 
TYR H    H N N 325 
TYR H2   H N N 326 
TYR HA   H N N 327 
TYR HB2  H N N 328 
TYR HB3  H N N 329 
TYR HD1  H N N 330 
TYR HD2  H N N 331 
TYR HE1  H N N 332 
TYR HE2  H N N 333 
TYR HH   H N N 334 
TYR HXT  H N N 335 
VAL N    N N N 336 
VAL CA   C N S 337 
VAL C    C N N 338 
VAL O    O N N 339 
VAL CB   C N N 340 
VAL CG1  C N N 341 
VAL CG2  C N N 342 
VAL OXT  O N N 343 
VAL H    H N N 344 
VAL H2   H N N 345 
VAL HA   H N N 346 
VAL HB   H N N 347 
VAL HG11 H N N 348 
VAL HG12 H N N 349 
VAL HG13 H N N 350 
VAL HG21 H N N 351 
VAL HG22 H N N 352 
VAL HG23 H N N 353 
VAL HXT  H N N 354 
# 
loop_
_chem_comp_bond.comp_id 
_chem_comp_bond.atom_id_1 
_chem_comp_bond.atom_id_2 
_chem_comp_bond.value_order 
_chem_comp_bond.pdbx_aromatic_flag 
_chem_comp_bond.pdbx_stereo_config 
_chem_comp_bond.pdbx_ordinal 
ALA N   CA   sing N N 1   
ALA N   H    sing N N 2   
ALA N   H2   sing N N 3   
ALA CA  C    sing N N 4   
ALA CA  CB   sing N N 5   
ALA CA  HA   sing N N 6   
ALA C   O    doub N N 7   
ALA C   OXT  sing N N 8   
ALA CB  HB1  sing N N 9   
ALA CB  HB2  sing N N 10  
ALA CB  HB3  sing N N 11  
ALA OXT HXT  sing N N 12  
ARG N   CA   sing N N 13  
ARG N   H    sing N N 14  
ARG N   H2   sing N N 15  
ARG CA  C    sing N N 16  
ARG CA  CB   sing N N 17  
ARG CA  HA   sing N N 18  
ARG C   O    doub N N 19  
ARG C   OXT  sing N N 20  
ARG CB  CG   sing N N 21  
ARG CB  HB2  sing N N 22  
ARG CB  HB3  sing N N 23  
ARG CG  CD   sing N N 24  
ARG CG  HG2  sing N N 25  
ARG CG  HG3  sing N N 26  
ARG CD  NE   sing N N 27  
ARG CD  HD2  sing N N 28  
ARG CD  HD3  sing N N 29  
ARG NE  CZ   sing N N 30  
ARG NE  HE   sing N N 31  
ARG CZ  NH1  sing N N 32  
ARG CZ  NH2  doub N N 33  
ARG NH1 HH11 sing N N 34  
ARG NH1 HH12 sing N N 35  
ARG NH2 HH21 sing N N 36  
ARG NH2 HH22 sing N N 37  
ARG OXT HXT  sing N N 38  
ASN N   CA   sing N N 39  
ASN N   H    sing N N 40  
ASN N   H2   sing N N 41  
ASN CA  C    sing N N 42  
ASN CA  CB   sing N N 43  
ASN CA  HA   sing N N 44  
ASN C   O    doub N N 45  
ASN C   OXT  sing N N 46  
ASN CB  CG   sing N N 47  
ASN CB  HB2  sing N N 48  
ASN CB  HB3  sing N N 49  
ASN CG  OD1  doub N N 50  
ASN CG  ND2  sing N N 51  
ASN ND2 HD21 sing N N 52  
ASN ND2 HD22 sing N N 53  
ASN OXT HXT  sing N N 54  
ASP N   CA   sing N N 55  
ASP N   H    sing N N 56  
ASP N   H2   sing N N 57  
ASP CA  C    sing N N 58  
ASP CA  CB   sing N N 59  
ASP CA  HA   sing N N 60  
ASP C   O    doub N N 61  
ASP C   OXT  sing N N 62  
ASP CB  CG   sing N N 63  
ASP CB  HB2  sing N N 64  
ASP CB  HB3  sing N N 65  
ASP CG  OD1  doub N N 66  
ASP CG  OD2  sing N N 67  
ASP OD2 HD2  sing N N 68  
ASP OXT HXT  sing N N 69  
CYS N   CA   sing N N 70  
CYS N   H    sing N N 71  
CYS N   H2   sing N N 72  
CYS CA  C    sing N N 73  
CYS CA  CB   sing N N 74  
CYS CA  HA   sing N N 75  
CYS C   O    doub N N 76  
CYS C   OXT  sing N N 77  
CYS CB  SG   sing N N 78  
CYS CB  HB2  sing N N 79  
CYS CB  HB3  sing N N 80  
CYS SG  HG   sing N N 81  
CYS OXT HXT  sing N N 82  
GLN N   CA   sing N N 83  
GLN N   H    sing N N 84  
GLN N   H2   sing N N 85  
GLN CA  C    sing N N 86  
GLN CA  CB   sing N N 87  
GLN CA  HA   sing N N 88  
GLN C   O    doub N N 89  
GLN C   OXT  sing N N 90  
GLN CB  CG   sing N N 91  
GLN CB  HB2  sing N N 92  
GLN CB  HB3  sing N N 93  
GLN CG  CD   sing N N 94  
GLN CG  HG2  sing N N 95  
GLN CG  HG3  sing N N 96  
GLN CD  OE1  doub N N 97  
GLN CD  NE2  sing N N 98  
GLN NE2 HE21 sing N N 99  
GLN NE2 HE22 sing N N 100 
GLN OXT HXT  sing N N 101 
GLU N   CA   sing N N 102 
GLU N   H    sing N N 103 
GLU N   H2   sing N N 104 
GLU CA  C    sing N N 105 
GLU CA  CB   sing N N 106 
GLU CA  HA   sing N N 107 
GLU C   O    doub N N 108 
GLU C   OXT  sing N N 109 
GLU CB  CG   sing N N 110 
GLU CB  HB2  sing N N 111 
GLU CB  HB3  sing N N 112 
GLU CG  CD   sing N N 113 
GLU CG  HG2  sing N N 114 
GLU CG  HG3  sing N N 115 
GLU CD  OE1  doub N N 116 
GLU CD  OE2  sing N N 117 
GLU OE2 HE2  sing N N 118 
GLU OXT HXT  sing N N 119 
GLY N   CA   sing N N 120 
GLY N   H    sing N N 121 
GLY N   H2   sing N N 122 
GLY CA  C    sing N N 123 
GLY CA  HA2  sing N N 124 
GLY CA  HA3  sing N N 125 
GLY C   O    doub N N 126 
GLY C   OXT  sing N N 127 
GLY OXT HXT  sing N N 128 
HOH O   H1   sing N N 129 
HOH O   H2   sing N N 130 
ILE N   CA   sing N N 131 
ILE N   H    sing N N 132 
ILE N   H2   sing N N 133 
ILE CA  C    sing N N 134 
ILE CA  CB   sing N N 135 
ILE CA  HA   sing N N 136 
ILE C   O    doub N N 137 
ILE C   OXT  sing N N 138 
ILE CB  CG1  sing N N 139 
ILE CB  CG2  sing N N 140 
ILE CB  HB   sing N N 141 
ILE CG1 CD1  sing N N 142 
ILE CG1 HG12 sing N N 143 
ILE CG1 HG13 sing N N 144 
ILE CG2 HG21 sing N N 145 
ILE CG2 HG22 sing N N 146 
ILE CG2 HG23 sing N N 147 
ILE CD1 HD11 sing N N 148 
ILE CD1 HD12 sing N N 149 
ILE CD1 HD13 sing N N 150 
ILE OXT HXT  sing N N 151 
LEU N   CA   sing N N 152 
LEU N   H    sing N N 153 
LEU N   H2   sing N N 154 
LEU CA  C    sing N N 155 
LEU CA  CB   sing N N 156 
LEU CA  HA   sing N N 157 
LEU C   O    doub N N 158 
LEU C   OXT  sing N N 159 
LEU CB  CG   sing N N 160 
LEU CB  HB2  sing N N 161 
LEU CB  HB3  sing N N 162 
LEU CG  CD1  sing N N 163 
LEU CG  CD2  sing N N 164 
LEU CG  HG   sing N N 165 
LEU CD1 HD11 sing N N 166 
LEU CD1 HD12 sing N N 167 
LEU CD1 HD13 sing N N 168 
LEU CD2 HD21 sing N N 169 
LEU CD2 HD22 sing N N 170 
LEU CD2 HD23 sing N N 171 
LEU OXT HXT  sing N N 172 
LYS N   CA   sing N N 173 
LYS N   H    sing N N 174 
LYS N   H2   sing N N 175 
LYS CA  C    sing N N 176 
LYS CA  CB   sing N N 177 
LYS CA  HA   sing N N 178 
LYS C   O    doub N N 179 
LYS C   OXT  sing N N 180 
LYS CB  CG   sing N N 181 
LYS CB  HB2  sing N N 182 
LYS CB  HB3  sing N N 183 
LYS CG  CD   sing N N 184 
LYS CG  HG2  sing N N 185 
LYS CG  HG3  sing N N 186 
LYS CD  CE   sing N N 187 
LYS CD  HD2  sing N N 188 
LYS CD  HD3  sing N N 189 
LYS CE  NZ   sing N N 190 
LYS CE  HE2  sing N N 191 
LYS CE  HE3  sing N N 192 
LYS NZ  HZ1  sing N N 193 
LYS NZ  HZ2  sing N N 194 
LYS NZ  HZ3  sing N N 195 
LYS OXT HXT  sing N N 196 
PHE N   CA   sing N N 197 
PHE N   H    sing N N 198 
PHE N   H2   sing N N 199 
PHE CA  C    sing N N 200 
PHE CA  CB   sing N N 201 
PHE CA  HA   sing N N 202 
PHE C   O    doub N N 203 
PHE C   OXT  sing N N 204 
PHE CB  CG   sing N N 205 
PHE CB  HB2  sing N N 206 
PHE CB  HB3  sing N N 207 
PHE CG  CD1  doub Y N 208 
PHE CG  CD2  sing Y N 209 
PHE CD1 CE1  sing Y N 210 
PHE CD1 HD1  sing N N 211 
PHE CD2 CE2  doub Y N 212 
PHE CD2 HD2  sing N N 213 
PHE CE1 CZ   doub Y N 214 
PHE CE1 HE1  sing N N 215 
PHE CE2 CZ   sing Y N 216 
PHE CE2 HE2  sing N N 217 
PHE CZ  HZ   sing N N 218 
PHE OXT HXT  sing N N 219 
PRO N   CA   sing N N 220 
PRO N   CD   sing N N 221 
PRO N   H    sing N N 222 
PRO CA  C    sing N N 223 
PRO CA  CB   sing N N 224 
PRO CA  HA   sing N N 225 
PRO C   O    doub N N 226 
PRO C   OXT  sing N N 227 
PRO CB  CG   sing N N 228 
PRO CB  HB2  sing N N 229 
PRO CB  HB3  sing N N 230 
PRO CG  CD   sing N N 231 
PRO CG  HG2  sing N N 232 
PRO CG  HG3  sing N N 233 
PRO CD  HD2  sing N N 234 
PRO CD  HD3  sing N N 235 
PRO OXT HXT  sing N N 236 
SER N   CA   sing N N 237 
SER N   H    sing N N 238 
SER N   H2   sing N N 239 
SER CA  C    sing N N 240 
SER CA  CB   sing N N 241 
SER CA  HA   sing N N 242 
SER C   O    doub N N 243 
SER C   OXT  sing N N 244 
SER CB  OG   sing N N 245 
SER CB  HB2  sing N N 246 
SER CB  HB3  sing N N 247 
SER OG  HG   sing N N 248 
SER OXT HXT  sing N N 249 
SO4 S   O1   doub N N 250 
SO4 S   O2   doub N N 251 
SO4 S   O3   sing N N 252 
SO4 S   O4   sing N N 253 
THR N   CA   sing N N 254 
THR N   H    sing N N 255 
THR N   H2   sing N N 256 
THR CA  C    sing N N 257 
THR CA  CB   sing N N 258 
THR CA  HA   sing N N 259 
THR C   O    doub N N 260 
THR C   OXT  sing N N 261 
THR CB  OG1  sing N N 262 
THR CB  CG2  sing N N 263 
THR CB  HB   sing N N 264 
THR OG1 HG1  sing N N 265 
THR CG2 HG21 sing N N 266 
THR CG2 HG22 sing N N 267 
THR CG2 HG23 sing N N 268 
THR OXT HXT  sing N N 269 
TRP N   CA   sing N N 270 
TRP N   H    sing N N 271 
TRP N   H2   sing N N 272 
TRP CA  C    sing N N 273 
TRP CA  CB   sing N N 274 
TRP CA  HA   sing N N 275 
TRP C   O    doub N N 276 
TRP C   OXT  sing N N 277 
TRP CB  CG   sing N N 278 
TRP CB  HB2  sing N N 279 
TRP CB  HB3  sing N N 280 
TRP CG  CD1  doub Y N 281 
TRP CG  CD2  sing Y N 282 
TRP CD1 NE1  sing Y N 283 
TRP CD1 HD1  sing N N 284 
TRP CD2 CE2  doub Y N 285 
TRP CD2 CE3  sing Y N 286 
TRP NE1 CE2  sing Y N 287 
TRP NE1 HE1  sing N N 288 
TRP CE2 CZ2  sing Y N 289 
TRP CE3 CZ3  doub Y N 290 
TRP CE3 HE3  sing N N 291 
TRP CZ2 CH2  doub Y N 292 
TRP CZ2 HZ2  sing N N 293 
TRP CZ3 CH2  sing Y N 294 
TRP CZ3 HZ3  sing N N 295 
TRP CH2 HH2  sing N N 296 
TRP OXT HXT  sing N N 297 
TYR N   CA   sing N N 298 
TYR N   H    sing N N 299 
TYR N   H2   sing N N 300 
TYR CA  C    sing N N 301 
TYR CA  CB   sing N N 302 
TYR CA  HA   sing N N 303 
TYR C   O    doub N N 304 
TYR C   OXT  sing N N 305 
TYR CB  CG   sing N N 306 
TYR CB  HB2  sing N N 307 
TYR CB  HB3  sing N N 308 
TYR CG  CD1  doub Y N 309 
TYR CG  CD2  sing Y N 310 
TYR CD1 CE1  sing Y N 311 
TYR CD1 HD1  sing N N 312 
TYR CD2 CE2  doub Y N 313 
TYR CD2 HD2  sing N N 314 
TYR CE1 CZ   doub Y N 315 
TYR CE1 HE1  sing N N 316 
TYR CE2 CZ   sing Y N 317 
TYR CE2 HE2  sing N N 318 
TYR CZ  OH   sing N N 319 
TYR OH  HH   sing N N 320 
TYR OXT HXT  sing N N 321 
VAL N   CA   sing N N 322 
VAL N   H    sing N N 323 
VAL N   H2   sing N N 324 
VAL CA  C    sing N N 325 
VAL CA  CB   sing N N 326 
VAL CA  HA   sing N N 327 
VAL C   O    doub N N 328 
VAL C   OXT  sing N N 329 
VAL CB  CG1  sing N N 330 
VAL CB  CG2  sing N N 331 
VAL CB  HB   sing N N 332 
VAL CG1 HG11 sing N N 333 
VAL CG1 HG12 sing N N 334 
VAL CG1 HG13 sing N N 335 
VAL CG2 HG21 sing N N 336 
VAL CG2 HG22 sing N N 337 
VAL CG2 HG23 sing N N 338 
VAL OXT HXT  sing N N 339 
# 
loop_
_pdbx_entity_nonpoly.entity_id 
_pdbx_entity_nonpoly.name 
_pdbx_entity_nonpoly.comp_id 
2 'SULFATE ION' SO4 
3 water         HOH 
# 
_pdbx_initial_refinement_model.id               1 
_pdbx_initial_refinement_model.entity_id_list   ? 
_pdbx_initial_refinement_model.type             'experimental model' 
_pdbx_initial_refinement_model.source_name      PDB 
_pdbx_initial_refinement_model.accession_code   2YZU 
_pdbx_initial_refinement_model.details          ? 
# 
_pdbx_struct_assembly_auth_evidence.id                     1 
_pdbx_struct_assembly_auth_evidence.assembly_id            1 
_pdbx_struct_assembly_auth_evidence.experimental_support   'gel filtration' 
_pdbx_struct_assembly_auth_evidence.details                ? 
# 
